data_9K8K
# 
_entry.id   9K8K 
# 
_audit_conform.dict_name       mmcif_pdbx.dic 
_audit_conform.dict_version    5.406 
_audit_conform.dict_location   http://mmcif.pdb.org/dictionaries/ascii/mmcif_pdbx.dic 
# 
loop_
_database_2.database_id 
_database_2.database_code 
_database_2.pdbx_database_accession 
_database_2.pdbx_DOI 
PDB   9K8K         pdb_00009k8k 10.2210/pdb9k8k/pdb 
WWPDB D_1300052945 ?            ?                   
EMDB  EMD-62176    ?            ?                   
# 
loop_
_pdbx_audit_revision_history.ordinal 
_pdbx_audit_revision_history.data_content_type 
_pdbx_audit_revision_history.major_revision 
_pdbx_audit_revision_history.minor_revision 
_pdbx_audit_revision_history.revision_date 
_pdbx_audit_revision_history.part_number 
1 'Structure model' 1 0 2025-10-29 ? 
2 'EM metadata'     1 0 2025-10-29 ? 
3 'Half map'        1 0 2025-10-29 1 
4 'Half map'        1 0 2025-10-29 2 
5 Image             1 0 2025-10-29 ? 
6 'Primary map'     1 0 2025-10-29 ? 
# 
loop_
_pdbx_audit_revision_details.ordinal 
_pdbx_audit_revision_details.revision_ordinal 
_pdbx_audit_revision_details.data_content_type 
_pdbx_audit_revision_details.provider 
_pdbx_audit_revision_details.type 
_pdbx_audit_revision_details.description 
_pdbx_audit_revision_details.details 
1 1 'Structure model' repository 'Initial release' ? ? 
2 2 'EM metadata'     repository 'Initial release' ? ? 
3 3 'Half map'        repository 'Initial release' ? ? 
4 4 'Half map'        repository 'Initial release' ? ? 
5 5 Image             repository 'Initial release' ? ? 
6 6 'Primary map'     repository 'Initial release' ? ? 
# 
_pdbx_database_status.status_code                     REL 
_pdbx_database_status.status_code_sf                  ? 
_pdbx_database_status.status_code_mr                  ? 
_pdbx_database_status.entry_id                        9K8K 
_pdbx_database_status.recvd_initial_deposition_date   2024-10-24 
_pdbx_database_status.SG_entry                        N 
_pdbx_database_status.deposit_site                    PDBJ 
_pdbx_database_status.process_site                    PDBJ 
_pdbx_database_status.status_code_cs                  ? 
_pdbx_database_status.status_code_nmr_data            ? 
_pdbx_database_status.methods_development_category    ? 
_pdbx_database_status.pdb_format_compatible           Y 
# 
_pdbx_database_related.db_name        EMDB 
_pdbx_database_related.details        
'Cryo-EM structure of C2 symmetric interface of designed zinc-induced tetrahedron Cage-t32-Zn1-HEHE-36' 
_pdbx_database_related.db_id          EMD-62176 
_pdbx_database_related.content_type   'associated EM volume' 
# 
_pdbx_contact_author.id                 2 
_pdbx_contact_author.email              caolongxing@westlake.edu.cn 
_pdbx_contact_author.name_first         longxing 
_pdbx_contact_author.name_last          cao 
_pdbx_contact_author.name_mi            ? 
_pdbx_contact_author.role               'principal investigator/group leader' 
_pdbx_contact_author.identifier_ORCID   0000-0003-4002-3648 
# 
loop_
_audit_author.name 
_audit_author.pdbx_ordinal 
_audit_author.identifier_ORCID 
'Qu, Y.N.'  1 0000-0001-5398-286X 
'Cao, L.X.' 2 0000-0003-4002-3648 
# 
_citation.abstract                  ? 
_citation.abstract_id_CAS           ? 
_citation.book_id_ISBN              ? 
_citation.book_publisher            ? 
_citation.book_publisher_city       ? 
_citation.book_title                ? 
_citation.coordinate_linkage        ? 
_citation.country                   ? 
_citation.database_id_Medline       ? 
_citation.details                   ? 
_citation.id                        primary 
_citation.journal_abbrev            'To Be Published' 
_citation.journal_id_ASTM           ? 
_citation.journal_id_CSD            0353 
_citation.journal_id_ISSN           ? 
_citation.journal_full              ? 
_citation.journal_issue             ? 
_citation.journal_volume            ? 
_citation.language                  ? 
_citation.page_first                ? 
_citation.page_last                 ? 
_citation.title                     'De novo design of metal ion regulated protein assemblies' 
_citation.year                      ? 
_citation.database_id_CSD           ? 
_citation.pdbx_database_id_DOI      ? 
_citation.pdbx_database_id_PubMed   ? 
_citation.pdbx_database_id_patent   ? 
_citation.unpublished_flag          ? 
# 
loop_
_citation_author.citation_id 
_citation_author.name 
_citation_author.ordinal 
_citation_author.identifier_ORCID 
primary 'Qu, Y.N.'  1 0000-0001-5398-286X 
primary 'Cao, L.X.' 2 0000-0003-4002-3648 
# 
loop_
_entity.id 
_entity.type 
_entity.src_method 
_entity.pdbx_description 
_entity.formula_weight 
_entity.pdbx_number_of_molecules 
_entity.pdbx_ec 
_entity.pdbx_mutation 
_entity.pdbx_fragment 
_entity.details 
1 polymer     man Cage-t32-Zn1-HEHE-36 30572.502 2 ? ? ? ? 
2 non-polymer syn 'ZINC ION'           65.409    2 ? ? ? ? 
# 
_entity_poly.entity_id                      1 
_entity_poly.type                           'polypeptide(L)' 
_entity_poly.nstd_linkage                   no 
_entity_poly.nstd_monomer                   no 
_entity_poly.pdbx_seq_one_letter_code       
;MGHHHHHHHHSSGLEVLFQGPGGTMLKEILEAYKEIARTGNEREALLRAIDIVRDKYSEKGDEETDTLLHRVRLDVREGN
LEHAVEDLKKLVEKRPELKDVALVLILIMAEEVKKLGFPEFAEKIEELVEKFAETGDIKYVYAADIVYLMALVKKLGDEE
FVKILEKFYEKLLETGDPVYSLIADVILLLAKLLKEGEISEELAREVAELLEKGDLKGVVDTVLLYYLKGEVSKEAAVAI
LEKILKVAKALGDEELIKHASLAIEHVKMD
;
_entity_poly.pdbx_seq_one_letter_code_can   
;MGHHHHHHHHSSGLEVLFQGPGGTMLKEILEAYKEIARTGNEREALLRAIDIVRDKYSEKGDEETDTLLHRVRLDVREGN
LEHAVEDLKKLVEKRPELKDVALVLILIMAEEVKKLGFPEFAEKIEELVEKFAETGDIKYVYAADIVYLMALVKKLGDEE
FVKILEKFYEKLLETGDPVYSLIADVILLLAKLLKEGEISEELAREVAELLEKGDLKGVVDTVLLYYLKGEVSKEAAVAI
LEKILKVAKALGDEELIKHASLAIEHVKMD
;
_entity_poly.pdbx_strand_id                 A,B 
_entity_poly.pdbx_target_identifier         ? 
# 
_pdbx_entity_nonpoly.entity_id   2 
_pdbx_entity_nonpoly.name        'ZINC ION' 
_pdbx_entity_nonpoly.comp_id     ZN 
# 
loop_
_entity_poly_seq.entity_id 
_entity_poly_seq.num 
_entity_poly_seq.mon_id 
_entity_poly_seq.hetero 
1 1   MET n 
1 2   GLY n 
1 3   HIS n 
1 4   HIS n 
1 5   HIS n 
1 6   HIS n 
1 7   HIS n 
1 8   HIS n 
1 9   HIS n 
1 10  HIS n 
1 11  SER n 
1 12  SER n 
1 13  GLY n 
1 14  LEU n 
1 15  GLU n 
1 16  VAL n 
1 17  LEU n 
1 18  PHE n 
1 19  GLN n 
1 20  GLY n 
1 21  PRO n 
1 22  GLY n 
1 23  GLY n 
1 24  THR n 
1 25  MET n 
1 26  LEU n 
1 27  LYS n 
1 28  GLU n 
1 29  ILE n 
1 30  LEU n 
1 31  GLU n 
1 32  ALA n 
1 33  TYR n 
1 34  LYS n 
1 35  GLU n 
1 36  ILE n 
1 37  ALA n 
1 38  ARG n 
1 39  THR n 
1 40  GLY n 
1 41  ASN n 
1 42  GLU n 
1 43  ARG n 
1 44  GLU n 
1 45  ALA n 
1 46  LEU n 
1 47  LEU n 
1 48  ARG n 
1 49  ALA n 
1 50  ILE n 
1 51  ASP n 
1 52  ILE n 
1 53  VAL n 
1 54  ARG n 
1 55  ASP n 
1 56  LYS n 
1 57  TYR n 
1 58  SER n 
1 59  GLU n 
1 60  LYS n 
1 61  GLY n 
1 62  ASP n 
1 63  GLU n 
1 64  GLU n 
1 65  THR n 
1 66  ASP n 
1 67  THR n 
1 68  LEU n 
1 69  LEU n 
1 70  HIS n 
1 71  ARG n 
1 72  VAL n 
1 73  ARG n 
1 74  LEU n 
1 75  ASP n 
1 76  VAL n 
1 77  ARG n 
1 78  GLU n 
1 79  GLY n 
1 80  ASN n 
1 81  LEU n 
1 82  GLU n 
1 83  HIS n 
1 84  ALA n 
1 85  VAL n 
1 86  GLU n 
1 87  ASP n 
1 88  LEU n 
1 89  LYS n 
1 90  LYS n 
1 91  LEU n 
1 92  VAL n 
1 93  GLU n 
1 94  LYS n 
1 95  ARG n 
1 96  PRO n 
1 97  GLU n 
1 98  LEU n 
1 99  LYS n 
1 100 ASP n 
1 101 VAL n 
1 102 ALA n 
1 103 LEU n 
1 104 VAL n 
1 105 LEU n 
1 106 ILE n 
1 107 LEU n 
1 108 ILE n 
1 109 MET n 
1 110 ALA n 
1 111 GLU n 
1 112 GLU n 
1 113 VAL n 
1 114 LYS n 
1 115 LYS n 
1 116 LEU n 
1 117 GLY n 
1 118 PHE n 
1 119 PRO n 
1 120 GLU n 
1 121 PHE n 
1 122 ALA n 
1 123 GLU n 
1 124 LYS n 
1 125 ILE n 
1 126 GLU n 
1 127 GLU n 
1 128 LEU n 
1 129 VAL n 
1 130 GLU n 
1 131 LYS n 
1 132 PHE n 
1 133 ALA n 
1 134 GLU n 
1 135 THR n 
1 136 GLY n 
1 137 ASP n 
1 138 ILE n 
1 139 LYS n 
1 140 TYR n 
1 141 VAL n 
1 142 TYR n 
1 143 ALA n 
1 144 ALA n 
1 145 ASP n 
1 146 ILE n 
1 147 VAL n 
1 148 TYR n 
1 149 LEU n 
1 150 MET n 
1 151 ALA n 
1 152 LEU n 
1 153 VAL n 
1 154 LYS n 
1 155 LYS n 
1 156 LEU n 
1 157 GLY n 
1 158 ASP n 
1 159 GLU n 
1 160 GLU n 
1 161 PHE n 
1 162 VAL n 
1 163 LYS n 
1 164 ILE n 
1 165 LEU n 
1 166 GLU n 
1 167 LYS n 
1 168 PHE n 
1 169 TYR n 
1 170 GLU n 
1 171 LYS n 
1 172 LEU n 
1 173 LEU n 
1 174 GLU n 
1 175 THR n 
1 176 GLY n 
1 177 ASP n 
1 178 PRO n 
1 179 VAL n 
1 180 TYR n 
1 181 SER n 
1 182 LEU n 
1 183 ILE n 
1 184 ALA n 
1 185 ASP n 
1 186 VAL n 
1 187 ILE n 
1 188 LEU n 
1 189 LEU n 
1 190 LEU n 
1 191 ALA n 
1 192 LYS n 
1 193 LEU n 
1 194 LEU n 
1 195 LYS n 
1 196 GLU n 
1 197 GLY n 
1 198 GLU n 
1 199 ILE n 
1 200 SER n 
1 201 GLU n 
1 202 GLU n 
1 203 LEU n 
1 204 ALA n 
1 205 ARG n 
1 206 GLU n 
1 207 VAL n 
1 208 ALA n 
1 209 GLU n 
1 210 LEU n 
1 211 LEU n 
1 212 GLU n 
1 213 LYS n 
1 214 GLY n 
1 215 ASP n 
1 216 LEU n 
1 217 LYS n 
1 218 GLY n 
1 219 VAL n 
1 220 VAL n 
1 221 ASP n 
1 222 THR n 
1 223 VAL n 
1 224 LEU n 
1 225 LEU n 
1 226 TYR n 
1 227 TYR n 
1 228 LEU n 
1 229 LYS n 
1 230 GLY n 
1 231 GLU n 
1 232 VAL n 
1 233 SER n 
1 234 LYS n 
1 235 GLU n 
1 236 ALA n 
1 237 ALA n 
1 238 VAL n 
1 239 ALA n 
1 240 ILE n 
1 241 LEU n 
1 242 GLU n 
1 243 LYS n 
1 244 ILE n 
1 245 LEU n 
1 246 LYS n 
1 247 VAL n 
1 248 ALA n 
1 249 LYS n 
1 250 ALA n 
1 251 LEU n 
1 252 GLY n 
1 253 ASP n 
1 254 GLU n 
1 255 GLU n 
1 256 LEU n 
1 257 ILE n 
1 258 LYS n 
1 259 HIS n 
1 260 ALA n 
1 261 SER n 
1 262 LEU n 
1 263 ALA n 
1 264 ILE n 
1 265 GLU n 
1 266 HIS n 
1 267 VAL n 
1 268 LYS n 
1 269 MET n 
1 270 ASP n 
# 
_entity_src_gen.entity_id                          1 
_entity_src_gen.pdbx_src_id                        1 
_entity_src_gen.pdbx_alt_source_flag               sample 
_entity_src_gen.pdbx_seq_type                      'Biological sequence' 
_entity_src_gen.pdbx_beg_seq_num                   1 
_entity_src_gen.pdbx_end_seq_num                   270 
_entity_src_gen.gene_src_common_name               ? 
_entity_src_gen.gene_src_genus                     ? 
_entity_src_gen.pdbx_gene_src_gene                 ? 
_entity_src_gen.gene_src_species                   ? 
_entity_src_gen.gene_src_strain                    ? 
_entity_src_gen.gene_src_tissue                    ? 
_entity_src_gen.gene_src_tissue_fraction           ? 
_entity_src_gen.gene_src_details                   ? 
_entity_src_gen.pdbx_gene_src_fragment             ? 
_entity_src_gen.pdbx_gene_src_scientific_name      'Escherichia coli' 
_entity_src_gen.pdbx_gene_src_ncbi_taxonomy_id     562 
_entity_src_gen.pdbx_gene_src_variant              ? 
_entity_src_gen.pdbx_gene_src_cell_line            ? 
_entity_src_gen.pdbx_gene_src_atcc                 ? 
_entity_src_gen.pdbx_gene_src_organ                ? 
_entity_src_gen.pdbx_gene_src_organelle            ? 
_entity_src_gen.pdbx_gene_src_cell                 ? 
_entity_src_gen.pdbx_gene_src_cellular_location    ? 
_entity_src_gen.host_org_common_name               ? 
_entity_src_gen.pdbx_host_org_scientific_name      'Escherichia coli' 
_entity_src_gen.pdbx_host_org_ncbi_taxonomy_id     562 
_entity_src_gen.host_org_genus                     ? 
_entity_src_gen.pdbx_host_org_gene                 ? 
_entity_src_gen.pdbx_host_org_organ                ? 
_entity_src_gen.host_org_species                   ? 
_entity_src_gen.pdbx_host_org_tissue               ? 
_entity_src_gen.pdbx_host_org_tissue_fraction      ? 
_entity_src_gen.pdbx_host_org_strain               ? 
_entity_src_gen.pdbx_host_org_variant              ? 
_entity_src_gen.pdbx_host_org_cell_line            ? 
_entity_src_gen.pdbx_host_org_atcc                 ? 
_entity_src_gen.pdbx_host_org_culture_collection   ? 
_entity_src_gen.pdbx_host_org_cell                 ? 
_entity_src_gen.pdbx_host_org_organelle            ? 
_entity_src_gen.pdbx_host_org_cellular_location    ? 
_entity_src_gen.pdbx_host_org_vector_type          ? 
_entity_src_gen.pdbx_host_org_vector               ? 
_entity_src_gen.host_org_details                   ? 
_entity_src_gen.expression_system_id               ? 
_entity_src_gen.plasmid_name                       ? 
_entity_src_gen.plasmid_details                    ? 
_entity_src_gen.pdbx_description                   ? 
# 
loop_
_chem_comp.id 
_chem_comp.type 
_chem_comp.mon_nstd_flag 
_chem_comp.name 
_chem_comp.pdbx_synonyms 
_chem_comp.formula 
_chem_comp.formula_weight 
ALA 'L-peptide linking' y ALANINE         ? 'C3 H7 N O2'     89.093  
ARG 'L-peptide linking' y ARGININE        ? 'C6 H15 N4 O2 1' 175.209 
ASN 'L-peptide linking' y ASPARAGINE      ? 'C4 H8 N2 O3'    132.118 
ASP 'L-peptide linking' y 'ASPARTIC ACID' ? 'C4 H7 N O4'     133.103 
GLN 'L-peptide linking' y GLUTAMINE       ? 'C5 H10 N2 O3'   146.144 
GLU 'L-peptide linking' y 'GLUTAMIC ACID' ? 'C5 H9 N O4'     147.129 
GLY 'peptide linking'   y GLYCINE         ? 'C2 H5 N O2'     75.067  
HIS 'L-peptide linking' y HISTIDINE       ? 'C6 H10 N3 O2 1' 156.162 
ILE 'L-peptide linking' y ISOLEUCINE      ? 'C6 H13 N O2'    131.173 
LEU 'L-peptide linking' y LEUCINE         ? 'C6 H13 N O2'    131.173 
LYS 'L-peptide linking' y LYSINE          ? 'C6 H15 N2 O2 1' 147.195 
MET 'L-peptide linking' y METHIONINE      ? 'C5 H11 N O2 S'  149.211 
PHE 'L-peptide linking' y PHENYLALANINE   ? 'C9 H11 N O2'    165.189 
PRO 'L-peptide linking' y PROLINE         ? 'C5 H9 N O2'     115.130 
SER 'L-peptide linking' y SERINE          ? 'C3 H7 N O3'     105.093 
THR 'L-peptide linking' y THREONINE       ? 'C4 H9 N O3'     119.119 
TYR 'L-peptide linking' y TYROSINE        ? 'C9 H11 N O3'    181.189 
VAL 'L-peptide linking' y VALINE          ? 'C5 H11 N O2'    117.146 
ZN  non-polymer         . 'ZINC ION'      ? 'Zn 2'           65.409  
# 
loop_
_pdbx_poly_seq_scheme.asym_id 
_pdbx_poly_seq_scheme.entity_id 
_pdbx_poly_seq_scheme.seq_id 
_pdbx_poly_seq_scheme.mon_id 
_pdbx_poly_seq_scheme.ndb_seq_num 
_pdbx_poly_seq_scheme.pdb_seq_num 
_pdbx_poly_seq_scheme.auth_seq_num 
_pdbx_poly_seq_scheme.pdb_mon_id 
_pdbx_poly_seq_scheme.auth_mon_id 
_pdbx_poly_seq_scheme.pdb_strand_id 
_pdbx_poly_seq_scheme.pdb_ins_code 
_pdbx_poly_seq_scheme.hetero 
A 1 1   MET 1   -18 ?   ?   ?   A . n 
A 1 2   GLY 2   -17 ?   ?   ?   A . n 
A 1 3   HIS 3   -16 ?   ?   ?   A . n 
A 1 4   HIS 4   -15 ?   ?   ?   A . n 
A 1 5   HIS 5   -14 ?   ?   ?   A . n 
A 1 6   HIS 6   -13 ?   ?   ?   A . n 
A 1 7   HIS 7   -12 ?   ?   ?   A . n 
A 1 8   HIS 8   -11 ?   ?   ?   A . n 
A 1 9   HIS 9   -10 ?   ?   ?   A . n 
A 1 10  HIS 10  -9  ?   ?   ?   A . n 
A 1 11  SER 11  -8  ?   ?   ?   A . n 
A 1 12  SER 12  -7  ?   ?   ?   A . n 
A 1 13  GLY 13  -6  ?   ?   ?   A . n 
A 1 14  LEU 14  -5  ?   ?   ?   A . n 
A 1 15  GLU 15  -4  ?   ?   ?   A . n 
A 1 16  VAL 16  -3  ?   ?   ?   A . n 
A 1 17  LEU 17  -2  ?   ?   ?   A . n 
A 1 18  PHE 18  -1  ?   ?   ?   A . n 
A 1 19  GLN 19  0   ?   ?   ?   A . n 
A 1 20  GLY 20  1   ?   ?   ?   A . n 
A 1 21  PRO 21  2   ?   ?   ?   A . n 
A 1 22  GLY 22  3   ?   ?   ?   A . n 
A 1 23  GLY 23  4   ?   ?   ?   A . n 
A 1 24  THR 24  5   ?   ?   ?   A . n 
A 1 25  MET 25  6   ?   ?   ?   A . n 
A 1 26  LEU 26  7   ?   ?   ?   A . n 
A 1 27  LYS 27  8   ?   ?   ?   A . n 
A 1 28  GLU 28  9   ?   ?   ?   A . n 
A 1 29  ILE 29  10  ?   ?   ?   A . n 
A 1 30  LEU 30  11  ?   ?   ?   A . n 
A 1 31  GLU 31  12  ?   ?   ?   A . n 
A 1 32  ALA 32  13  ?   ?   ?   A . n 
A 1 33  TYR 33  14  ?   ?   ?   A . n 
A 1 34  LYS 34  15  ?   ?   ?   A . n 
A 1 35  GLU 35  16  ?   ?   ?   A . n 
A 1 36  ILE 36  17  ?   ?   ?   A . n 
A 1 37  ALA 37  18  ?   ?   ?   A . n 
A 1 38  ARG 38  19  ?   ?   ?   A . n 
A 1 39  THR 39  20  ?   ?   ?   A . n 
A 1 40  GLY 40  21  ?   ?   ?   A . n 
A 1 41  ASN 41  22  ?   ?   ?   A . n 
A 1 42  GLU 42  23  ?   ?   ?   A . n 
A 1 43  ARG 43  24  ?   ?   ?   A . n 
A 1 44  GLU 44  25  ?   ?   ?   A . n 
A 1 45  ALA 45  26  ?   ?   ?   A . n 
A 1 46  LEU 46  27  ?   ?   ?   A . n 
A 1 47  LEU 47  28  ?   ?   ?   A . n 
A 1 48  ARG 48  29  ?   ?   ?   A . n 
A 1 49  ALA 49  30  ?   ?   ?   A . n 
A 1 50  ILE 50  31  ?   ?   ?   A . n 
A 1 51  ASP 51  32  ?   ?   ?   A . n 
A 1 52  ILE 52  33  ?   ?   ?   A . n 
A 1 53  VAL 53  34  ?   ?   ?   A . n 
A 1 54  ARG 54  35  ?   ?   ?   A . n 
A 1 55  ASP 55  36  ?   ?   ?   A . n 
A 1 56  LYS 56  37  ?   ?   ?   A . n 
A 1 57  TYR 57  38  ?   ?   ?   A . n 
A 1 58  SER 58  39  ?   ?   ?   A . n 
A 1 59  GLU 59  40  ?   ?   ?   A . n 
A 1 60  LYS 60  41  ?   ?   ?   A . n 
A 1 61  GLY 61  42  ?   ?   ?   A . n 
A 1 62  ASP 62  43  ?   ?   ?   A . n 
A 1 63  GLU 63  44  ?   ?   ?   A . n 
A 1 64  GLU 64  45  ?   ?   ?   A . n 
A 1 65  THR 65  46  ?   ?   ?   A . n 
A 1 66  ASP 66  47  ?   ?   ?   A . n 
A 1 67  THR 67  48  ?   ?   ?   A . n 
A 1 68  LEU 68  49  ?   ?   ?   A . n 
A 1 69  LEU 69  50  ?   ?   ?   A . n 
A 1 70  HIS 70  51  ?   ?   ?   A . n 
A 1 71  ARG 71  52  ?   ?   ?   A . n 
A 1 72  VAL 72  53  ?   ?   ?   A . n 
A 1 73  ARG 73  54  ?   ?   ?   A . n 
A 1 74  LEU 74  55  ?   ?   ?   A . n 
A 1 75  ASP 75  56  ?   ?   ?   A . n 
A 1 76  VAL 76  57  ?   ?   ?   A . n 
A 1 77  ARG 77  58  ?   ?   ?   A . n 
A 1 78  GLU 78  59  ?   ?   ?   A . n 
A 1 79  GLY 79  60  ?   ?   ?   A . n 
A 1 80  ASN 80  61  ?   ?   ?   A . n 
A 1 81  LEU 81  62  ?   ?   ?   A . n 
A 1 82  GLU 82  63  ?   ?   ?   A . n 
A 1 83  HIS 83  64  ?   ?   ?   A . n 
A 1 84  ALA 84  65  ?   ?   ?   A . n 
A 1 85  VAL 85  66  ?   ?   ?   A . n 
A 1 86  GLU 86  67  ?   ?   ?   A . n 
A 1 87  ASP 87  68  ?   ?   ?   A . n 
A 1 88  LEU 88  69  ?   ?   ?   A . n 
A 1 89  LYS 89  70  ?   ?   ?   A . n 
A 1 90  LYS 90  71  ?   ?   ?   A . n 
A 1 91  LEU 91  72  ?   ?   ?   A . n 
A 1 92  VAL 92  73  ?   ?   ?   A . n 
A 1 93  GLU 93  74  ?   ?   ?   A . n 
A 1 94  LYS 94  75  ?   ?   ?   A . n 
A 1 95  ARG 95  76  ?   ?   ?   A . n 
A 1 96  PRO 96  77  ?   ?   ?   A . n 
A 1 97  GLU 97  78  ?   ?   ?   A . n 
A 1 98  LEU 98  79  ?   ?   ?   A . n 
A 1 99  LYS 99  80  ?   ?   ?   A . n 
A 1 100 ASP 100 81  ?   ?   ?   A . n 
A 1 101 VAL 101 82  ?   ?   ?   A . n 
A 1 102 ALA 102 83  ?   ?   ?   A . n 
A 1 103 LEU 103 84  ?   ?   ?   A . n 
A 1 104 VAL 104 85  ?   ?   ?   A . n 
A 1 105 LEU 105 86  ?   ?   ?   A . n 
A 1 106 ILE 106 87  ?   ?   ?   A . n 
A 1 107 LEU 107 88  ?   ?   ?   A . n 
A 1 108 ILE 108 89  ?   ?   ?   A . n 
A 1 109 MET 109 90  ?   ?   ?   A . n 
A 1 110 ALA 110 91  ?   ?   ?   A . n 
A 1 111 GLU 111 92  ?   ?   ?   A . n 
A 1 112 GLU 112 93  ?   ?   ?   A . n 
A 1 113 VAL 113 94  ?   ?   ?   A . n 
A 1 114 LYS 114 95  ?   ?   ?   A . n 
A 1 115 LYS 115 96  ?   ?   ?   A . n 
A 1 116 LEU 116 97  ?   ?   ?   A . n 
A 1 117 GLY 117 98  ?   ?   ?   A . n 
A 1 118 PHE 118 99  ?   ?   ?   A . n 
A 1 119 PRO 119 100 ?   ?   ?   A . n 
A 1 120 GLU 120 101 ?   ?   ?   A . n 
A 1 121 PHE 121 102 ?   ?   ?   A . n 
A 1 122 ALA 122 103 ?   ?   ?   A . n 
A 1 123 GLU 123 104 ?   ?   ?   A . n 
A 1 124 LYS 124 105 ?   ?   ?   A . n 
A 1 125 ILE 125 106 ?   ?   ?   A . n 
A 1 126 GLU 126 107 ?   ?   ?   A . n 
A 1 127 GLU 127 108 ?   ?   ?   A . n 
A 1 128 LEU 128 109 ?   ?   ?   A . n 
A 1 129 VAL 129 110 ?   ?   ?   A . n 
A 1 130 GLU 130 111 ?   ?   ?   A . n 
A 1 131 LYS 131 112 ?   ?   ?   A . n 
A 1 132 PHE 132 113 ?   ?   ?   A . n 
A 1 133 ALA 133 114 ?   ?   ?   A . n 
A 1 134 GLU 134 115 ?   ?   ?   A . n 
A 1 135 THR 135 116 ?   ?   ?   A . n 
A 1 136 GLY 136 117 ?   ?   ?   A . n 
A 1 137 ASP 137 118 ?   ?   ?   A . n 
A 1 138 ILE 138 119 ?   ?   ?   A . n 
A 1 139 LYS 139 120 ?   ?   ?   A . n 
A 1 140 TYR 140 121 ?   ?   ?   A . n 
A 1 141 VAL 141 122 ?   ?   ?   A . n 
A 1 142 TYR 142 123 ?   ?   ?   A . n 
A 1 143 ALA 143 124 ?   ?   ?   A . n 
A 1 144 ALA 144 125 ?   ?   ?   A . n 
A 1 145 ASP 145 126 ?   ?   ?   A . n 
A 1 146 ILE 146 127 ?   ?   ?   A . n 
A 1 147 VAL 147 128 ?   ?   ?   A . n 
A 1 148 TYR 148 129 ?   ?   ?   A . n 
A 1 149 LEU 149 130 ?   ?   ?   A . n 
A 1 150 MET 150 131 ?   ?   ?   A . n 
A 1 151 ALA 151 132 ?   ?   ?   A . n 
A 1 152 LEU 152 133 ?   ?   ?   A . n 
A 1 153 VAL 153 134 ?   ?   ?   A . n 
A 1 154 LYS 154 135 ?   ?   ?   A . n 
A 1 155 LYS 155 136 ?   ?   ?   A . n 
A 1 156 LEU 156 137 ?   ?   ?   A . n 
A 1 157 GLY 157 138 ?   ?   ?   A . n 
A 1 158 ASP 158 139 ?   ?   ?   A . n 
A 1 159 GLU 159 140 ?   ?   ?   A . n 
A 1 160 GLU 160 141 ?   ?   ?   A . n 
A 1 161 PHE 161 142 ?   ?   ?   A . n 
A 1 162 VAL 162 143 ?   ?   ?   A . n 
A 1 163 LYS 163 144 ?   ?   ?   A . n 
A 1 164 ILE 164 145 ?   ?   ?   A . n 
A 1 165 LEU 165 146 ?   ?   ?   A . n 
A 1 166 GLU 166 147 ?   ?   ?   A . n 
A 1 167 LYS 167 148 ?   ?   ?   A . n 
A 1 168 PHE 168 149 ?   ?   ?   A . n 
A 1 169 TYR 169 150 ?   ?   ?   A . n 
A 1 170 GLU 170 151 ?   ?   ?   A . n 
A 1 171 LYS 171 152 ?   ?   ?   A . n 
A 1 172 LEU 172 153 ?   ?   ?   A . n 
A 1 173 LEU 173 154 ?   ?   ?   A . n 
A 1 174 GLU 174 155 ?   ?   ?   A . n 
A 1 175 THR 175 156 ?   ?   ?   A . n 
A 1 176 GLY 176 157 ?   ?   ?   A . n 
A 1 177 ASP 177 158 ?   ?   ?   A . n 
A 1 178 PRO 178 159 ?   ?   ?   A . n 
A 1 179 VAL 179 160 ?   ?   ?   A . n 
A 1 180 TYR 180 161 ?   ?   ?   A . n 
A 1 181 SER 181 162 ?   ?   ?   A . n 
A 1 182 LEU 182 163 ?   ?   ?   A . n 
A 1 183 ILE 183 164 ?   ?   ?   A . n 
A 1 184 ALA 184 165 ?   ?   ?   A . n 
A 1 185 ASP 185 166 ?   ?   ?   A . n 
A 1 186 VAL 186 167 ?   ?   ?   A . n 
A 1 187 ILE 187 168 ?   ?   ?   A . n 
A 1 188 LEU 188 169 ?   ?   ?   A . n 
A 1 189 LEU 189 170 ?   ?   ?   A . n 
A 1 190 LEU 190 171 ?   ?   ?   A . n 
A 1 191 ALA 191 172 ?   ?   ?   A . n 
A 1 192 LYS 192 173 ?   ?   ?   A . n 
A 1 193 LEU 193 174 ?   ?   ?   A . n 
A 1 194 LEU 194 175 ?   ?   ?   A . n 
A 1 195 LYS 195 176 ?   ?   ?   A . n 
A 1 196 GLU 196 177 ?   ?   ?   A . n 
A 1 197 GLY 197 178 ?   ?   ?   A . n 
A 1 198 GLU 198 179 ?   ?   ?   A . n 
A 1 199 ILE 199 180 ?   ?   ?   A . n 
A 1 200 SER 200 181 ?   ?   ?   A . n 
A 1 201 GLU 201 182 ?   ?   ?   A . n 
A 1 202 GLU 202 183 ?   ?   ?   A . n 
A 1 203 LEU 203 184 ?   ?   ?   A . n 
A 1 204 ALA 204 185 ?   ?   ?   A . n 
A 1 205 ARG 205 186 ?   ?   ?   A . n 
A 1 206 GLU 206 187 ?   ?   ?   A . n 
A 1 207 VAL 207 188 ?   ?   ?   A . n 
A 1 208 ALA 208 189 ?   ?   ?   A . n 
A 1 209 GLU 209 190 ?   ?   ?   A . n 
A 1 210 LEU 210 191 ?   ?   ?   A . n 
A 1 211 LEU 211 192 ?   ?   ?   A . n 
A 1 212 GLU 212 193 ?   ?   ?   A . n 
A 1 213 LYS 213 194 ?   ?   ?   A . n 
A 1 214 GLY 214 195 ?   ?   ?   A . n 
A 1 215 ASP 215 196 ?   ?   ?   A . n 
A 1 216 LEU 216 197 197 LEU LEU A . n 
A 1 217 LYS 217 198 198 LYS LYS A . n 
A 1 218 GLY 218 199 199 GLY GLY A . n 
A 1 219 VAL 219 200 200 VAL VAL A . n 
A 1 220 VAL 220 201 201 VAL VAL A . n 
A 1 221 ASP 221 202 202 ASP ASP A . n 
A 1 222 THR 222 203 203 THR THR A . n 
A 1 223 VAL 223 204 204 VAL VAL A . n 
A 1 224 LEU 224 205 205 LEU LEU A . n 
A 1 225 LEU 225 206 206 LEU LEU A . n 
A 1 226 TYR 226 207 207 TYR TYR A . n 
A 1 227 TYR 227 208 208 TYR TYR A . n 
A 1 228 LEU 228 209 209 LEU LEU A . n 
A 1 229 LYS 229 210 210 LYS LYS A . n 
A 1 230 GLY 230 211 211 GLY GLY A . n 
A 1 231 GLU 231 212 212 GLU GLU A . n 
A 1 232 VAL 232 213 213 VAL VAL A . n 
A 1 233 SER 233 214 214 SER SER A . n 
A 1 234 LYS 234 215 215 LYS LYS A . n 
A 1 235 GLU 235 216 216 GLU GLU A . n 
A 1 236 ALA 236 217 217 ALA ALA A . n 
A 1 237 ALA 237 218 218 ALA ALA A . n 
A 1 238 VAL 238 219 219 VAL VAL A . n 
A 1 239 ALA 239 220 220 ALA ALA A . n 
A 1 240 ILE 240 221 221 ILE ILE A . n 
A 1 241 LEU 241 222 222 LEU LEU A . n 
A 1 242 GLU 242 223 223 GLU GLU A . n 
A 1 243 LYS 243 224 224 LYS LYS A . n 
A 1 244 ILE 244 225 225 ILE ILE A . n 
A 1 245 LEU 245 226 226 LEU LEU A . n 
A 1 246 LYS 246 227 227 LYS LYS A . n 
A 1 247 VAL 247 228 228 VAL VAL A . n 
A 1 248 ALA 248 229 229 ALA ALA A . n 
A 1 249 LYS 249 230 230 LYS LYS A . n 
A 1 250 ALA 250 231 231 ALA ALA A . n 
A 1 251 LEU 251 232 232 LEU LEU A . n 
A 1 252 GLY 252 233 233 GLY GLY A . n 
A 1 253 ASP 253 234 234 ASP ASP A . n 
A 1 254 GLU 254 235 235 GLU GLU A . n 
A 1 255 GLU 255 236 236 GLU GLU A . n 
A 1 256 LEU 256 237 237 LEU LEU A . n 
A 1 257 ILE 257 238 238 ILE ILE A . n 
A 1 258 LYS 258 239 239 LYS LYS A . n 
A 1 259 HIS 259 240 240 HIS HIS A . n 
A 1 260 ALA 260 241 241 ALA ALA A . n 
A 1 261 SER 261 242 242 SER SER A . n 
A 1 262 LEU 262 243 243 LEU LEU A . n 
A 1 263 ALA 263 244 244 ALA ALA A . n 
A 1 264 ILE 264 245 245 ILE ILE A . n 
A 1 265 GLU 265 246 246 GLU GLU A . n 
A 1 266 HIS 266 247 247 HIS HIS A . n 
A 1 267 VAL 267 248 248 VAL VAL A . n 
A 1 268 LYS 268 249 249 LYS LYS A . n 
A 1 269 MET 269 250 250 MET MET A . n 
A 1 270 ASP 270 251 251 ASP ASP A . n 
B 1 1   MET 1   -18 ?   ?   ?   B . n 
B 1 2   GLY 2   -17 ?   ?   ?   B . n 
B 1 3   HIS 3   -16 ?   ?   ?   B . n 
B 1 4   HIS 4   -15 ?   ?   ?   B . n 
B 1 5   HIS 5   -14 ?   ?   ?   B . n 
B 1 6   HIS 6   -13 ?   ?   ?   B . n 
B 1 7   HIS 7   -12 ?   ?   ?   B . n 
B 1 8   HIS 8   -11 ?   ?   ?   B . n 
B 1 9   HIS 9   -10 ?   ?   ?   B . n 
B 1 10  HIS 10  -9  ?   ?   ?   B . n 
B 1 11  SER 11  -8  ?   ?   ?   B . n 
B 1 12  SER 12  -7  ?   ?   ?   B . n 
B 1 13  GLY 13  -6  ?   ?   ?   B . n 
B 1 14  LEU 14  -5  ?   ?   ?   B . n 
B 1 15  GLU 15  -4  ?   ?   ?   B . n 
B 1 16  VAL 16  -3  ?   ?   ?   B . n 
B 1 17  LEU 17  -2  ?   ?   ?   B . n 
B 1 18  PHE 18  -1  ?   ?   ?   B . n 
B 1 19  GLN 19  0   ?   ?   ?   B . n 
B 1 20  GLY 20  1   ?   ?   ?   B . n 
B 1 21  PRO 21  2   ?   ?   ?   B . n 
B 1 22  GLY 22  3   ?   ?   ?   B . n 
B 1 23  GLY 23  4   ?   ?   ?   B . n 
B 1 24  THR 24  5   ?   ?   ?   B . n 
B 1 25  MET 25  6   ?   ?   ?   B . n 
B 1 26  LEU 26  7   ?   ?   ?   B . n 
B 1 27  LYS 27  8   ?   ?   ?   B . n 
B 1 28  GLU 28  9   ?   ?   ?   B . n 
B 1 29  ILE 29  10  ?   ?   ?   B . n 
B 1 30  LEU 30  11  ?   ?   ?   B . n 
B 1 31  GLU 31  12  ?   ?   ?   B . n 
B 1 32  ALA 32  13  ?   ?   ?   B . n 
B 1 33  TYR 33  14  ?   ?   ?   B . n 
B 1 34  LYS 34  15  ?   ?   ?   B . n 
B 1 35  GLU 35  16  ?   ?   ?   B . n 
B 1 36  ILE 36  17  ?   ?   ?   B . n 
B 1 37  ALA 37  18  ?   ?   ?   B . n 
B 1 38  ARG 38  19  ?   ?   ?   B . n 
B 1 39  THR 39  20  ?   ?   ?   B . n 
B 1 40  GLY 40  21  ?   ?   ?   B . n 
B 1 41  ASN 41  22  ?   ?   ?   B . n 
B 1 42  GLU 42  23  ?   ?   ?   B . n 
B 1 43  ARG 43  24  ?   ?   ?   B . n 
B 1 44  GLU 44  25  ?   ?   ?   B . n 
B 1 45  ALA 45  26  ?   ?   ?   B . n 
B 1 46  LEU 46  27  ?   ?   ?   B . n 
B 1 47  LEU 47  28  ?   ?   ?   B . n 
B 1 48  ARG 48  29  ?   ?   ?   B . n 
B 1 49  ALA 49  30  ?   ?   ?   B . n 
B 1 50  ILE 50  31  ?   ?   ?   B . n 
B 1 51  ASP 51  32  ?   ?   ?   B . n 
B 1 52  ILE 52  33  ?   ?   ?   B . n 
B 1 53  VAL 53  34  ?   ?   ?   B . n 
B 1 54  ARG 54  35  ?   ?   ?   B . n 
B 1 55  ASP 55  36  ?   ?   ?   B . n 
B 1 56  LYS 56  37  ?   ?   ?   B . n 
B 1 57  TYR 57  38  ?   ?   ?   B . n 
B 1 58  SER 58  39  ?   ?   ?   B . n 
B 1 59  GLU 59  40  ?   ?   ?   B . n 
B 1 60  LYS 60  41  ?   ?   ?   B . n 
B 1 61  GLY 61  42  ?   ?   ?   B . n 
B 1 62  ASP 62  43  ?   ?   ?   B . n 
B 1 63  GLU 63  44  ?   ?   ?   B . n 
B 1 64  GLU 64  45  ?   ?   ?   B . n 
B 1 65  THR 65  46  ?   ?   ?   B . n 
B 1 66  ASP 66  47  ?   ?   ?   B . n 
B 1 67  THR 67  48  ?   ?   ?   B . n 
B 1 68  LEU 68  49  ?   ?   ?   B . n 
B 1 69  LEU 69  50  ?   ?   ?   B . n 
B 1 70  HIS 70  51  ?   ?   ?   B . n 
B 1 71  ARG 71  52  ?   ?   ?   B . n 
B 1 72  VAL 72  53  ?   ?   ?   B . n 
B 1 73  ARG 73  54  ?   ?   ?   B . n 
B 1 74  LEU 74  55  ?   ?   ?   B . n 
B 1 75  ASP 75  56  ?   ?   ?   B . n 
B 1 76  VAL 76  57  ?   ?   ?   B . n 
B 1 77  ARG 77  58  ?   ?   ?   B . n 
B 1 78  GLU 78  59  ?   ?   ?   B . n 
B 1 79  GLY 79  60  ?   ?   ?   B . n 
B 1 80  ASN 80  61  ?   ?   ?   B . n 
B 1 81  LEU 81  62  ?   ?   ?   B . n 
B 1 82  GLU 82  63  ?   ?   ?   B . n 
B 1 83  HIS 83  64  ?   ?   ?   B . n 
B 1 84  ALA 84  65  ?   ?   ?   B . n 
B 1 85  VAL 85  66  ?   ?   ?   B . n 
B 1 86  GLU 86  67  ?   ?   ?   B . n 
B 1 87  ASP 87  68  ?   ?   ?   B . n 
B 1 88  LEU 88  69  ?   ?   ?   B . n 
B 1 89  LYS 89  70  ?   ?   ?   B . n 
B 1 90  LYS 90  71  ?   ?   ?   B . n 
B 1 91  LEU 91  72  ?   ?   ?   B . n 
B 1 92  VAL 92  73  ?   ?   ?   B . n 
B 1 93  GLU 93  74  ?   ?   ?   B . n 
B 1 94  LYS 94  75  ?   ?   ?   B . n 
B 1 95  ARG 95  76  ?   ?   ?   B . n 
B 1 96  PRO 96  77  ?   ?   ?   B . n 
B 1 97  GLU 97  78  ?   ?   ?   B . n 
B 1 98  LEU 98  79  ?   ?   ?   B . n 
B 1 99  LYS 99  80  ?   ?   ?   B . n 
B 1 100 ASP 100 81  ?   ?   ?   B . n 
B 1 101 VAL 101 82  ?   ?   ?   B . n 
B 1 102 ALA 102 83  ?   ?   ?   B . n 
B 1 103 LEU 103 84  ?   ?   ?   B . n 
B 1 104 VAL 104 85  ?   ?   ?   B . n 
B 1 105 LEU 105 86  ?   ?   ?   B . n 
B 1 106 ILE 106 87  ?   ?   ?   B . n 
B 1 107 LEU 107 88  ?   ?   ?   B . n 
B 1 108 ILE 108 89  ?   ?   ?   B . n 
B 1 109 MET 109 90  ?   ?   ?   B . n 
B 1 110 ALA 110 91  ?   ?   ?   B . n 
B 1 111 GLU 111 92  ?   ?   ?   B . n 
B 1 112 GLU 112 93  ?   ?   ?   B . n 
B 1 113 VAL 113 94  ?   ?   ?   B . n 
B 1 114 LYS 114 95  ?   ?   ?   B . n 
B 1 115 LYS 115 96  ?   ?   ?   B . n 
B 1 116 LEU 116 97  ?   ?   ?   B . n 
B 1 117 GLY 117 98  ?   ?   ?   B . n 
B 1 118 PHE 118 99  ?   ?   ?   B . n 
B 1 119 PRO 119 100 ?   ?   ?   B . n 
B 1 120 GLU 120 101 ?   ?   ?   B . n 
B 1 121 PHE 121 102 ?   ?   ?   B . n 
B 1 122 ALA 122 103 ?   ?   ?   B . n 
B 1 123 GLU 123 104 ?   ?   ?   B . n 
B 1 124 LYS 124 105 ?   ?   ?   B . n 
B 1 125 ILE 125 106 ?   ?   ?   B . n 
B 1 126 GLU 126 107 ?   ?   ?   B . n 
B 1 127 GLU 127 108 ?   ?   ?   B . n 
B 1 128 LEU 128 109 ?   ?   ?   B . n 
B 1 129 VAL 129 110 ?   ?   ?   B . n 
B 1 130 GLU 130 111 ?   ?   ?   B . n 
B 1 131 LYS 131 112 ?   ?   ?   B . n 
B 1 132 PHE 132 113 ?   ?   ?   B . n 
B 1 133 ALA 133 114 ?   ?   ?   B . n 
B 1 134 GLU 134 115 ?   ?   ?   B . n 
B 1 135 THR 135 116 ?   ?   ?   B . n 
B 1 136 GLY 136 117 ?   ?   ?   B . n 
B 1 137 ASP 137 118 ?   ?   ?   B . n 
B 1 138 ILE 138 119 ?   ?   ?   B . n 
B 1 139 LYS 139 120 ?   ?   ?   B . n 
B 1 140 TYR 140 121 ?   ?   ?   B . n 
B 1 141 VAL 141 122 ?   ?   ?   B . n 
B 1 142 TYR 142 123 ?   ?   ?   B . n 
B 1 143 ALA 143 124 ?   ?   ?   B . n 
B 1 144 ALA 144 125 ?   ?   ?   B . n 
B 1 145 ASP 145 126 ?   ?   ?   B . n 
B 1 146 ILE 146 127 ?   ?   ?   B . n 
B 1 147 VAL 147 128 ?   ?   ?   B . n 
B 1 148 TYR 148 129 ?   ?   ?   B . n 
B 1 149 LEU 149 130 ?   ?   ?   B . n 
B 1 150 MET 150 131 ?   ?   ?   B . n 
B 1 151 ALA 151 132 ?   ?   ?   B . n 
B 1 152 LEU 152 133 ?   ?   ?   B . n 
B 1 153 VAL 153 134 ?   ?   ?   B . n 
B 1 154 LYS 154 135 ?   ?   ?   B . n 
B 1 155 LYS 155 136 ?   ?   ?   B . n 
B 1 156 LEU 156 137 ?   ?   ?   B . n 
B 1 157 GLY 157 138 ?   ?   ?   B . n 
B 1 158 ASP 158 139 ?   ?   ?   B . n 
B 1 159 GLU 159 140 ?   ?   ?   B . n 
B 1 160 GLU 160 141 ?   ?   ?   B . n 
B 1 161 PHE 161 142 ?   ?   ?   B . n 
B 1 162 VAL 162 143 ?   ?   ?   B . n 
B 1 163 LYS 163 144 ?   ?   ?   B . n 
B 1 164 ILE 164 145 ?   ?   ?   B . n 
B 1 165 LEU 165 146 ?   ?   ?   B . n 
B 1 166 GLU 166 147 ?   ?   ?   B . n 
B 1 167 LYS 167 148 ?   ?   ?   B . n 
B 1 168 PHE 168 149 ?   ?   ?   B . n 
B 1 169 TYR 169 150 ?   ?   ?   B . n 
B 1 170 GLU 170 151 ?   ?   ?   B . n 
B 1 171 LYS 171 152 ?   ?   ?   B . n 
B 1 172 LEU 172 153 ?   ?   ?   B . n 
B 1 173 LEU 173 154 ?   ?   ?   B . n 
B 1 174 GLU 174 155 ?   ?   ?   B . n 
B 1 175 THR 175 156 ?   ?   ?   B . n 
B 1 176 GLY 176 157 ?   ?   ?   B . n 
B 1 177 ASP 177 158 ?   ?   ?   B . n 
B 1 178 PRO 178 159 ?   ?   ?   B . n 
B 1 179 VAL 179 160 ?   ?   ?   B . n 
B 1 180 TYR 180 161 ?   ?   ?   B . n 
B 1 181 SER 181 162 ?   ?   ?   B . n 
B 1 182 LEU 182 163 ?   ?   ?   B . n 
B 1 183 ILE 183 164 ?   ?   ?   B . n 
B 1 184 ALA 184 165 ?   ?   ?   B . n 
B 1 185 ASP 185 166 ?   ?   ?   B . n 
B 1 186 VAL 186 167 ?   ?   ?   B . n 
B 1 187 ILE 187 168 ?   ?   ?   B . n 
B 1 188 LEU 188 169 ?   ?   ?   B . n 
B 1 189 LEU 189 170 ?   ?   ?   B . n 
B 1 190 LEU 190 171 ?   ?   ?   B . n 
B 1 191 ALA 191 172 ?   ?   ?   B . n 
B 1 192 LYS 192 173 ?   ?   ?   B . n 
B 1 193 LEU 193 174 ?   ?   ?   B . n 
B 1 194 LEU 194 175 ?   ?   ?   B . n 
B 1 195 LYS 195 176 ?   ?   ?   B . n 
B 1 196 GLU 196 177 ?   ?   ?   B . n 
B 1 197 GLY 197 178 ?   ?   ?   B . n 
B 1 198 GLU 198 179 ?   ?   ?   B . n 
B 1 199 ILE 199 180 ?   ?   ?   B . n 
B 1 200 SER 200 181 ?   ?   ?   B . n 
B 1 201 GLU 201 182 ?   ?   ?   B . n 
B 1 202 GLU 202 183 ?   ?   ?   B . n 
B 1 203 LEU 203 184 ?   ?   ?   B . n 
B 1 204 ALA 204 185 ?   ?   ?   B . n 
B 1 205 ARG 205 186 ?   ?   ?   B . n 
B 1 206 GLU 206 187 ?   ?   ?   B . n 
B 1 207 VAL 207 188 ?   ?   ?   B . n 
B 1 208 ALA 208 189 ?   ?   ?   B . n 
B 1 209 GLU 209 190 ?   ?   ?   B . n 
B 1 210 LEU 210 191 ?   ?   ?   B . n 
B 1 211 LEU 211 192 ?   ?   ?   B . n 
B 1 212 GLU 212 193 ?   ?   ?   B . n 
B 1 213 LYS 213 194 ?   ?   ?   B . n 
B 1 214 GLY 214 195 ?   ?   ?   B . n 
B 1 215 ASP 215 196 ?   ?   ?   B . n 
B 1 216 LEU 216 197 197 LEU LEU B . n 
B 1 217 LYS 217 198 198 LYS LYS B . n 
B 1 218 GLY 218 199 199 GLY GLY B . n 
B 1 219 VAL 219 200 200 VAL VAL B . n 
B 1 220 VAL 220 201 201 VAL VAL B . n 
B 1 221 ASP 221 202 202 ASP ASP B . n 
B 1 222 THR 222 203 203 THR THR B . n 
B 1 223 VAL 223 204 204 VAL VAL B . n 
B 1 224 LEU 224 205 205 LEU LEU B . n 
B 1 225 LEU 225 206 206 LEU LEU B . n 
B 1 226 TYR 226 207 207 TYR TYR B . n 
B 1 227 TYR 227 208 208 TYR TYR B . n 
B 1 228 LEU 228 209 209 LEU LEU B . n 
B 1 229 LYS 229 210 210 LYS LYS B . n 
B 1 230 GLY 230 211 211 GLY GLY B . n 
B 1 231 GLU 231 212 212 GLU GLU B . n 
B 1 232 VAL 232 213 213 VAL VAL B . n 
B 1 233 SER 233 214 214 SER SER B . n 
B 1 234 LYS 234 215 215 LYS LYS B . n 
B 1 235 GLU 235 216 216 GLU GLU B . n 
B 1 236 ALA 236 217 217 ALA ALA B . n 
B 1 237 ALA 237 218 218 ALA ALA B . n 
B 1 238 VAL 238 219 219 VAL VAL B . n 
B 1 239 ALA 239 220 220 ALA ALA B . n 
B 1 240 ILE 240 221 221 ILE ILE B . n 
B 1 241 LEU 241 222 222 LEU LEU B . n 
B 1 242 GLU 242 223 223 GLU GLU B . n 
B 1 243 LYS 243 224 224 LYS LYS B . n 
B 1 244 ILE 244 225 225 ILE ILE B . n 
B 1 245 LEU 245 226 226 LEU LEU B . n 
B 1 246 LYS 246 227 227 LYS LYS B . n 
B 1 247 VAL 247 228 228 VAL VAL B . n 
B 1 248 ALA 248 229 229 ALA ALA B . n 
B 1 249 LYS 249 230 230 LYS LYS B . n 
B 1 250 ALA 250 231 231 ALA ALA B . n 
B 1 251 LEU 251 232 232 LEU LEU B . n 
B 1 252 GLY 252 233 233 GLY GLY B . n 
B 1 253 ASP 253 234 234 ASP ASP B . n 
B 1 254 GLU 254 235 235 GLU GLU B . n 
B 1 255 GLU 255 236 236 GLU GLU B . n 
B 1 256 LEU 256 237 237 LEU LEU B . n 
B 1 257 ILE 257 238 238 ILE ILE B . n 
B 1 258 LYS 258 239 239 LYS LYS B . n 
B 1 259 HIS 259 240 240 HIS HIS B . n 
B 1 260 ALA 260 241 241 ALA ALA B . n 
B 1 261 SER 261 242 242 SER SER B . n 
B 1 262 LEU 262 243 243 LEU LEU B . n 
B 1 263 ALA 263 244 244 ALA ALA B . n 
B 1 264 ILE 264 245 245 ILE ILE B . n 
B 1 265 GLU 265 246 246 GLU GLU B . n 
B 1 266 HIS 266 247 247 HIS HIS B . n 
B 1 267 VAL 267 248 248 VAL VAL B . n 
B 1 268 LYS 268 249 249 LYS LYS B . n 
B 1 269 MET 269 250 250 MET MET B . n 
B 1 270 ASP 270 251 251 ASP ASP B . n 
# 
_pdbx_entity_instance_feature.ordinal        1 
_pdbx_entity_instance_feature.comp_id        ZN 
_pdbx_entity_instance_feature.asym_id        ? 
_pdbx_entity_instance_feature.seq_num        ? 
_pdbx_entity_instance_feature.auth_comp_id   ZN 
_pdbx_entity_instance_feature.auth_asym_id   ? 
_pdbx_entity_instance_feature.auth_seq_num   ? 
_pdbx_entity_instance_feature.feature_type   'SUBJECT OF INVESTIGATION' 
_pdbx_entity_instance_feature.details        ? 
# 
loop_
_pdbx_nonpoly_scheme.asym_id 
_pdbx_nonpoly_scheme.entity_id 
_pdbx_nonpoly_scheme.mon_id 
_pdbx_nonpoly_scheme.ndb_seq_num 
_pdbx_nonpoly_scheme.pdb_seq_num 
_pdbx_nonpoly_scheme.auth_seq_num 
_pdbx_nonpoly_scheme.pdb_mon_id 
_pdbx_nonpoly_scheme.auth_mon_id 
_pdbx_nonpoly_scheme.pdb_strand_id 
_pdbx_nonpoly_scheme.pdb_ins_code 
C 2 ZN 1 301 253 ZN ZN A . 
D 2 ZN 1 301 253 ZN ZN B . 
# 
_cell.angle_alpha                  90.00 
_cell.angle_alpha_esd              ? 
_cell.angle_beta                   90.00 
_cell.angle_beta_esd               ? 
_cell.angle_gamma                  90.00 
_cell.angle_gamma_esd              ? 
_cell.entry_id                     9K8K 
_cell.details                      ? 
_cell.formula_units_Z              ? 
_cell.length_a                     1.00 
_cell.length_a_esd                 ? 
_cell.length_b                     1.00 
_cell.length_b_esd                 ? 
_cell.length_c                     1.00 
_cell.length_c_esd                 ? 
_cell.volume                       ? 
_cell.volume_esd                   ? 
_cell.Z_PDB                        ? 
_cell.reciprocal_angle_alpha       ? 
_cell.reciprocal_angle_beta        ? 
_cell.reciprocal_angle_gamma       ? 
_cell.reciprocal_angle_alpha_esd   ? 
_cell.reciprocal_angle_beta_esd    ? 
_cell.reciprocal_angle_gamma_esd   ? 
_cell.reciprocal_length_a          ? 
_cell.reciprocal_length_b          ? 
_cell.reciprocal_length_c          ? 
_cell.reciprocal_length_a_esd      ? 
_cell.reciprocal_length_b_esd      ? 
_cell.reciprocal_length_c_esd      ? 
_cell.pdbx_unique_axis             ? 
_cell.pdbx_esd_method              ? 
# 
_symmetry.entry_id                         9K8K 
_symmetry.cell_setting                     ? 
_symmetry.Int_Tables_number                1 
_symmetry.space_group_name_Hall            ? 
_symmetry.space_group_name_H-M             'P 1' 
_symmetry.pdbx_full_space_group_name_H-M   ? 
# 
_exptl.absorpt_coefficient_mu     ? 
_exptl.absorpt_correction_T_max   ? 
_exptl.absorpt_correction_T_min   ? 
_exptl.absorpt_correction_type    ? 
_exptl.absorpt_process_details    ? 
_exptl.entry_id                   9K8K 
_exptl.crystals_number            ? 
_exptl.details                    ? 
_exptl.method                     'ELECTRON MICROSCOPY' 
_exptl.method_details             ? 
# 
_refine.pdbx_refine_id                           'ELECTRON MICROSCOPY' 
_refine.entry_id                                 9K8K 
_refine.pdbx_diffrn_id                           ? 
_refine.pdbx_TLS_residual_ADP_flag               ? 
_refine.ls_number_reflns_obs                     ? 
_refine.ls_number_reflns_all                     ? 
_refine.pdbx_ls_sigma_I                          ? 
_refine.pdbx_ls_sigma_F                          ? 
_refine.pdbx_data_cutoff_high_absF               ? 
_refine.pdbx_data_cutoff_low_absF                ? 
_refine.pdbx_data_cutoff_high_rms_absF           ? 
_refine.ls_d_res_low                             ? 
_refine.ls_d_res_high                            . 
_refine.ls_percent_reflns_obs                    ? 
_refine.ls_R_factor_obs                          ? 
_refine.ls_R_factor_all                          ? 
_refine.ls_R_factor_R_work                       ? 
_refine.ls_R_factor_R_free                       ? 
_refine.ls_R_factor_R_free_error                 ? 
_refine.ls_R_factor_R_free_error_details         ? 
_refine.ls_percent_reflns_R_free                 ? 
_refine.ls_number_reflns_R_free                  ? 
_refine.ls_number_parameters                     ? 
_refine.ls_number_restraints                     ? 
_refine.occupancy_min                            ? 
_refine.occupancy_max                            ? 
_refine.correlation_coeff_Fo_to_Fc               ? 
_refine.correlation_coeff_Fo_to_Fc_free          ? 
_refine.B_iso_mean                               ? 
_refine.aniso_B[1][1]                            ? 
_refine.aniso_B[2][2]                            ? 
_refine.aniso_B[3][3]                            ? 
_refine.aniso_B[1][2]                            ? 
_refine.aniso_B[1][3]                            ? 
_refine.aniso_B[2][3]                            ? 
_refine.solvent_model_details                    ? 
_refine.solvent_model_param_ksol                 ? 
_refine.solvent_model_param_bsol                 ? 
_refine.pdbx_solvent_vdw_probe_radii             ? 
_refine.pdbx_solvent_ion_probe_radii             ? 
_refine.pdbx_solvent_shrinkage_radii             ? 
_refine.pdbx_ls_cross_valid_method               ? 
_refine.details                                  ? 
_refine.pdbx_starting_model                      ? 
_refine.pdbx_method_to_determine_struct          ? 
_refine.pdbx_isotropic_thermal_model             ? 
_refine.pdbx_stereochemistry_target_values       ? 
_refine.pdbx_stereochem_target_val_spec_case     ? 
_refine.pdbx_R_Free_selection_details            ? 
_refine.pdbx_overall_ESU_R                       ? 
_refine.pdbx_overall_ESU_R_Free                  ? 
_refine.overall_SU_ML                            ? 
_refine.pdbx_overall_phase_error                 ? 
_refine.overall_SU_B                             ? 
_refine.overall_SU_R_Cruickshank_DPI             ? 
_refine.pdbx_overall_SU_R_free_Cruickshank_DPI   ? 
_refine.pdbx_overall_SU_R_Blow_DPI               ? 
_refine.pdbx_overall_SU_R_free_Blow_DPI          ? 
# 
loop_
_refine_ls_restr.pdbx_refine_id 
_refine_ls_restr.criterion 
_refine_ls_restr.dev_ideal 
_refine_ls_restr.dev_ideal_target 
_refine_ls_restr.number 
_refine_ls_restr.rejects 
_refine_ls_restr.type 
_refine_ls_restr.weight 
_refine_ls_restr.pdbx_restraint_function 
'ELECTRON MICROSCOPY' ? 0.004 ? 850  ? f_bond_d           ? ? 
'ELECTRON MICROSCOPY' ? 0.569 ? 1142 ? f_angle_d          ? ? 
'ELECTRON MICROSCOPY' ? 8.326 ? 114  ? f_dihedral_angle_d ? ? 
'ELECTRON MICROSCOPY' ? 0.036 ? 146  ? f_chiral_restr     ? ? 
'ELECTRON MICROSCOPY' ? 0.002 ? 136  ? f_plane_restr      ? ? 
# 
_struct.entry_id                     9K8K 
_struct.title                        
'Cryo-EM structure of C2 symmetric interface of designed zinc-induced tetrahedron Cage-t32-Zn1-HEHE-36' 
_struct.pdbx_model_details           ? 
_struct.pdbx_formula_weight          ? 
_struct.pdbx_formula_weight_method   ? 
_struct.pdbx_model_type_details      ? 
_struct.pdbx_CASP_flag               N 
# 
_struct_keywords.entry_id        9K8K 
_struct_keywords.text            'Zinc-binding protein, METAL BINDING PROTEIN' 
_struct_keywords.pdbx_keywords   'METAL BINDING PROTEIN' 
# 
loop_
_struct_asym.id 
_struct_asym.pdbx_blank_PDB_chainid_flag 
_struct_asym.pdbx_modified 
_struct_asym.entity_id 
_struct_asym.details 
A N N 1 ? 
B N N 1 ? 
C N N 2 ? 
D N N 2 ? 
# 
_struct_ref.id                         1 
_struct_ref.db_name                    PDB 
_struct_ref.db_code                    9K8K 
_struct_ref.pdbx_db_accession          9K8K 
_struct_ref.pdbx_db_isoform            ? 
_struct_ref.entity_id                  1 
_struct_ref.pdbx_seq_one_letter_code   ? 
_struct_ref.pdbx_align_begin           1 
# 
loop_
_struct_ref_seq.align_id 
_struct_ref_seq.ref_id 
_struct_ref_seq.pdbx_PDB_id_code 
_struct_ref_seq.pdbx_strand_id 
_struct_ref_seq.seq_align_beg 
_struct_ref_seq.pdbx_seq_align_beg_ins_code 
_struct_ref_seq.seq_align_end 
_struct_ref_seq.pdbx_seq_align_end_ins_code 
_struct_ref_seq.pdbx_db_accession 
_struct_ref_seq.db_align_beg 
_struct_ref_seq.pdbx_db_align_beg_ins_code 
_struct_ref_seq.db_align_end 
_struct_ref_seq.pdbx_db_align_end_ins_code 
_struct_ref_seq.pdbx_auth_seq_align_beg 
_struct_ref_seq.pdbx_auth_seq_align_end 
1 1 9K8K A 1 ? 270 ? 9K8K -18 ? 251 ? -18 251 
2 1 9K8K B 1 ? 270 ? 9K8K -18 ? 251 ? -18 251 
# 
_pdbx_struct_assembly.id                   1 
_pdbx_struct_assembly.details              author_defined_assembly 
_pdbx_struct_assembly.method_details       ? 
_pdbx_struct_assembly.oligomeric_details   dimeric 
_pdbx_struct_assembly.oligomeric_count     2 
# 
_pdbx_struct_assembly_gen.assembly_id       1 
_pdbx_struct_assembly_gen.oper_expression   1 
_pdbx_struct_assembly_gen.asym_id_list      A,B,C,D 
# 
_pdbx_struct_assembly_auth_evidence.id                     1 
_pdbx_struct_assembly_auth_evidence.assembly_id            1 
_pdbx_struct_assembly_auth_evidence.experimental_support   'electron microscopy' 
_pdbx_struct_assembly_auth_evidence.details                'not applicable' 
# 
_pdbx_struct_oper_list.id                   1 
_pdbx_struct_oper_list.type                 'identity operation' 
_pdbx_struct_oper_list.name                 1_555 
_pdbx_struct_oper_list.symmetry_operation   ? 
_pdbx_struct_oper_list.matrix[1][1]         1.0000000000 
_pdbx_struct_oper_list.matrix[1][2]         0.0000000000 
_pdbx_struct_oper_list.matrix[1][3]         0.0000000000 
_pdbx_struct_oper_list.vector[1]            0.0000000000 
_pdbx_struct_oper_list.matrix[2][1]         0.0000000000 
_pdbx_struct_oper_list.matrix[2][2]         1.0000000000 
_pdbx_struct_oper_list.matrix[2][3]         0.0000000000 
_pdbx_struct_oper_list.vector[2]            0.0000000000 
_pdbx_struct_oper_list.matrix[3][1]         0.0000000000 
_pdbx_struct_oper_list.matrix[3][2]         0.0000000000 
_pdbx_struct_oper_list.matrix[3][3]         1.0000000000 
_pdbx_struct_oper_list.vector[3]            0.0000000000 
# 
loop_
_struct_conf.conf_type_id 
_struct_conf.id 
_struct_conf.pdbx_PDB_helix_id 
_struct_conf.beg_label_comp_id 
_struct_conf.beg_label_asym_id 
_struct_conf.beg_label_seq_id 
_struct_conf.pdbx_beg_PDB_ins_code 
_struct_conf.end_label_comp_id 
_struct_conf.end_label_asym_id 
_struct_conf.end_label_seq_id 
_struct_conf.pdbx_end_PDB_ins_code 
_struct_conf.beg_auth_comp_id 
_struct_conf.beg_auth_asym_id 
_struct_conf.beg_auth_seq_id 
_struct_conf.end_auth_comp_id 
_struct_conf.end_auth_asym_id 
_struct_conf.end_auth_seq_id 
_struct_conf.pdbx_PDB_helix_class 
_struct_conf.details 
_struct_conf.pdbx_PDB_helix_length 
HELX_P HELX_P1 AA1 LEU A 216 ? LYS A 229 ? LEU A 197 LYS A 210 1 ? 14 
HELX_P HELX_P2 AA2 LYS A 234 ? ALA A 250 ? LYS A 215 ALA A 231 1 ? 17 
HELX_P HELX_P3 AA3 ASP A 253 ? MET A 269 ? ASP A 234 MET A 250 1 ? 17 
HELX_P HELX_P4 AA4 LYS B 217 ? LYS B 229 ? LYS B 198 LYS B 210 1 ? 13 
HELX_P HELX_P5 AA5 GLU B 235 ? ALA B 250 ? GLU B 216 ALA B 231 1 ? 16 
HELX_P HELX_P6 AA6 ASP B 253 ? MET B 269 ? ASP B 234 MET B 250 1 ? 17 
# 
_struct_conf_type.id          HELX_P 
_struct_conf_type.criteria    ? 
_struct_conf_type.reference   ? 
# 
loop_
_struct_conn.id 
_struct_conn.conn_type_id 
_struct_conn.pdbx_leaving_atom_flag 
_struct_conn.pdbx_PDB_id 
_struct_conn.ptnr1_label_asym_id 
_struct_conn.ptnr1_label_comp_id 
_struct_conn.ptnr1_label_seq_id 
_struct_conn.ptnr1_label_atom_id 
_struct_conn.pdbx_ptnr1_label_alt_id 
_struct_conn.pdbx_ptnr1_PDB_ins_code 
_struct_conn.pdbx_ptnr1_standard_comp_id 
_struct_conn.ptnr1_symmetry 
_struct_conn.ptnr2_label_asym_id 
_struct_conn.ptnr2_label_comp_id 
_struct_conn.ptnr2_label_seq_id 
_struct_conn.ptnr2_label_atom_id 
_struct_conn.pdbx_ptnr2_label_alt_id 
_struct_conn.pdbx_ptnr2_PDB_ins_code 
_struct_conn.ptnr1_auth_asym_id 
_struct_conn.ptnr1_auth_comp_id 
_struct_conn.ptnr1_auth_seq_id 
_struct_conn.ptnr2_auth_asym_id 
_struct_conn.ptnr2_auth_comp_id 
_struct_conn.ptnr2_auth_seq_id 
_struct_conn.ptnr2_symmetry 
_struct_conn.pdbx_ptnr3_label_atom_id 
_struct_conn.pdbx_ptnr3_label_seq_id 
_struct_conn.pdbx_ptnr3_label_comp_id 
_struct_conn.pdbx_ptnr3_label_asym_id 
_struct_conn.pdbx_ptnr3_label_alt_id 
_struct_conn.pdbx_ptnr3_PDB_ins_code 
_struct_conn.details 
_struct_conn.pdbx_dist_value 
_struct_conn.pdbx_value_order 
_struct_conn.pdbx_role 
metalc1 metalc ? ? A ASP 221 OD1 ? ? ? 1_555 C ZN  .   ZN  ? ? A ASP 202 A ZN  301 1_555 ? ? ? ? ? ? ? 2.027 ? ? 
metalc2 metalc ? ? A HIS 259 NE2 ? ? ? 1_555 C ZN  .   ZN  ? ? A HIS 240 A ZN  301 1_555 ? ? ? ? ? ? ? 2.087 ? ? 
metalc3 metalc ? ? A HIS 266 NE2 ? ? ? 1_555 D ZN  .   ZN  ? ? A HIS 247 B ZN  301 1_555 ? ? ? ? ? ? ? 2.286 ? ? 
metalc4 metalc ? ? C ZN  .   ZN  ? ? ? 1_555 B HIS 266 NE2 ? ? A ZN  301 B HIS 247 1_555 ? ? ? ? ? ? ? 2.126 ? ? 
metalc5 metalc ? ? B ASP 221 OD1 ? ? ? 1_555 D ZN  .   ZN  ? ? B ASP 202 B ZN  301 1_555 ? ? ? ? ? ? ? 2.005 ? ? 
metalc6 metalc ? ? B HIS 259 NE2 ? ? ? 1_555 D ZN  .   ZN  ? ? B HIS 240 B ZN  301 1_555 ? ? ? ? ? ? ? 2.105 ? ? 
# 
_struct_conn_type.id          metalc 
_struct_conn_type.criteria    ? 
_struct_conn_type.reference   ? 
# 
loop_
_pdbx_struct_conn_angle.id 
_pdbx_struct_conn_angle.ptnr1_label_atom_id 
_pdbx_struct_conn_angle.ptnr1_label_alt_id 
_pdbx_struct_conn_angle.ptnr1_label_asym_id 
_pdbx_struct_conn_angle.ptnr1_label_comp_id 
_pdbx_struct_conn_angle.ptnr1_label_seq_id 
_pdbx_struct_conn_angle.ptnr1_auth_atom_id 
_pdbx_struct_conn_angle.ptnr1_auth_asym_id 
_pdbx_struct_conn_angle.ptnr1_auth_comp_id 
_pdbx_struct_conn_angle.ptnr1_auth_seq_id 
_pdbx_struct_conn_angle.ptnr1_PDB_ins_code 
_pdbx_struct_conn_angle.ptnr1_symmetry 
_pdbx_struct_conn_angle.ptnr2_label_atom_id 
_pdbx_struct_conn_angle.ptnr2_label_alt_id 
_pdbx_struct_conn_angle.ptnr2_label_asym_id 
_pdbx_struct_conn_angle.ptnr2_label_comp_id 
_pdbx_struct_conn_angle.ptnr2_label_seq_id 
_pdbx_struct_conn_angle.ptnr2_auth_atom_id 
_pdbx_struct_conn_angle.ptnr2_auth_asym_id 
_pdbx_struct_conn_angle.ptnr2_auth_comp_id 
_pdbx_struct_conn_angle.ptnr2_auth_seq_id 
_pdbx_struct_conn_angle.ptnr2_PDB_ins_code 
_pdbx_struct_conn_angle.ptnr2_symmetry 
_pdbx_struct_conn_angle.ptnr3_label_atom_id 
_pdbx_struct_conn_angle.ptnr3_label_alt_id 
_pdbx_struct_conn_angle.ptnr3_label_asym_id 
_pdbx_struct_conn_angle.ptnr3_label_comp_id 
_pdbx_struct_conn_angle.ptnr3_label_seq_id 
_pdbx_struct_conn_angle.ptnr3_auth_atom_id 
_pdbx_struct_conn_angle.ptnr3_auth_asym_id 
_pdbx_struct_conn_angle.ptnr3_auth_comp_id 
_pdbx_struct_conn_angle.ptnr3_auth_seq_id 
_pdbx_struct_conn_angle.ptnr3_PDB_ins_code 
_pdbx_struct_conn_angle.ptnr3_symmetry 
_pdbx_struct_conn_angle.value 
_pdbx_struct_conn_angle.value_esd 
1 OD1 ? A ASP 221 ? A ASP 202 ? 1_555 ZN ? C ZN . ? A ZN 301 ? 1_555 NE2 ? A HIS 259 ? A HIS 240 ? 1_555 100.1 ? 
2 OD1 ? A ASP 221 ? A ASP 202 ? 1_555 ZN ? C ZN . ? A ZN 301 ? 1_555 NE2 ? B HIS 266 ? B HIS 247 ? 1_555 122.0 ? 
3 NE2 ? A HIS 259 ? A HIS 240 ? 1_555 ZN ? C ZN . ? A ZN 301 ? 1_555 NE2 ? B HIS 266 ? B HIS 247 ? 1_555 90.2  ? 
4 NE2 ? A HIS 266 ? A HIS 247 ? 1_555 ZN ? D ZN . ? B ZN 301 ? 1_555 OD1 ? B ASP 221 ? B ASP 202 ? 1_555 121.0 ? 
5 NE2 ? A HIS 266 ? A HIS 247 ? 1_555 ZN ? D ZN . ? B ZN 301 ? 1_555 NE2 ? B HIS 259 ? B HIS 240 ? 1_555 88.2  ? 
6 OD1 ? B ASP 221 ? B ASP 202 ? 1_555 ZN ? D ZN . ? B ZN 301 ? 1_555 NE2 ? B HIS 259 ? B HIS 240 ? 1_555 95.9  ? 
# 
_pdbx_entry_details.entry_id                   9K8K 
_pdbx_entry_details.nonpolymer_details         ? 
_pdbx_entry_details.sequence_details           ? 
_pdbx_entry_details.compound_details           ? 
_pdbx_entry_details.source_details             ? 
_pdbx_entry_details.has_ligand_of_interest     Y 
_pdbx_entry_details.has_protein_modification   N 
# 
loop_
_pdbx_validate_torsion.id 
_pdbx_validate_torsion.PDB_model_num 
_pdbx_validate_torsion.auth_comp_id 
_pdbx_validate_torsion.auth_asym_id 
_pdbx_validate_torsion.auth_seq_id 
_pdbx_validate_torsion.PDB_ins_code 
_pdbx_validate_torsion.label_alt_id 
_pdbx_validate_torsion.phi 
_pdbx_validate_torsion.psi 
1 1 VAL A 213 ? ? -122.00 -72.26 
2 1 SER A 214 ? ? 176.43  175.29 
# 
_em_3d_fitting.id                1 
_em_3d_fitting.entry_id          9K8K 
_em_3d_fitting.method            ? 
_em_3d_fitting.target_criteria   ? 
_em_3d_fitting.details           ? 
_em_3d_fitting.overall_b_value   ? 
_em_3d_fitting.ref_space         ? 
_em_3d_fitting.ref_protocol      ? 
# 
_em_3d_reconstruction.entry_id                    9K8K 
_em_3d_reconstruction.id                          1 
_em_3d_reconstruction.method                      ? 
_em_3d_reconstruction.algorithm                   ? 
_em_3d_reconstruction.citation_id                 ? 
_em_3d_reconstruction.details                     ? 
_em_3d_reconstruction.resolution                  3.25 
_em_3d_reconstruction.resolution_method           'FSC 0.143 CUT-OFF' 
_em_3d_reconstruction.magnification_calibration   ? 
_em_3d_reconstruction.nominal_pixel_size          ? 
_em_3d_reconstruction.actual_pixel_size           ? 
_em_3d_reconstruction.num_particles               557455 
_em_3d_reconstruction.euler_angles_details        ? 
_em_3d_reconstruction.num_class_averages          ? 
_em_3d_reconstruction.refinement_type             ? 
_em_3d_reconstruction.image_processing_id         1 
_em_3d_reconstruction.symmetry_type               POINT 
# 
_em_buffer.id            1 
_em_buffer.specimen_id   1 
_em_buffer.name          ? 
_em_buffer.details       ? 
_em_buffer.pH            7 
# 
_em_entity_assembly.id                   1 
_em_entity_assembly.parent_id            0 
_em_entity_assembly.source               RECOMBINANT 
_em_entity_assembly.type                 COMPLEX 
_em_entity_assembly.name                 Cage-t32-Zn1-HEHE-36 
_em_entity_assembly.details              ? 
_em_entity_assembly.synonym              ? 
_em_entity_assembly.oligomeric_details   ? 
_em_entity_assembly.entity_id_list       1 
# 
_em_imaging.entry_id                        9K8K 
_em_imaging.id                              1 
_em_imaging.astigmatism                     ? 
_em_imaging.electron_beam_tilt_params       ? 
_em_imaging.residual_tilt                   ? 
_em_imaging.microscope_model                'TFS KRIOS' 
_em_imaging.specimen_holder_type            ? 
_em_imaging.specimen_holder_model           ? 
_em_imaging.details                         ? 
_em_imaging.date                            ? 
_em_imaging.accelerating_voltage            300 
_em_imaging.illumination_mode               'FLOOD BEAM' 
_em_imaging.mode                            'BRIGHT FIELD' 
_em_imaging.nominal_cs                      ? 
_em_imaging.nominal_defocus_min             1500 
_em_imaging.nominal_defocus_max             2000 
_em_imaging.calibrated_defocus_min          ? 
_em_imaging.calibrated_defocus_max          ? 
_em_imaging.tilt_angle_min                  ? 
_em_imaging.tilt_angle_max                  ? 
_em_imaging.nominal_magnification           ? 
_em_imaging.calibrated_magnification        ? 
_em_imaging.electron_source                 'FIELD EMISSION GUN' 
_em_imaging.citation_id                     ? 
_em_imaging.temperature                     ? 
_em_imaging.detector_distance               ? 
_em_imaging.recording_temperature_minimum   ? 
_em_imaging.recording_temperature_maximum   ? 
_em_imaging.alignment_procedure             ? 
_em_imaging.c2_aperture_diameter            ? 
_em_imaging.specimen_id                     1 
_em_imaging.cryogen                         ? 
# 
_em_vitrification.entry_id              9K8K 
_em_vitrification.id                    1 
_em_vitrification.specimen_id           1 
_em_vitrification.cryogen_name          ETHANE 
_em_vitrification.humidity              ? 
_em_vitrification.temp                  ? 
_em_vitrification.chamber_temperature   ? 
_em_vitrification.instrument            ? 
_em_vitrification.method                ? 
_em_vitrification.time_resolved_state   ? 
_em_vitrification.citation_id           ? 
_em_vitrification.details               ? 
# 
_em_experiment.entry_id                9K8K 
_em_experiment.id                      1 
_em_experiment.reconstruction_method   'SINGLE PARTICLE' 
_em_experiment.aggregation_state       PARTICLE 
_em_experiment.entity_assembly_id      1 
# 
loop_
_pdbx_unobs_or_zero_occ_residues.id 
_pdbx_unobs_or_zero_occ_residues.PDB_model_num 
_pdbx_unobs_or_zero_occ_residues.polymer_flag 
_pdbx_unobs_or_zero_occ_residues.occupancy_flag 
_pdbx_unobs_or_zero_occ_residues.auth_asym_id 
_pdbx_unobs_or_zero_occ_residues.auth_comp_id 
_pdbx_unobs_or_zero_occ_residues.auth_seq_id 
_pdbx_unobs_or_zero_occ_residues.PDB_ins_code 
_pdbx_unobs_or_zero_occ_residues.label_asym_id 
_pdbx_unobs_or_zero_occ_residues.label_comp_id 
_pdbx_unobs_or_zero_occ_residues.label_seq_id 
1   1 Y 1 A MET -18 ? A MET 1   
2   1 Y 1 A GLY -17 ? A GLY 2   
3   1 Y 1 A HIS -16 ? A HIS 3   
4   1 Y 1 A HIS -15 ? A HIS 4   
5   1 Y 1 A HIS -14 ? A HIS 5   
6   1 Y 1 A HIS -13 ? A HIS 6   
7   1 Y 1 A HIS -12 ? A HIS 7   
8   1 Y 1 A HIS -11 ? A HIS 8   
9   1 Y 1 A HIS -10 ? A HIS 9   
10  1 Y 1 A HIS -9  ? A HIS 10  
11  1 Y 1 A SER -8  ? A SER 11  
12  1 Y 1 A SER -7  ? A SER 12  
13  1 Y 1 A GLY -6  ? A GLY 13  
14  1 Y 1 A LEU -5  ? A LEU 14  
15  1 Y 1 A GLU -4  ? A GLU 15  
16  1 Y 1 A VAL -3  ? A VAL 16  
17  1 Y 1 A LEU -2  ? A LEU 17  
18  1 Y 1 A PHE -1  ? A PHE 18  
19  1 Y 1 A GLN 0   ? A GLN 19  
20  1 Y 1 A GLY 1   ? A GLY 20  
21  1 Y 1 A PRO 2   ? A PRO 21  
22  1 Y 1 A GLY 3   ? A GLY 22  
23  1 Y 1 A GLY 4   ? A GLY 23  
24  1 Y 1 A THR 5   ? A THR 24  
25  1 Y 1 A MET 6   ? A MET 25  
26  1 Y 1 A LEU 7   ? A LEU 26  
27  1 Y 1 A LYS 8   ? A LYS 27  
28  1 Y 1 A GLU 9   ? A GLU 28  
29  1 Y 1 A ILE 10  ? A ILE 29  
30  1 Y 1 A LEU 11  ? A LEU 30  
31  1 Y 1 A GLU 12  ? A GLU 31  
32  1 Y 1 A ALA 13  ? A ALA 32  
33  1 Y 1 A TYR 14  ? A TYR 33  
34  1 Y 1 A LYS 15  ? A LYS 34  
35  1 Y 1 A GLU 16  ? A GLU 35  
36  1 Y 1 A ILE 17  ? A ILE 36  
37  1 Y 1 A ALA 18  ? A ALA 37  
38  1 Y 1 A ARG 19  ? A ARG 38  
39  1 Y 1 A THR 20  ? A THR 39  
40  1 Y 1 A GLY 21  ? A GLY 40  
41  1 Y 1 A ASN 22  ? A ASN 41  
42  1 Y 1 A GLU 23  ? A GLU 42  
43  1 Y 1 A ARG 24  ? A ARG 43  
44  1 Y 1 A GLU 25  ? A GLU 44  
45  1 Y 1 A ALA 26  ? A ALA 45  
46  1 Y 1 A LEU 27  ? A LEU 46  
47  1 Y 1 A LEU 28  ? A LEU 47  
48  1 Y 1 A ARG 29  ? A ARG 48  
49  1 Y 1 A ALA 30  ? A ALA 49  
50  1 Y 1 A ILE 31  ? A ILE 50  
51  1 Y 1 A ASP 32  ? A ASP 51  
52  1 Y 1 A ILE 33  ? A ILE 52  
53  1 Y 1 A VAL 34  ? A VAL 53  
54  1 Y 1 A ARG 35  ? A ARG 54  
55  1 Y 1 A ASP 36  ? A ASP 55  
56  1 Y 1 A LYS 37  ? A LYS 56  
57  1 Y 1 A TYR 38  ? A TYR 57  
58  1 Y 1 A SER 39  ? A SER 58  
59  1 Y 1 A GLU 40  ? A GLU 59  
60  1 Y 1 A LYS 41  ? A LYS 60  
61  1 Y 1 A GLY 42  ? A GLY 61  
62  1 Y 1 A ASP 43  ? A ASP 62  
63  1 Y 1 A GLU 44  ? A GLU 63  
64  1 Y 1 A GLU 45  ? A GLU 64  
65  1 Y 1 A THR 46  ? A THR 65  
66  1 Y 1 A ASP 47  ? A ASP 66  
67  1 Y 1 A THR 48  ? A THR 67  
68  1 Y 1 A LEU 49  ? A LEU 68  
69  1 Y 1 A LEU 50  ? A LEU 69  
70  1 Y 1 A HIS 51  ? A HIS 70  
71  1 Y 1 A ARG 52  ? A ARG 71  
72  1 Y 1 A VAL 53  ? A VAL 72  
73  1 Y 1 A ARG 54  ? A ARG 73  
74  1 Y 1 A LEU 55  ? A LEU 74  
75  1 Y 1 A ASP 56  ? A ASP 75  
76  1 Y 1 A VAL 57  ? A VAL 76  
77  1 Y 1 A ARG 58  ? A ARG 77  
78  1 Y 1 A GLU 59  ? A GLU 78  
79  1 Y 1 A GLY 60  ? A GLY 79  
80  1 Y 1 A ASN 61  ? A ASN 80  
81  1 Y 1 A LEU 62  ? A LEU 81  
82  1 Y 1 A GLU 63  ? A GLU 82  
83  1 Y 1 A HIS 64  ? A HIS 83  
84  1 Y 1 A ALA 65  ? A ALA 84  
85  1 Y 1 A VAL 66  ? A VAL 85  
86  1 Y 1 A GLU 67  ? A GLU 86  
87  1 Y 1 A ASP 68  ? A ASP 87  
88  1 Y 1 A LEU 69  ? A LEU 88  
89  1 Y 1 A LYS 70  ? A LYS 89  
90  1 Y 1 A LYS 71  ? A LYS 90  
91  1 Y 1 A LEU 72  ? A LEU 91  
92  1 Y 1 A VAL 73  ? A VAL 92  
93  1 Y 1 A GLU 74  ? A GLU 93  
94  1 Y 1 A LYS 75  ? A LYS 94  
95  1 Y 1 A ARG 76  ? A ARG 95  
96  1 Y 1 A PRO 77  ? A PRO 96  
97  1 Y 1 A GLU 78  ? A GLU 97  
98  1 Y 1 A LEU 79  ? A LEU 98  
99  1 Y 1 A LYS 80  ? A LYS 99  
100 1 Y 1 A ASP 81  ? A ASP 100 
101 1 Y 1 A VAL 82  ? A VAL 101 
102 1 Y 1 A ALA 83  ? A ALA 102 
103 1 Y 1 A LEU 84  ? A LEU 103 
104 1 Y 1 A VAL 85  ? A VAL 104 
105 1 Y 1 A LEU 86  ? A LEU 105 
106 1 Y 1 A ILE 87  ? A ILE 106 
107 1 Y 1 A LEU 88  ? A LEU 107 
108 1 Y 1 A ILE 89  ? A ILE 108 
109 1 Y 1 A MET 90  ? A MET 109 
110 1 Y 1 A ALA 91  ? A ALA 110 
111 1 Y 1 A GLU 92  ? A GLU 111 
112 1 Y 1 A GLU 93  ? A GLU 112 
113 1 Y 1 A VAL 94  ? A VAL 113 
114 1 Y 1 A LYS 95  ? A LYS 114 
115 1 Y 1 A LYS 96  ? A LYS 115 
116 1 Y 1 A LEU 97  ? A LEU 116 
117 1 Y 1 A GLY 98  ? A GLY 117 
118 1 Y 1 A PHE 99  ? A PHE 118 
119 1 Y 1 A PRO 100 ? A PRO 119 
120 1 Y 1 A GLU 101 ? A GLU 120 
121 1 Y 1 A PHE 102 ? A PHE 121 
122 1 Y 1 A ALA 103 ? A ALA 122 
123 1 Y 1 A GLU 104 ? A GLU 123 
124 1 Y 1 A LYS 105 ? A LYS 124 
125 1 Y 1 A ILE 106 ? A ILE 125 
126 1 Y 1 A GLU 107 ? A GLU 126 
127 1 Y 1 A GLU 108 ? A GLU 127 
128 1 Y 1 A LEU 109 ? A LEU 128 
129 1 Y 1 A VAL 110 ? A VAL 129 
130 1 Y 1 A GLU 111 ? A GLU 130 
131 1 Y 1 A LYS 112 ? A LYS 131 
132 1 Y 1 A PHE 113 ? A PHE 132 
133 1 Y 1 A ALA 114 ? A ALA 133 
134 1 Y 1 A GLU 115 ? A GLU 134 
135 1 Y 1 A THR 116 ? A THR 135 
136 1 Y 1 A GLY 117 ? A GLY 136 
137 1 Y 1 A ASP 118 ? A ASP 137 
138 1 Y 1 A ILE 119 ? A ILE 138 
139 1 Y 1 A LYS 120 ? A LYS 139 
140 1 Y 1 A TYR 121 ? A TYR 140 
141 1 Y 1 A VAL 122 ? A VAL 141 
142 1 Y 1 A TYR 123 ? A TYR 142 
143 1 Y 1 A ALA 124 ? A ALA 143 
144 1 Y 1 A ALA 125 ? A ALA 144 
145 1 Y 1 A ASP 126 ? A ASP 145 
146 1 Y 1 A ILE 127 ? A ILE 146 
147 1 Y 1 A VAL 128 ? A VAL 147 
148 1 Y 1 A TYR 129 ? A TYR 148 
149 1 Y 1 A LEU 130 ? A LEU 149 
150 1 Y 1 A MET 131 ? A MET 150 
151 1 Y 1 A ALA 132 ? A ALA 151 
152 1 Y 1 A LEU 133 ? A LEU 152 
153 1 Y 1 A VAL 134 ? A VAL 153 
154 1 Y 1 A LYS 135 ? A LYS 154 
155 1 Y 1 A LYS 136 ? A LYS 155 
156 1 Y 1 A LEU 137 ? A LEU 156 
157 1 Y 1 A GLY 138 ? A GLY 157 
158 1 Y 1 A ASP 139 ? A ASP 158 
159 1 Y 1 A GLU 140 ? A GLU 159 
160 1 Y 1 A GLU 141 ? A GLU 160 
161 1 Y 1 A PHE 142 ? A PHE 161 
162 1 Y 1 A VAL 143 ? A VAL 162 
163 1 Y 1 A LYS 144 ? A LYS 163 
164 1 Y 1 A ILE 145 ? A ILE 164 
165 1 Y 1 A LEU 146 ? A LEU 165 
166 1 Y 1 A GLU 147 ? A GLU 166 
167 1 Y 1 A LYS 148 ? A LYS 167 
168 1 Y 1 A PHE 149 ? A PHE 168 
169 1 Y 1 A TYR 150 ? A TYR 169 
170 1 Y 1 A GLU 151 ? A GLU 170 
171 1 Y 1 A LYS 152 ? A LYS 171 
172 1 Y 1 A LEU 153 ? A LEU 172 
173 1 Y 1 A LEU 154 ? A LEU 173 
174 1 Y 1 A GLU 155 ? A GLU 174 
175 1 Y 1 A THR 156 ? A THR 175 
176 1 Y 1 A GLY 157 ? A GLY 176 
177 1 Y 1 A ASP 158 ? A ASP 177 
178 1 Y 1 A PRO 159 ? A PRO 178 
179 1 Y 1 A VAL 160 ? A VAL 179 
180 1 Y 1 A TYR 161 ? A TYR 180 
181 1 Y 1 A SER 162 ? A SER 181 
182 1 Y 1 A LEU 163 ? A LEU 182 
183 1 Y 1 A ILE 164 ? A ILE 183 
184 1 Y 1 A ALA 165 ? A ALA 184 
185 1 Y 1 A ASP 166 ? A ASP 185 
186 1 Y 1 A VAL 167 ? A VAL 186 
187 1 Y 1 A ILE 168 ? A ILE 187 
188 1 Y 1 A LEU 169 ? A LEU 188 
189 1 Y 1 A LEU 170 ? A LEU 189 
190 1 Y 1 A LEU 171 ? A LEU 190 
191 1 Y 1 A ALA 172 ? A ALA 191 
192 1 Y 1 A LYS 173 ? A LYS 192 
193 1 Y 1 A LEU 174 ? A LEU 193 
194 1 Y 1 A LEU 175 ? A LEU 194 
195 1 Y 1 A LYS 176 ? A LYS 195 
196 1 Y 1 A GLU 177 ? A GLU 196 
197 1 Y 1 A GLY 178 ? A GLY 197 
198 1 Y 1 A GLU 179 ? A GLU 198 
199 1 Y 1 A ILE 180 ? A ILE 199 
200 1 Y 1 A SER 181 ? A SER 200 
201 1 Y 1 A GLU 182 ? A GLU 201 
202 1 Y 1 A GLU 183 ? A GLU 202 
203 1 Y 1 A LEU 184 ? A LEU 203 
204 1 Y 1 A ALA 185 ? A ALA 204 
205 1 Y 1 A ARG 186 ? A ARG 205 
206 1 Y 1 A GLU 187 ? A GLU 206 
207 1 Y 1 A VAL 188 ? A VAL 207 
208 1 Y 1 A ALA 189 ? A ALA 208 
209 1 Y 1 A GLU 190 ? A GLU 209 
210 1 Y 1 A LEU 191 ? A LEU 210 
211 1 Y 1 A LEU 192 ? A LEU 211 
212 1 Y 1 A GLU 193 ? A GLU 212 
213 1 Y 1 A LYS 194 ? A LYS 213 
214 1 Y 1 A GLY 195 ? A GLY 214 
215 1 Y 1 A ASP 196 ? A ASP 215 
216 1 Y 1 B MET -18 ? B MET 1   
217 1 Y 1 B GLY -17 ? B GLY 2   
218 1 Y 1 B HIS -16 ? B HIS 3   
219 1 Y 1 B HIS -15 ? B HIS 4   
220 1 Y 1 B HIS -14 ? B HIS 5   
221 1 Y 1 B HIS -13 ? B HIS 6   
222 1 Y 1 B HIS -12 ? B HIS 7   
223 1 Y 1 B HIS -11 ? B HIS 8   
224 1 Y 1 B HIS -10 ? B HIS 9   
225 1 Y 1 B HIS -9  ? B HIS 10  
226 1 Y 1 B SER -8  ? B SER 11  
227 1 Y 1 B SER -7  ? B SER 12  
228 1 Y 1 B GLY -6  ? B GLY 13  
229 1 Y 1 B LEU -5  ? B LEU 14  
230 1 Y 1 B GLU -4  ? B GLU 15  
231 1 Y 1 B VAL -3  ? B VAL 16  
232 1 Y 1 B LEU -2  ? B LEU 17  
233 1 Y 1 B PHE -1  ? B PHE 18  
234 1 Y 1 B GLN 0   ? B GLN 19  
235 1 Y 1 B GLY 1   ? B GLY 20  
236 1 Y 1 B PRO 2   ? B PRO 21  
237 1 Y 1 B GLY 3   ? B GLY 22  
238 1 Y 1 B GLY 4   ? B GLY 23  
239 1 Y 1 B THR 5   ? B THR 24  
240 1 Y 1 B MET 6   ? B MET 25  
241 1 Y 1 B LEU 7   ? B LEU 26  
242 1 Y 1 B LYS 8   ? B LYS 27  
243 1 Y 1 B GLU 9   ? B GLU 28  
244 1 Y 1 B ILE 10  ? B ILE 29  
245 1 Y 1 B LEU 11  ? B LEU 30  
246 1 Y 1 B GLU 12  ? B GLU 31  
247 1 Y 1 B ALA 13  ? B ALA 32  
248 1 Y 1 B TYR 14  ? B TYR 33  
249 1 Y 1 B LYS 15  ? B LYS 34  
250 1 Y 1 B GLU 16  ? B GLU 35  
251 1 Y 1 B ILE 17  ? B ILE 36  
252 1 Y 1 B ALA 18  ? B ALA 37  
253 1 Y 1 B ARG 19  ? B ARG 38  
254 1 Y 1 B THR 20  ? B THR 39  
255 1 Y 1 B GLY 21  ? B GLY 40  
256 1 Y 1 B ASN 22  ? B ASN 41  
257 1 Y 1 B GLU 23  ? B GLU 42  
258 1 Y 1 B ARG 24  ? B ARG 43  
259 1 Y 1 B GLU 25  ? B GLU 44  
260 1 Y 1 B ALA 26  ? B ALA 45  
261 1 Y 1 B LEU 27  ? B LEU 46  
262 1 Y 1 B LEU 28  ? B LEU 47  
263 1 Y 1 B ARG 29  ? B ARG 48  
264 1 Y 1 B ALA 30  ? B ALA 49  
265 1 Y 1 B ILE 31  ? B ILE 50  
266 1 Y 1 B ASP 32  ? B ASP 51  
267 1 Y 1 B ILE 33  ? B ILE 52  
268 1 Y 1 B VAL 34  ? B VAL 53  
269 1 Y 1 B ARG 35  ? B ARG 54  
270 1 Y 1 B ASP 36  ? B ASP 55  
271 1 Y 1 B LYS 37  ? B LYS 56  
272 1 Y 1 B TYR 38  ? B TYR 57  
273 1 Y 1 B SER 39  ? B SER 58  
274 1 Y 1 B GLU 40  ? B GLU 59  
275 1 Y 1 B LYS 41  ? B LYS 60  
276 1 Y 1 B GLY 42  ? B GLY 61  
277 1 Y 1 B ASP 43  ? B ASP 62  
278 1 Y 1 B GLU 44  ? B GLU 63  
279 1 Y 1 B GLU 45  ? B GLU 64  
280 1 Y 1 B THR 46  ? B THR 65  
281 1 Y 1 B ASP 47  ? B ASP 66  
282 1 Y 1 B THR 48  ? B THR 67  
283 1 Y 1 B LEU 49  ? B LEU 68  
284 1 Y 1 B LEU 50  ? B LEU 69  
285 1 Y 1 B HIS 51  ? B HIS 70  
286 1 Y 1 B ARG 52  ? B ARG 71  
287 1 Y 1 B VAL 53  ? B VAL 72  
288 1 Y 1 B ARG 54  ? B ARG 73  
289 1 Y 1 B LEU 55  ? B LEU 74  
290 1 Y 1 B ASP 56  ? B ASP 75  
291 1 Y 1 B VAL 57  ? B VAL 76  
292 1 Y 1 B ARG 58  ? B ARG 77  
293 1 Y 1 B GLU 59  ? B GLU 78  
294 1 Y 1 B GLY 60  ? B GLY 79  
295 1 Y 1 B ASN 61  ? B ASN 80  
296 1 Y 1 B LEU 62  ? B LEU 81  
297 1 Y 1 B GLU 63  ? B GLU 82  
298 1 Y 1 B HIS 64  ? B HIS 83  
299 1 Y 1 B ALA 65  ? B ALA 84  
300 1 Y 1 B VAL 66  ? B VAL 85  
301 1 Y 1 B GLU 67  ? B GLU 86  
302 1 Y 1 B ASP 68  ? B ASP 87  
303 1 Y 1 B LEU 69  ? B LEU 88  
304 1 Y 1 B LYS 70  ? B LYS 89  
305 1 Y 1 B LYS 71  ? B LYS 90  
306 1 Y 1 B LEU 72  ? B LEU 91  
307 1 Y 1 B VAL 73  ? B VAL 92  
308 1 Y 1 B GLU 74  ? B GLU 93  
309 1 Y 1 B LYS 75  ? B LYS 94  
310 1 Y 1 B ARG 76  ? B ARG 95  
311 1 Y 1 B PRO 77  ? B PRO 96  
312 1 Y 1 B GLU 78  ? B GLU 97  
313 1 Y 1 B LEU 79  ? B LEU 98  
314 1 Y 1 B LYS 80  ? B LYS 99  
315 1 Y 1 B ASP 81  ? B ASP 100 
316 1 Y 1 B VAL 82  ? B VAL 101 
317 1 Y 1 B ALA 83  ? B ALA 102 
318 1 Y 1 B LEU 84  ? B LEU 103 
319 1 Y 1 B VAL 85  ? B VAL 104 
320 1 Y 1 B LEU 86  ? B LEU 105 
321 1 Y 1 B ILE 87  ? B ILE 106 
322 1 Y 1 B LEU 88  ? B LEU 107 
323 1 Y 1 B ILE 89  ? B ILE 108 
324 1 Y 1 B MET 90  ? B MET 109 
325 1 Y 1 B ALA 91  ? B ALA 110 
326 1 Y 1 B GLU 92  ? B GLU 111 
327 1 Y 1 B GLU 93  ? B GLU 112 
328 1 Y 1 B VAL 94  ? B VAL 113 
329 1 Y 1 B LYS 95  ? B LYS 114 
330 1 Y 1 B LYS 96  ? B LYS 115 
331 1 Y 1 B LEU 97  ? B LEU 116 
332 1 Y 1 B GLY 98  ? B GLY 117 
333 1 Y 1 B PHE 99  ? B PHE 118 
334 1 Y 1 B PRO 100 ? B PRO 119 
335 1 Y 1 B GLU 101 ? B GLU 120 
336 1 Y 1 B PHE 102 ? B PHE 121 
337 1 Y 1 B ALA 103 ? B ALA 122 
338 1 Y 1 B GLU 104 ? B GLU 123 
339 1 Y 1 B LYS 105 ? B LYS 124 
340 1 Y 1 B ILE 106 ? B ILE 125 
341 1 Y 1 B GLU 107 ? B GLU 126 
342 1 Y 1 B GLU 108 ? B GLU 127 
343 1 Y 1 B LEU 109 ? B LEU 128 
344 1 Y 1 B VAL 110 ? B VAL 129 
345 1 Y 1 B GLU 111 ? B GLU 130 
346 1 Y 1 B LYS 112 ? B LYS 131 
347 1 Y 1 B PHE 113 ? B PHE 132 
348 1 Y 1 B ALA 114 ? B ALA 133 
349 1 Y 1 B GLU 115 ? B GLU 134 
350 1 Y 1 B THR 116 ? B THR 135 
351 1 Y 1 B GLY 117 ? B GLY 136 
352 1 Y 1 B ASP 118 ? B ASP 137 
353 1 Y 1 B ILE 119 ? B ILE 138 
354 1 Y 1 B LYS 120 ? B LYS 139 
355 1 Y 1 B TYR 121 ? B TYR 140 
356 1 Y 1 B VAL 122 ? B VAL 141 
357 1 Y 1 B TYR 123 ? B TYR 142 
358 1 Y 1 B ALA 124 ? B ALA 143 
359 1 Y 1 B ALA 125 ? B ALA 144 
360 1 Y 1 B ASP 126 ? B ASP 145 
361 1 Y 1 B ILE 127 ? B ILE 146 
362 1 Y 1 B VAL 128 ? B VAL 147 
363 1 Y 1 B TYR 129 ? B TYR 148 
364 1 Y 1 B LEU 130 ? B LEU 149 
365 1 Y 1 B MET 131 ? B MET 150 
366 1 Y 1 B ALA 132 ? B ALA 151 
367 1 Y 1 B LEU 133 ? B LEU 152 
368 1 Y 1 B VAL 134 ? B VAL 153 
369 1 Y 1 B LYS 135 ? B LYS 154 
370 1 Y 1 B LYS 136 ? B LYS 155 
371 1 Y 1 B LEU 137 ? B LEU 156 
372 1 Y 1 B GLY 138 ? B GLY 157 
373 1 Y 1 B ASP 139 ? B ASP 158 
374 1 Y 1 B GLU 140 ? B GLU 159 
375 1 Y 1 B GLU 141 ? B GLU 160 
376 1 Y 1 B PHE 142 ? B PHE 161 
377 1 Y 1 B VAL 143 ? B VAL 162 
378 1 Y 1 B LYS 144 ? B LYS 163 
379 1 Y 1 B ILE 145 ? B ILE 164 
380 1 Y 1 B LEU 146 ? B LEU 165 
381 1 Y 1 B GLU 147 ? B GLU 166 
382 1 Y 1 B LYS 148 ? B LYS 167 
383 1 Y 1 B PHE 149 ? B PHE 168 
384 1 Y 1 B TYR 150 ? B TYR 169 
385 1 Y 1 B GLU 151 ? B GLU 170 
386 1 Y 1 B LYS 152 ? B LYS 171 
387 1 Y 1 B LEU 153 ? B LEU 172 
388 1 Y 1 B LEU 154 ? B LEU 173 
389 1 Y 1 B GLU 155 ? B GLU 174 
390 1 Y 1 B THR 156 ? B THR 175 
391 1 Y 1 B GLY 157 ? B GLY 176 
392 1 Y 1 B ASP 158 ? B ASP 177 
393 1 Y 1 B PRO 159 ? B PRO 178 
394 1 Y 1 B VAL 160 ? B VAL 179 
395 1 Y 1 B TYR 161 ? B TYR 180 
396 1 Y 1 B SER 162 ? B SER 181 
397 1 Y 1 B LEU 163 ? B LEU 182 
398 1 Y 1 B ILE 164 ? B ILE 183 
399 1 Y 1 B ALA 165 ? B ALA 184 
400 1 Y 1 B ASP 166 ? B ASP 185 
401 1 Y 1 B VAL 167 ? B VAL 186 
402 1 Y 1 B ILE 168 ? B ILE 187 
403 1 Y 1 B LEU 169 ? B LEU 188 
404 1 Y 1 B LEU 170 ? B LEU 189 
405 1 Y 1 B LEU 171 ? B LEU 190 
406 1 Y 1 B ALA 172 ? B ALA 191 
407 1 Y 1 B LYS 173 ? B LYS 192 
408 1 Y 1 B LEU 174 ? B LEU 193 
409 1 Y 1 B LEU 175 ? B LEU 194 
410 1 Y 1 B LYS 176 ? B LYS 195 
411 1 Y 1 B GLU 177 ? B GLU 196 
412 1 Y 1 B GLY 178 ? B GLY 197 
413 1 Y 1 B GLU 179 ? B GLU 198 
414 1 Y 1 B ILE 180 ? B ILE 199 
415 1 Y 1 B SER 181 ? B SER 200 
416 1 Y 1 B GLU 182 ? B GLU 201 
417 1 Y 1 B GLU 183 ? B GLU 202 
418 1 Y 1 B LEU 184 ? B LEU 203 
419 1 Y 1 B ALA 185 ? B ALA 204 
420 1 Y 1 B ARG 186 ? B ARG 205 
421 1 Y 1 B GLU 187 ? B GLU 206 
422 1 Y 1 B VAL 188 ? B VAL 207 
423 1 Y 1 B ALA 189 ? B ALA 208 
424 1 Y 1 B GLU 190 ? B GLU 209 
425 1 Y 1 B LEU 191 ? B LEU 210 
426 1 Y 1 B LEU 192 ? B LEU 211 
427 1 Y 1 B GLU 193 ? B GLU 212 
428 1 Y 1 B LYS 194 ? B LYS 213 
429 1 Y 1 B GLY 195 ? B GLY 214 
430 1 Y 1 B ASP 196 ? B ASP 215 
# 
loop_
_chem_comp_atom.comp_id 
_chem_comp_atom.atom_id 
_chem_comp_atom.type_symbol 
_chem_comp_atom.pdbx_aromatic_flag 
_chem_comp_atom.pdbx_stereo_config 
_chem_comp_atom.pdbx_ordinal 
ALA N    N  N N 1   
ALA CA   C  N S 2   
ALA C    C  N N 3   
ALA O    O  N N 4   
ALA CB   C  N N 5   
ALA OXT  O  N N 6   
ALA H    H  N N 7   
ALA H2   H  N N 8   
ALA HA   H  N N 9   
ALA HB1  H  N N 10  
ALA HB2  H  N N 11  
ALA HB3  H  N N 12  
ALA HXT  H  N N 13  
ARG N    N  N N 14  
ARG CA   C  N S 15  
ARG C    C  N N 16  
ARG O    O  N N 17  
ARG CB   C  N N 18  
ARG CG   C  N N 19  
ARG CD   C  N N 20  
ARG NE   N  N N 21  
ARG CZ   C  N N 22  
ARG NH1  N  N N 23  
ARG NH2  N  N N 24  
ARG OXT  O  N N 25  
ARG H    H  N N 26  
ARG H2   H  N N 27  
ARG HA   H  N N 28  
ARG HB2  H  N N 29  
ARG HB3  H  N N 30  
ARG HG2  H  N N 31  
ARG HG3  H  N N 32  
ARG HD2  H  N N 33  
ARG HD3  H  N N 34  
ARG HE   H  N N 35  
ARG HH11 H  N N 36  
ARG HH12 H  N N 37  
ARG HH21 H  N N 38  
ARG HH22 H  N N 39  
ARG HXT  H  N N 40  
ASN N    N  N N 41  
ASN CA   C  N S 42  
ASN C    C  N N 43  
ASN O    O  N N 44  
ASN CB   C  N N 45  
ASN CG   C  N N 46  
ASN OD1  O  N N 47  
ASN ND2  N  N N 48  
ASN OXT  O  N N 49  
ASN H    H  N N 50  
ASN H2   H  N N 51  
ASN HA   H  N N 52  
ASN HB2  H  N N 53  
ASN HB3  H  N N 54  
ASN HD21 H  N N 55  
ASN HD22 H  N N 56  
ASN HXT  H  N N 57  
ASP N    N  N N 58  
ASP CA   C  N S 59  
ASP C    C  N N 60  
ASP O    O  N N 61  
ASP CB   C  N N 62  
ASP CG   C  N N 63  
ASP OD1  O  N N 64  
ASP OD2  O  N N 65  
ASP OXT  O  N N 66  
ASP H    H  N N 67  
ASP H2   H  N N 68  
ASP HA   H  N N 69  
ASP HB2  H  N N 70  
ASP HB3  H  N N 71  
ASP HD2  H  N N 72  
ASP HXT  H  N N 73  
GLN N    N  N N 74  
GLN CA   C  N S 75  
GLN C    C  N N 76  
GLN O    O  N N 77  
GLN CB   C  N N 78  
GLN CG   C  N N 79  
GLN CD   C  N N 80  
GLN OE1  O  N N 81  
GLN NE2  N  N N 82  
GLN OXT  O  N N 83  
GLN H    H  N N 84  
GLN H2   H  N N 85  
GLN HA   H  N N 86  
GLN HB2  H  N N 87  
GLN HB3  H  N N 88  
GLN HG2  H  N N 89  
GLN HG3  H  N N 90  
GLN HE21 H  N N 91  
GLN HE22 H  N N 92  
GLN HXT  H  N N 93  
GLU N    N  N N 94  
GLU CA   C  N S 95  
GLU C    C  N N 96  
GLU O    O  N N 97  
GLU CB   C  N N 98  
GLU CG   C  N N 99  
GLU CD   C  N N 100 
GLU OE1  O  N N 101 
GLU OE2  O  N N 102 
GLU OXT  O  N N 103 
GLU H    H  N N 104 
GLU H2   H  N N 105 
GLU HA   H  N N 106 
GLU HB2  H  N N 107 
GLU HB3  H  N N 108 
GLU HG2  H  N N 109 
GLU HG3  H  N N 110 
GLU HE2  H  N N 111 
GLU HXT  H  N N 112 
GLY N    N  N N 113 
GLY CA   C  N N 114 
GLY C    C  N N 115 
GLY O    O  N N 116 
GLY OXT  O  N N 117 
GLY H    H  N N 118 
GLY H2   H  N N 119 
GLY HA2  H  N N 120 
GLY HA3  H  N N 121 
GLY HXT  H  N N 122 
HIS N    N  N N 123 
HIS CA   C  N S 124 
HIS C    C  N N 125 
HIS O    O  N N 126 
HIS CB   C  N N 127 
HIS CG   C  Y N 128 
HIS ND1  N  Y N 129 
HIS CD2  C  Y N 130 
HIS CE1  C  Y N 131 
HIS NE2  N  Y N 132 
HIS OXT  O  N N 133 
HIS H    H  N N 134 
HIS H2   H  N N 135 
HIS HA   H  N N 136 
HIS HB2  H  N N 137 
HIS HB3  H  N N 138 
HIS HD1  H  N N 139 
HIS HD2  H  N N 140 
HIS HE1  H  N N 141 
HIS HE2  H  N N 142 
HIS HXT  H  N N 143 
ILE N    N  N N 144 
ILE CA   C  N S 145 
ILE C    C  N N 146 
ILE O    O  N N 147 
ILE CB   C  N S 148 
ILE CG1  C  N N 149 
ILE CG2  C  N N 150 
ILE CD1  C  N N 151 
ILE OXT  O  N N 152 
ILE H    H  N N 153 
ILE H2   H  N N 154 
ILE HA   H  N N 155 
ILE HB   H  N N 156 
ILE HG12 H  N N 157 
ILE HG13 H  N N 158 
ILE HG21 H  N N 159 
ILE HG22 H  N N 160 
ILE HG23 H  N N 161 
ILE HD11 H  N N 162 
ILE HD12 H  N N 163 
ILE HD13 H  N N 164 
ILE HXT  H  N N 165 
LEU N    N  N N 166 
LEU CA   C  N S 167 
LEU C    C  N N 168 
LEU O    O  N N 169 
LEU CB   C  N N 170 
LEU CG   C  N N 171 
LEU CD1  C  N N 172 
LEU CD2  C  N N 173 
LEU OXT  O  N N 174 
LEU H    H  N N 175 
LEU H2   H  N N 176 
LEU HA   H  N N 177 
LEU HB2  H  N N 178 
LEU HB3  H  N N 179 
LEU HG   H  N N 180 
LEU HD11 H  N N 181 
LEU HD12 H  N N 182 
LEU HD13 H  N N 183 
LEU HD21 H  N N 184 
LEU HD22 H  N N 185 
LEU HD23 H  N N 186 
LEU HXT  H  N N 187 
LYS N    N  N N 188 
LYS CA   C  N S 189 
LYS C    C  N N 190 
LYS O    O  N N 191 
LYS CB   C  N N 192 
LYS CG   C  N N 193 
LYS CD   C  N N 194 
LYS CE   C  N N 195 
LYS NZ   N  N N 196 
LYS OXT  O  N N 197 
LYS H    H  N N 198 
LYS H2   H  N N 199 
LYS HA   H  N N 200 
LYS HB2  H  N N 201 
LYS HB3  H  N N 202 
LYS HG2  H  N N 203 
LYS HG3  H  N N 204 
LYS HD2  H  N N 205 
LYS HD3  H  N N 206 
LYS HE2  H  N N 207 
LYS HE3  H  N N 208 
LYS HZ1  H  N N 209 
LYS HZ2  H  N N 210 
LYS HZ3  H  N N 211 
LYS HXT  H  N N 212 
MET N    N  N N 213 
MET CA   C  N S 214 
MET C    C  N N 215 
MET O    O  N N 216 
MET CB   C  N N 217 
MET CG   C  N N 218 
MET SD   S  N N 219 
MET CE   C  N N 220 
MET OXT  O  N N 221 
MET H    H  N N 222 
MET H2   H  N N 223 
MET HA   H  N N 224 
MET HB2  H  N N 225 
MET HB3  H  N N 226 
MET HG2  H  N N 227 
MET HG3  H  N N 228 
MET HE1  H  N N 229 
MET HE2  H  N N 230 
MET HE3  H  N N 231 
MET HXT  H  N N 232 
PHE N    N  N N 233 
PHE CA   C  N S 234 
PHE C    C  N N 235 
PHE O    O  N N 236 
PHE CB   C  N N 237 
PHE CG   C  Y N 238 
PHE CD1  C  Y N 239 
PHE CD2  C  Y N 240 
PHE CE1  C  Y N 241 
PHE CE2  C  Y N 242 
PHE CZ   C  Y N 243 
PHE OXT  O  N N 244 
PHE H    H  N N 245 
PHE H2   H  N N 246 
PHE HA   H  N N 247 
PHE HB2  H  N N 248 
PHE HB3  H  N N 249 
PHE HD1  H  N N 250 
PHE HD2  H  N N 251 
PHE HE1  H  N N 252 
PHE HE2  H  N N 253 
PHE HZ   H  N N 254 
PHE HXT  H  N N 255 
PRO N    N  N N 256 
PRO CA   C  N S 257 
PRO C    C  N N 258 
PRO O    O  N N 259 
PRO CB   C  N N 260 
PRO CG   C  N N 261 
PRO CD   C  N N 262 
PRO OXT  O  N N 263 
PRO H    H  N N 264 
PRO HA   H  N N 265 
PRO HB2  H  N N 266 
PRO HB3  H  N N 267 
PRO HG2  H  N N 268 
PRO HG3  H  N N 269 
PRO HD2  H  N N 270 
PRO HD3  H  N N 271 
PRO HXT  H  N N 272 
SER N    N  N N 273 
SER CA   C  N S 274 
SER C    C  N N 275 
SER O    O  N N 276 
SER CB   C  N N 277 
SER OG   O  N N 278 
SER OXT  O  N N 279 
SER H    H  N N 280 
SER H2   H  N N 281 
SER HA   H  N N 282 
SER HB2  H  N N 283 
SER HB3  H  N N 284 
SER HG   H  N N 285 
SER HXT  H  N N 286 
THR N    N  N N 287 
THR CA   C  N S 288 
THR C    C  N N 289 
THR O    O  N N 290 
THR CB   C  N R 291 
THR OG1  O  N N 292 
THR CG2  C  N N 293 
THR OXT  O  N N 294 
THR H    H  N N 295 
THR H2   H  N N 296 
THR HA   H  N N 297 
THR HB   H  N N 298 
THR HG1  H  N N 299 
THR HG21 H  N N 300 
THR HG22 H  N N 301 
THR HG23 H  N N 302 
THR HXT  H  N N 303 
TYR N    N  N N 304 
TYR CA   C  N S 305 
TYR C    C  N N 306 
TYR O    O  N N 307 
TYR CB   C  N N 308 
TYR CG   C  Y N 309 
TYR CD1  C  Y N 310 
TYR CD2  C  Y N 311 
TYR CE1  C  Y N 312 
TYR CE2  C  Y N 313 
TYR CZ   C  Y N 314 
TYR OH   O  N N 315 
TYR OXT  O  N N 316 
TYR H    H  N N 317 
TYR H2   H  N N 318 
TYR HA   H  N N 319 
TYR HB2  H  N N 320 
TYR HB3  H  N N 321 
TYR HD1  H  N N 322 
TYR HD2  H  N N 323 
TYR HE1  H  N N 324 
TYR HE2  H  N N 325 
TYR HH   H  N N 326 
TYR HXT  H  N N 327 
VAL N    N  N N 328 
VAL CA   C  N S 329 
VAL C    C  N N 330 
VAL O    O  N N 331 
VAL CB   C  N N 332 
VAL CG1  C  N N 333 
VAL CG2  C  N N 334 
VAL OXT  O  N N 335 
VAL H    H  N N 336 
VAL H2   H  N N 337 
VAL HA   H  N N 338 
VAL HB   H  N N 339 
VAL HG11 H  N N 340 
VAL HG12 H  N N 341 
VAL HG13 H  N N 342 
VAL HG21 H  N N 343 
VAL HG22 H  N N 344 
VAL HG23 H  N N 345 
VAL HXT  H  N N 346 
ZN  ZN   ZN N N 347 
# 
loop_
_chem_comp_bond.comp_id 
_chem_comp_bond.atom_id_1 
_chem_comp_bond.atom_id_2 
_chem_comp_bond.value_order 
_chem_comp_bond.pdbx_aromatic_flag 
_chem_comp_bond.pdbx_stereo_config 
_chem_comp_bond.pdbx_ordinal 
ALA N   CA   sing N N 1   
ALA N   H    sing N N 2   
ALA N   H2   sing N N 3   
ALA CA  C    sing N N 4   
ALA CA  CB   sing N N 5   
ALA CA  HA   sing N N 6   
ALA C   O    doub N N 7   
ALA C   OXT  sing N N 8   
ALA CB  HB1  sing N N 9   
ALA CB  HB2  sing N N 10  
ALA CB  HB3  sing N N 11  
ALA OXT HXT  sing N N 12  
ARG N   CA   sing N N 13  
ARG N   H    sing N N 14  
ARG N   H2   sing N N 15  
ARG CA  C    sing N N 16  
ARG CA  CB   sing N N 17  
ARG CA  HA   sing N N 18  
ARG C   O    doub N N 19  
ARG C   OXT  sing N N 20  
ARG CB  CG   sing N N 21  
ARG CB  HB2  sing N N 22  
ARG CB  HB3  sing N N 23  
ARG CG  CD   sing N N 24  
ARG CG  HG2  sing N N 25  
ARG CG  HG3  sing N N 26  
ARG CD  NE   sing N N 27  
ARG CD  HD2  sing N N 28  
ARG CD  HD3  sing N N 29  
ARG NE  CZ   sing N N 30  
ARG NE  HE   sing N N 31  
ARG CZ  NH1  sing N N 32  
ARG CZ  NH2  doub N N 33  
ARG NH1 HH11 sing N N 34  
ARG NH1 HH12 sing N N 35  
ARG NH2 HH21 sing N N 36  
ARG NH2 HH22 sing N N 37  
ARG OXT HXT  sing N N 38  
ASN N   CA   sing N N 39  
ASN N   H    sing N N 40  
ASN N   H2   sing N N 41  
ASN CA  C    sing N N 42  
ASN CA  CB   sing N N 43  
ASN CA  HA   sing N N 44  
ASN C   O    doub N N 45  
ASN C   OXT  sing N N 46  
ASN CB  CG   sing N N 47  
ASN CB  HB2  sing N N 48  
ASN CB  HB3  sing N N 49  
ASN CG  OD1  doub N N 50  
ASN CG  ND2  sing N N 51  
ASN ND2 HD21 sing N N 52  
ASN ND2 HD22 sing N N 53  
ASN OXT HXT  sing N N 54  
ASP N   CA   sing N N 55  
ASP N   H    sing N N 56  
ASP N   H2   sing N N 57  
ASP CA  C    sing N N 58  
ASP CA  CB   sing N N 59  
ASP CA  HA   sing N N 60  
ASP C   O    doub N N 61  
ASP C   OXT  sing N N 62  
ASP CB  CG   sing N N 63  
ASP CB  HB2  sing N N 64  
ASP CB  HB3  sing N N 65  
ASP CG  OD1  doub N N 66  
ASP CG  OD2  sing N N 67  
ASP OD2 HD2  sing N N 68  
ASP OXT HXT  sing N N 69  
GLN N   CA   sing N N 70  
GLN N   H    sing N N 71  
GLN N   H2   sing N N 72  
GLN CA  C    sing N N 73  
GLN CA  CB   sing N N 74  
GLN CA  HA   sing N N 75  
GLN C   O    doub N N 76  
GLN C   OXT  sing N N 77  
GLN CB  CG   sing N N 78  
GLN CB  HB2  sing N N 79  
GLN CB  HB3  sing N N 80  
GLN CG  CD   sing N N 81  
GLN CG  HG2  sing N N 82  
GLN CG  HG3  sing N N 83  
GLN CD  OE1  doub N N 84  
GLN CD  NE2  sing N N 85  
GLN NE2 HE21 sing N N 86  
GLN NE2 HE22 sing N N 87  
GLN OXT HXT  sing N N 88  
GLU N   CA   sing N N 89  
GLU N   H    sing N N 90  
GLU N   H2   sing N N 91  
GLU CA  C    sing N N 92  
GLU CA  CB   sing N N 93  
GLU CA  HA   sing N N 94  
GLU C   O    doub N N 95  
GLU C   OXT  sing N N 96  
GLU CB  CG   sing N N 97  
GLU CB  HB2  sing N N 98  
GLU CB  HB3  sing N N 99  
GLU CG  CD   sing N N 100 
GLU CG  HG2  sing N N 101 
GLU CG  HG3  sing N N 102 
GLU CD  OE1  doub N N 103 
GLU CD  OE2  sing N N 104 
GLU OE2 HE2  sing N N 105 
GLU OXT HXT  sing N N 106 
GLY N   CA   sing N N 107 
GLY N   H    sing N N 108 
GLY N   H2   sing N N 109 
GLY CA  C    sing N N 110 
GLY CA  HA2  sing N N 111 
GLY CA  HA3  sing N N 112 
GLY C   O    doub N N 113 
GLY C   OXT  sing N N 114 
GLY OXT HXT  sing N N 115 
HIS N   CA   sing N N 116 
HIS N   H    sing N N 117 
HIS N   H2   sing N N 118 
HIS CA  C    sing N N 119 
HIS CA  CB   sing N N 120 
HIS CA  HA   sing N N 121 
HIS C   O    doub N N 122 
HIS C   OXT  sing N N 123 
HIS CB  CG   sing N N 124 
HIS CB  HB2  sing N N 125 
HIS CB  HB3  sing N N 126 
HIS CG  ND1  sing Y N 127 
HIS CG  CD2  doub Y N 128 
HIS ND1 CE1  doub Y N 129 
HIS ND1 HD1  sing N N 130 
HIS CD2 NE2  sing Y N 131 
HIS CD2 HD2  sing N N 132 
HIS CE1 NE2  sing Y N 133 
HIS CE1 HE1  sing N N 134 
HIS NE2 HE2  sing N N 135 
HIS OXT HXT  sing N N 136 
ILE N   CA   sing N N 137 
ILE N   H    sing N N 138 
ILE N   H2   sing N N 139 
ILE CA  C    sing N N 140 
ILE CA  CB   sing N N 141 
ILE CA  HA   sing N N 142 
ILE C   O    doub N N 143 
ILE C   OXT  sing N N 144 
ILE CB  CG1  sing N N 145 
ILE CB  CG2  sing N N 146 
ILE CB  HB   sing N N 147 
ILE CG1 CD1  sing N N 148 
ILE CG1 HG12 sing N N 149 
ILE CG1 HG13 sing N N 150 
ILE CG2 HG21 sing N N 151 
ILE CG2 HG22 sing N N 152 
ILE CG2 HG23 sing N N 153 
ILE CD1 HD11 sing N N 154 
ILE CD1 HD12 sing N N 155 
ILE CD1 HD13 sing N N 156 
ILE OXT HXT  sing N N 157 
LEU N   CA   sing N N 158 
LEU N   H    sing N N 159 
LEU N   H2   sing N N 160 
LEU CA  C    sing N N 161 
LEU CA  CB   sing N N 162 
LEU CA  HA   sing N N 163 
LEU C   O    doub N N 164 
LEU C   OXT  sing N N 165 
LEU CB  CG   sing N N 166 
LEU CB  HB2  sing N N 167 
LEU CB  HB3  sing N N 168 
LEU CG  CD1  sing N N 169 
LEU CG  CD2  sing N N 170 
LEU CG  HG   sing N N 171 
LEU CD1 HD11 sing N N 172 
LEU CD1 HD12 sing N N 173 
LEU CD1 HD13 sing N N 174 
LEU CD2 HD21 sing N N 175 
LEU CD2 HD22 sing N N 176 
LEU CD2 HD23 sing N N 177 
LEU OXT HXT  sing N N 178 
LYS N   CA   sing N N 179 
LYS N   H    sing N N 180 
LYS N   H2   sing N N 181 
LYS CA  C    sing N N 182 
LYS CA  CB   sing N N 183 
LYS CA  HA   sing N N 184 
LYS C   O    doub N N 185 
LYS C   OXT  sing N N 186 
LYS CB  CG   sing N N 187 
LYS CB  HB2  sing N N 188 
LYS CB  HB3  sing N N 189 
LYS CG  CD   sing N N 190 
LYS CG  HG2  sing N N 191 
LYS CG  HG3  sing N N 192 
LYS CD  CE   sing N N 193 
LYS CD  HD2  sing N N 194 
LYS CD  HD3  sing N N 195 
LYS CE  NZ   sing N N 196 
LYS CE  HE2  sing N N 197 
LYS CE  HE3  sing N N 198 
LYS NZ  HZ1  sing N N 199 
LYS NZ  HZ2  sing N N 200 
LYS NZ  HZ3  sing N N 201 
LYS OXT HXT  sing N N 202 
MET N   CA   sing N N 203 
MET N   H    sing N N 204 
MET N   H2   sing N N 205 
MET CA  C    sing N N 206 
MET CA  CB   sing N N 207 
MET CA  HA   sing N N 208 
MET C   O    doub N N 209 
MET C   OXT  sing N N 210 
MET CB  CG   sing N N 211 
MET CB  HB2  sing N N 212 
MET CB  HB3  sing N N 213 
MET CG  SD   sing N N 214 
MET CG  HG2  sing N N 215 
MET CG  HG3  sing N N 216 
MET SD  CE   sing N N 217 
MET CE  HE1  sing N N 218 
MET CE  HE2  sing N N 219 
MET CE  HE3  sing N N 220 
MET OXT HXT  sing N N 221 
PHE N   CA   sing N N 222 
PHE N   H    sing N N 223 
PHE N   H2   sing N N 224 
PHE CA  C    sing N N 225 
PHE CA  CB   sing N N 226 
PHE CA  HA   sing N N 227 
PHE C   O    doub N N 228 
PHE C   OXT  sing N N 229 
PHE CB  CG   sing N N 230 
PHE CB  HB2  sing N N 231 
PHE CB  HB3  sing N N 232 
PHE CG  CD1  doub Y N 233 
PHE CG  CD2  sing Y N 234 
PHE CD1 CE1  sing Y N 235 
PHE CD1 HD1  sing N N 236 
PHE CD2 CE2  doub Y N 237 
PHE CD2 HD2  sing N N 238 
PHE CE1 CZ   doub Y N 239 
PHE CE1 HE1  sing N N 240 
PHE CE2 CZ   sing Y N 241 
PHE CE2 HE2  sing N N 242 
PHE CZ  HZ   sing N N 243 
PHE OXT HXT  sing N N 244 
PRO N   CA   sing N N 245 
PRO N   CD   sing N N 246 
PRO N   H    sing N N 247 
PRO CA  C    sing N N 248 
PRO CA  CB   sing N N 249 
PRO CA  HA   sing N N 250 
PRO C   O    doub N N 251 
PRO C   OXT  sing N N 252 
PRO CB  CG   sing N N 253 
PRO CB  HB2  sing N N 254 
PRO CB  HB3  sing N N 255 
PRO CG  CD   sing N N 256 
PRO CG  HG2  sing N N 257 
PRO CG  HG3  sing N N 258 
PRO CD  HD2  sing N N 259 
PRO CD  HD3  sing N N 260 
PRO OXT HXT  sing N N 261 
SER N   CA   sing N N 262 
SER N   H    sing N N 263 
SER N   H2   sing N N 264 
SER CA  C    sing N N 265 
SER CA  CB   sing N N 266 
SER CA  HA   sing N N 267 
SER C   O    doub N N 268 
SER C   OXT  sing N N 269 
SER CB  OG   sing N N 270 
SER CB  HB2  sing N N 271 
SER CB  HB3  sing N N 272 
SER OG  HG   sing N N 273 
SER OXT HXT  sing N N 274 
THR N   CA   sing N N 275 
THR N   H    sing N N 276 
THR N   H2   sing N N 277 
THR CA  C    sing N N 278 
THR CA  CB   sing N N 279 
THR CA  HA   sing N N 280 
THR C   O    doub N N 281 
THR C   OXT  sing N N 282 
THR CB  OG1  sing N N 283 
THR CB  CG2  sing N N 284 
THR CB  HB   sing N N 285 
THR OG1 HG1  sing N N 286 
THR CG2 HG21 sing N N 287 
THR CG2 HG22 sing N N 288 
THR CG2 HG23 sing N N 289 
THR OXT HXT  sing N N 290 
TYR N   CA   sing N N 291 
TYR N   H    sing N N 292 
TYR N   H2   sing N N 293 
TYR CA  C    sing N N 294 
TYR CA  CB   sing N N 295 
TYR CA  HA   sing N N 296 
TYR C   O    doub N N 297 
TYR C   OXT  sing N N 298 
TYR CB  CG   sing N N 299 
TYR CB  HB2  sing N N 300 
TYR CB  HB3  sing N N 301 
TYR CG  CD1  doub Y N 302 
TYR CG  CD2  sing Y N 303 
TYR CD1 CE1  sing Y N 304 
TYR CD1 HD1  sing N N 305 
TYR CD2 CE2  doub Y N 306 
TYR CD2 HD2  sing N N 307 
TYR CE1 CZ   doub Y N 308 
TYR CE1 HE1  sing N N 309 
TYR CE2 CZ   sing Y N 310 
TYR CE2 HE2  sing N N 311 
TYR CZ  OH   sing N N 312 
TYR OH  HH   sing N N 313 
TYR OXT HXT  sing N N 314 
VAL N   CA   sing N N 315 
VAL N   H    sing N N 316 
VAL N   H2   sing N N 317 
VAL CA  C    sing N N 318 
VAL CA  CB   sing N N 319 
VAL CA  HA   sing N N 320 
VAL C   O    doub N N 321 
VAL C   OXT  sing N N 322 
VAL CB  CG1  sing N N 323 
VAL CB  CG2  sing N N 324 
VAL CB  HB   sing N N 325 
VAL CG1 HG11 sing N N 326 
VAL CG1 HG12 sing N N 327 
VAL CG1 HG13 sing N N 328 
VAL CG2 HG21 sing N N 329 
VAL CG2 HG22 sing N N 330 
VAL CG2 HG23 sing N N 331 
VAL OXT HXT  sing N N 332 
# 
_em_admin.current_status     REL 
_em_admin.deposition_date    2024-10-24 
_em_admin.deposition_site    PDBJ 
_em_admin.entry_id           9K8K 
_em_admin.last_update        2025-10-29 
_em_admin.map_release_date   2025-10-29 
_em_admin.title              
'Cryo-EM structure of C2 symmetric interface of designed zinc-induced tetrahedron Cage-t32-Zn1-HEHE-36' 
# 
_em_ctf_correction.details                  ? 
_em_ctf_correction.em_image_processing_id   1 
_em_ctf_correction.id                       1 
_em_ctf_correction.type                     'PHASE FLIPPING AND AMPLITUDE CORRECTION' 
# 
_em_entity_assembly_molwt.entity_assembly_id   1 
_em_entity_assembly_molwt.experimental_flag    YES 
_em_entity_assembly_molwt.id                   1 
_em_entity_assembly_molwt.units                MEGADALTONS 
_em_entity_assembly_molwt.value                0.339 
# 
_em_entity_assembly_naturalsource.cell                 ? 
_em_entity_assembly_naturalsource.cellular_location    ? 
_em_entity_assembly_naturalsource.entity_assembly_id   1 
_em_entity_assembly_naturalsource.id                   2 
_em_entity_assembly_naturalsource.ncbi_tax_id          562 
_em_entity_assembly_naturalsource.organism             'Escherichia coli' 
_em_entity_assembly_naturalsource.organelle            ? 
_em_entity_assembly_naturalsource.organ                ? 
_em_entity_assembly_naturalsource.strain               ? 
_em_entity_assembly_naturalsource.tissue               ? 
_em_entity_assembly_naturalsource.details              ? 
# 
_em_entity_assembly_recombinant.cell                 ? 
_em_entity_assembly_recombinant.entity_assembly_id   1 
_em_entity_assembly_recombinant.id                   2 
_em_entity_assembly_recombinant.ncbi_tax_id          562 
_em_entity_assembly_recombinant.organism             'Escherichia coli' 
_em_entity_assembly_recombinant.plasmid              ? 
_em_entity_assembly_recombinant.strain               ? 
# 
_em_image_processing.details              ? 
_em_image_processing.id                   1 
_em_image_processing.image_recording_id   1 
# 
_em_image_recording.average_exposure_time               ? 
_em_image_recording.avg_electron_dose_per_subtomogram   ? 
_em_image_recording.avg_electron_dose_per_image         50 
_em_image_recording.details                             ? 
_em_image_recording.detector_mode                       ? 
_em_image_recording.film_or_detector_model              'GATAN K3 (6k x 4k)' 
_em_image_recording.id                                  1 
_em_image_recording.imaging_id                          1 
_em_image_recording.num_diffraction_images              ? 
_em_image_recording.num_grids_imaged                    ? 
_em_image_recording.num_real_images                     ? 
# 
loop_
_em_software.category 
_em_software.details 
_em_software.id 
_em_software.image_processing_id 
_em_software.fitting_id 
_em_software.imaging_id 
_em_software.name 
_em_software.version 
'PARTICLE SELECTION'       ? 1  1 ? ? ? ? 
'IMAGE ACQUISITION'        ? 2  ? ? 1 ? ? 
MASKING                    ? 3  ? ? ? ? ? 
'CTF CORRECTION'           ? 4  1 ? ? ? ? 
'LAYERLINE INDEXING'       ? 5  ? ? ? ? ? 
'DIFFRACTION INDEXING'     ? 6  ? ? ? ? ? 
'MODEL FITTING'            ? 7  ? ? ? ? ? 
'MODEL REFINEMENT'         ? 8  ? ? ? ? ? 
OTHER                      ? 9  ? ? ? ? ? 
'INITIAL EULER ASSIGNMENT' ? 10 1 ? ? ? ? 
'FINAL EULER ASSIGNMENT'   ? 11 1 ? ? ? ? 
CLASSIFICATION             ? 12 1 ? ? ? ? 
RECONSTRUCTION             ? 13 1 ? ? ? ? 
# 
_em_specimen.concentration           ? 
_em_specimen.details                 ? 
_em_specimen.embedding_applied       NO 
_em_specimen.experiment_id           1 
_em_specimen.id                      1 
_em_specimen.shadowing_applied       NO 
_em_specimen.staining_applied        NO 
_em_specimen.vitrification_applied   YES 
# 
_pdbx_audit_support.funding_organization   'Ministry of Science and Technology (MoST, China)' 
_pdbx_audit_support.country                China 
_pdbx_audit_support.grant_number           ? 
_pdbx_audit_support.ordinal                1 
# 
_atom_sites.entry_id                    9K8K 
_atom_sites.Cartn_transf_matrix[1][1]   ? 
_atom_sites.Cartn_transf_matrix[1][2]   ? 
_atom_sites.Cartn_transf_matrix[1][3]   ? 
_atom_sites.Cartn_transf_matrix[2][1]   ? 
_atom_sites.Cartn_transf_matrix[2][2]   ? 
_atom_sites.Cartn_transf_matrix[2][3]   ? 
_atom_sites.Cartn_transf_matrix[3][1]   ? 
_atom_sites.Cartn_transf_matrix[3][2]   ? 
_atom_sites.Cartn_transf_matrix[3][3]   ? 
_atom_sites.Cartn_transf_vector[1]      ? 
_atom_sites.Cartn_transf_vector[2]      ? 
_atom_sites.Cartn_transf_vector[3]      ? 
_atom_sites.Cartn_transform_axes        ? 
_atom_sites.fract_transf_matrix[1][1]   1.000000 
_atom_sites.fract_transf_matrix[1][2]   0.000000 
_atom_sites.fract_transf_matrix[1][3]   0.000000 
_atom_sites.fract_transf_matrix[2][1]   0.000000 
_atom_sites.fract_transf_matrix[2][2]   1.000000 
_atom_sites.fract_transf_matrix[2][3]   0.000000 
_atom_sites.fract_transf_matrix[3][1]   0.000000 
_atom_sites.fract_transf_matrix[3][2]   0.000000 
_atom_sites.fract_transf_matrix[3][3]   1.000000 
_atom_sites.fract_transf_vector[1]      0.00000 
_atom_sites.fract_transf_vector[2]      0.00000 
_atom_sites.fract_transf_vector[3]      0.00000 
_atom_sites.solution_primary            ? 
_atom_sites.solution_secondary          ? 
_atom_sites.solution_hydrogens          ? 
_atom_sites.special_details             ? 
# 
loop_
_atom_type.symbol 
C  
N  
O  
S  
ZN 
# 
loop_
_atom_site.group_PDB 
_atom_site.id 
_atom_site.type_symbol 
_atom_site.label_atom_id 
_atom_site.label_alt_id 
_atom_site.label_comp_id 
_atom_site.label_asym_id 
_atom_site.label_entity_id 
_atom_site.label_seq_id 
_atom_site.pdbx_PDB_ins_code 
_atom_site.Cartn_x 
_atom_site.Cartn_y 
_atom_site.Cartn_z 
_atom_site.occupancy 
_atom_site.B_iso_or_equiv 
_atom_site.pdbx_formal_charge 
_atom_site.auth_seq_id 
_atom_site.auth_comp_id 
_atom_site.auth_asym_id 
_atom_site.auth_atom_id 
_atom_site.pdbx_PDB_model_num 
ATOM   1   N  N   . LEU A 1 216 ? 3.592   -15.965 -1.422  1.00 13.06 ? 197 LEU A N   1 
ATOM   2   C  CA  . LEU A 1 216 ? 4.251   -14.900 -0.675  1.00 15.59 ? 197 LEU A CA  1 
ATOM   3   C  C   . LEU A 1 216 ? 3.815   -13.523 -1.150  1.00 14.11 ? 197 LEU A C   1 
ATOM   4   O  O   . LEU A 1 216 ? 4.234   -12.509 -0.599  1.00 15.27 ? 197 LEU A O   1 
ATOM   5   C  CB  . LEU A 1 216 ? 5.770   -15.030 -0.780  1.00 18.16 ? 197 LEU A CB  1 
ATOM   6   C  CG  . LEU A 1 216 ? 6.423   -16.071 0.125   1.00 14.74 ? 197 LEU A CG  1 
ATOM   7   C  CD1 . LEU A 1 216 ? 6.698   -17.354 -0.632  1.00 12.15 ? 197 LEU A CD1 1 
ATOM   8   C  CD2 . LEU A 1 216 ? 7.697   -15.503 0.698   1.00 17.72 ? 197 LEU A CD2 1 
ATOM   9   N  N   . LYS A 1 217 ? 2.983   -13.489 -2.188  1.00 21.58 ? 198 LYS A N   1 
ATOM   10  C  CA  . LYS A 1 217 ? 2.357   -12.249 -2.626  1.00 22.52 ? 198 LYS A CA  1 
ATOM   11  C  C   . LYS A 1 217 ? 1.037   -11.982 -1.925  1.00 19.95 ? 198 LYS A C   1 
ATOM   12  O  O   . LYS A 1 217 ? 0.675   -10.819 -1.728  1.00 17.28 ? 198 LYS A O   1 
ATOM   13  C  CB  . LYS A 1 217 ? 2.127   -12.270 -4.140  1.00 18.92 ? 198 LYS A CB  1 
ATOM   14  C  CG  . LYS A 1 217 ? 1.848   -10.904 -4.739  1.00 18.94 ? 198 LYS A CG  1 
ATOM   15  C  CD  . LYS A 1 217 ? 1.738   -10.968 -6.253  1.00 22.15 ? 198 LYS A CD  1 
ATOM   16  C  CE  . LYS A 1 217 ? 0.808   -9.885  -6.781  1.00 27.15 ? 198 LYS A CE  1 
ATOM   17  N  NZ  . LYS A 1 217 ? -0.622  -10.225 -6.551  1.00 27.02 ? 198 LYS A NZ  1 
ATOM   18  N  N   . GLY A 1 218 ? 0.310   -13.037 -1.552  1.00 21.42 ? 199 GLY A N   1 
ATOM   19  C  CA  . GLY A 1 218 ? -0.890  -12.871 -0.755  1.00 16.06 ? 199 GLY A CA  1 
ATOM   20  C  C   . GLY A 1 218 ? -0.631  -12.594 0.707   1.00 18.67 ? 199 GLY A C   1 
ATOM   21  O  O   . GLY A 1 218 ? -1.496  -12.030 1.378   1.00 21.09 ? 199 GLY A O   1 
ATOM   22  N  N   . VAL A 1 219 ? 0.546   -12.963 1.213   1.00 18.57 ? 200 VAL A N   1 
ATOM   23  C  CA  . VAL A 1 219 ? 0.882   -12.678 2.604   1.00 18.86 ? 200 VAL A CA  1 
ATOM   24  C  C   . VAL A 1 219 ? 1.041   -11.179 2.823   1.00 17.80 ? 200 VAL A C   1 
ATOM   25  O  O   . VAL A 1 219 ? 0.572   -10.629 3.826   1.00 19.87 ? 200 VAL A O   1 
ATOM   26  C  CB  . VAL A 1 219 ? 2.148   -13.448 3.013   1.00 15.04 ? 200 VAL A CB  1 
ATOM   27  C  CG1 . VAL A 1 219 ? 2.409   -13.274 4.494   1.00 16.57 ? 200 VAL A CG1 1 
ATOM   28  C  CG2 . VAL A 1 219 ? 2.008   -14.916 2.667   1.00 16.67 ? 200 VAL A CG2 1 
ATOM   29  N  N   . VAL A 1 220 ? 1.705   -10.494 1.890   1.00 15.13 ? 201 VAL A N   1 
ATOM   30  C  CA  . VAL A 1 220 ? 1.868   -9.048  1.998   1.00 17.19 ? 201 VAL A CA  1 
ATOM   31  C  C   . VAL A 1 220 ? 0.516   -8.350  1.952   1.00 18.50 ? 201 VAL A C   1 
ATOM   32  O  O   . VAL A 1 220 ? 0.247   -7.428  2.732   1.00 21.44 ? 201 VAL A O   1 
ATOM   33  C  CB  . VAL A 1 220 ? 2.806   -8.536  0.893   1.00 18.88 ? 201 VAL A CB  1 
ATOM   34  C  CG1 . VAL A 1 220 ? 2.755   -7.034  0.819   1.00 12.25 ? 201 VAL A CG1 1 
ATOM   35  C  CG2 . VAL A 1 220 ? 4.224   -9.008  1.149   1.00 17.63 ? 201 VAL A CG2 1 
ATOM   36  N  N   . ASP A 1 221 ? -0.359  -8.776  1.040   1.00 21.23 ? 202 ASP A N   1 
ATOM   37  C  CA  . ASP A 1 221 ? -1.685  -8.175  0.963   1.00 18.78 ? 202 ASP A CA  1 
ATOM   38  C  C   . ASP A 1 221 ? -2.520  -8.492  2.194   1.00 20.16 ? 202 ASP A C   1 
ATOM   39  O  O   . ASP A 1 221 ? -3.312  -7.653  2.622   1.00 20.97 ? 202 ASP A O   1 
ATOM   40  C  CB  . ASP A 1 221 ? -2.406  -8.637  -0.299  1.00 17.56 ? 202 ASP A CB  1 
ATOM   41  C  CG  . ASP A 1 221 ? -1.708  -8.188  -1.561  1.00 19.94 ? 202 ASP A CG  1 
ATOM   42  O  OD1 . ASP A 1 221 ? -1.203  -7.047  -1.587  1.00 27.52 ? 202 ASP A OD1 1 
ATOM   43  O  OD2 . ASP A 1 221 ? -1.668  -8.973  -2.529  1.00 14.38 ? 202 ASP A OD2 1 
ATOM   44  N  N   . THR A 1 222 ? -2.361  -9.682  2.779   1.00 16.33 ? 203 THR A N   1 
ATOM   45  C  CA  . THR A 1 222 ? -3.068  -9.998  4.018   1.00 15.90 ? 203 THR A CA  1 
ATOM   46  C  C   . THR A 1 222 ? -2.604  -9.108  5.162   1.00 18.85 ? 203 THR A C   1 
ATOM   47  O  O   . THR A 1 222 ? -3.427  -8.599  5.934   1.00 25.32 ? 203 THR A O   1 
ATOM   48  C  CB  . THR A 1 222 ? -2.867  -11.469 4.374   1.00 17.72 ? 203 THR A CB  1 
ATOM   49  O  OG1 . THR A 1 222 ? -3.377  -12.290 3.318   1.00 23.77 ? 203 THR A OG1 1 
ATOM   50  C  CG2 . THR A 1 222 ? -3.595  -11.808 5.659   1.00 17.83 ? 203 THR A CG2 1 
ATOM   51  N  N   . VAL A 1 223 ? -1.293  -8.897  5.284   1.00 17.22 ? 204 VAL A N   1 
ATOM   52  C  CA  . VAL A 1 223 ? -0.782  -8.033  6.344   1.00 14.39 ? 204 VAL A CA  1 
ATOM   53  C  C   . VAL A 1 223 ? -1.256  -6.600  6.140   1.00 18.65 ? 204 VAL A C   1 
ATOM   54  O  O   . VAL A 1 223 ? -1.698  -5.937  7.086   1.00 24.42 ? 204 VAL A O   1 
ATOM   55  C  CB  . VAL A 1 223 ? 0.753   -8.121  6.419   1.00 13.89 ? 204 VAL A CB  1 
ATOM   56  C  CG1 . VAL A 1 223 ? 1.286   -7.123  7.418   1.00 13.49 ? 204 VAL A CG1 1 
ATOM   57  C  CG2 . VAL A 1 223 ? 1.179   -9.524  6.806   1.00 15.08 ? 204 VAL A CG2 1 
ATOM   58  N  N   . LEU A 1 224 ? -1.189  -6.100  4.903   1.00 14.20 ? 205 LEU A N   1 
ATOM   59  C  CA  . LEU A 1 224 ? -1.660  -4.745  4.631   1.00 13.03 ? 205 LEU A CA  1 
ATOM   60  C  C   . LEU A 1 224 ? -3.154  -4.610  4.890   1.00 15.70 ? 205 LEU A C   1 
ATOM   61  O  O   . LEU A 1 224 ? -3.605  -3.608  5.454   1.00 24.46 ? 205 LEU A O   1 
ATOM   62  C  CB  . LEU A 1 224 ? -1.336  -4.351  3.192   1.00 14.41 ? 205 LEU A CB  1 
ATOM   63  C  CG  . LEU A 1 224 ? -0.307  -3.242  2.991   1.00 17.68 ? 205 LEU A CG  1 
ATOM   64  C  CD1 . LEU A 1 224 ? -0.329  -2.774  1.551   1.00 23.22 ? 205 LEU A CD1 1 
ATOM   65  C  CD2 . LEU A 1 224 ? -0.573  -2.086  3.933   1.00 17.64 ? 205 LEU A CD2 1 
ATOM   66  N  N   . LEU A 1 225 ? -3.941  -5.605  4.482   1.00 14.02 ? 206 LEU A N   1 
ATOM   67  C  CA  . LEU A 1 225 ? -5.386  -5.540  4.640   1.00 13.07 ? 206 LEU A CA  1 
ATOM   68  C  C   . LEU A 1 225 ? -5.794  -5.627  6.103   1.00 14.14 ? 206 LEU A C   1 
ATOM   69  O  O   . LEU A 1 225 ? -6.798  -5.026  6.501   1.00 21.09 ? 206 LEU A O   1 
ATOM   70  C  CB  . LEU A 1 225 ? -6.033  -6.657  3.821   1.00 16.43 ? 206 LEU A CB  1 
ATOM   71  C  CG  . LEU A 1 225 ? -7.420  -7.173  4.185   1.00 20.36 ? 206 LEU A CG  1 
ATOM   72  C  CD1 . LEU A 1 225 ? -8.480  -6.218  3.687   1.00 23.42 ? 206 LEU A CD1 1 
ATOM   73  C  CD2 . LEU A 1 225 ? -7.628  -8.558  3.602   1.00 22.72 ? 206 LEU A CD2 1 
ATOM   74  N  N   . TYR A 1 226 ? -5.041  -6.369  6.915   1.00 20.37 ? 207 TYR A N   1 
ATOM   75  C  CA  . TYR A 1 226 ? -5.303  -6.401  8.345   1.00 23.59 ? 207 TYR A CA  1 
ATOM   76  C  C   . TYR A 1 226 ? -4.746  -5.187  9.072   1.00 21.23 ? 207 TYR A C   1 
ATOM   77  O  O   . TYR A 1 226 ? -5.178  -4.903  10.193  1.00 23.44 ? 207 TYR A O   1 
ATOM   78  C  CB  . TYR A 1 226 ? -4.734  -7.679  8.954   1.00 20.41 ? 207 TYR A CB  1 
ATOM   79  C  CG  . TYR A 1 226 ? -5.698  -8.836  8.923   1.00 18.94 ? 207 TYR A CG  1 
ATOM   80  C  CD1 . TYR A 1 226 ? -5.761  -9.683  7.830   1.00 21.92 ? 207 TYR A CD1 1 
ATOM   81  C  CD2 . TYR A 1 226 ? -6.552  -9.077  9.986   1.00 19.54 ? 207 TYR A CD2 1 
ATOM   82  C  CE1 . TYR A 1 226 ? -6.644  -10.739 7.797   1.00 25.08 ? 207 TYR A CE1 1 
ATOM   83  C  CE2 . TYR A 1 226 ? -7.436  -10.129 9.962   1.00 22.61 ? 207 TYR A CE2 1 
ATOM   84  C  CZ  . TYR A 1 226 ? -7.481  -10.957 8.867   1.00 27.25 ? 207 TYR A CZ  1 
ATOM   85  O  OH  . TYR A 1 226 ? -8.366  -12.008 8.846   1.00 30.25 ? 207 TYR A OH  1 
ATOM   86  N  N   . TYR A 1 227 ? -3.797  -4.469  8.471   1.00 15.86 ? 208 TYR A N   1 
ATOM   87  C  CA  . TYR A 1 227 ? -3.341  -3.221  9.072   1.00 16.87 ? 208 TYR A CA  1 
ATOM   88  C  C   . TYR A 1 227 ? -4.310  -2.078  8.790   1.00 21.41 ? 208 TYR A C   1 
ATOM   89  O  O   . TYR A 1 227 ? -4.721  -1.367  9.712   1.00 28.49 ? 208 TYR A O   1 
ATOM   90  C  CB  . TYR A 1 227 ? -1.947  -2.858  8.567   1.00 18.68 ? 208 TYR A CB  1 
ATOM   91  C  CG  . TYR A 1 227 ? -1.436  -1.566  9.152   1.00 21.79 ? 208 TYR A CG  1 
ATOM   92  C  CD1 . TYR A 1 227 ? -1.656  -1.252  10.485  1.00 20.35 ? 208 TYR A CD1 1 
ATOM   93  C  CD2 . TYR A 1 227 ? -0.759  -0.647  8.369   1.00 19.66 ? 208 TYR A CD2 1 
ATOM   94  C  CE1 . TYR A 1 227 ? -1.202  -0.069  11.024  1.00 22.05 ? 208 TYR A CE1 1 
ATOM   95  C  CE2 . TYR A 1 227 ? -0.301  0.541   8.901   1.00 19.41 ? 208 TYR A CE2 1 
ATOM   96  C  CZ  . TYR A 1 227 ? -0.525  0.824   10.228  1.00 21.70 ? 208 TYR A CZ  1 
ATOM   97  O  OH  . TYR A 1 227 ? -0.072  2.004   10.761  1.00 24.52 ? 208 TYR A OH  1 
ATOM   98  N  N   . LEU A 1 228 ? -4.675  -1.880  7.519   1.00 19.29 ? 209 LEU A N   1 
ATOM   99  C  CA  . LEU A 1 228 ? -5.601  -0.804  7.171   1.00 15.01 ? 209 LEU A CA  1 
ATOM   100 C  C   . LEU A 1 228 ? -6.943  -0.984  7.858   1.00 22.34 ? 209 LEU A C   1 
ATOM   101 O  O   . LEU A 1 228 ? -7.591  0.001   8.224   1.00 26.84 ? 209 LEU A O   1 
ATOM   102 C  CB  . LEU A 1 228 ? -5.787  -0.729  5.657   1.00 13.03 ? 209 LEU A CB  1 
ATOM   103 C  CG  . LEU A 1 228 ? -4.508  -0.556  4.845   1.00 18.37 ? 209 LEU A CG  1 
ATOM   104 C  CD1 . LEU A 1 228 ? -4.787  -0.667  3.363   1.00 18.07 ? 209 LEU A CD1 1 
ATOM   105 C  CD2 . LEU A 1 228 ? -3.860  0.766   5.173   1.00 20.70 ? 209 LEU A CD2 1 
ATOM   106 N  N   . LYS A 1 229 ? -7.373  -2.231  8.046   1.00 25.54 ? 210 LYS A N   1 
ATOM   107 C  CA  . LYS A 1 229 ? -8.557  -2.504  8.848   1.00 28.19 ? 210 LYS A CA  1 
ATOM   108 C  C   . LYS A 1 229 ? -8.348  -2.127  10.310  1.00 26.81 ? 210 LYS A C   1 
ATOM   109 O  O   . LYS A 1 229 ? -9.323  -2.031  11.061  1.00 27.50 ? 210 LYS A O   1 
ATOM   110 C  CB  . LYS A 1 229 ? -8.928  -3.982  8.719   1.00 26.78 ? 210 LYS A CB  1 
ATOM   111 C  CG  . LYS A 1 229 ? -10.312 -4.346  9.205   1.00 26.36 ? 210 LYS A CG  1 
ATOM   112 C  CD  . LYS A 1 229 ? -10.970 -5.339  8.261   1.00 25.93 ? 210 LYS A CD  1 
ATOM   113 C  CE  . LYS A 1 229 ? -9.969  -6.354  7.739   1.00 27.60 ? 210 LYS A CE  1 
ATOM   114 N  NZ  . LYS A 1 229 ? -10.624 -7.422  6.940   1.00 29.44 ? 210 LYS A NZ  1 
ATOM   115 N  N   . GLY A 1 230 ? -7.102  -1.901  10.721  1.00 27.59 ? 211 GLY A N   1 
ATOM   116 C  CA  . GLY A 1 230 ? -6.796  -1.451  12.065  1.00 31.25 ? 211 GLY A CA  1 
ATOM   117 C  C   . GLY A 1 230 ? -7.020  -2.487  13.143  1.00 32.37 ? 211 GLY A C   1 
ATOM   118 O  O   . GLY A 1 230 ? -7.596  -2.176  14.190  1.00 33.92 ? 211 GLY A O   1 
ATOM   119 N  N   . GLU A 1 231 ? -6.567  -3.720  12.915  1.00 30.18 ? 212 GLU A N   1 
ATOM   120 C  CA  . GLU A 1 231 ? -6.817  -4.767  13.894  1.00 27.67 ? 212 GLU A CA  1 
ATOM   121 C  C   . GLU A 1 231 ? -5.631  -5.693  14.143  1.00 30.73 ? 212 GLU A C   1 
ATOM   122 O  O   . GLU A 1 231 ? -5.832  -6.784  14.688  1.00 35.25 ? 212 GLU A O   1 
ATOM   123 C  CB  . GLU A 1 231 ? -8.031  -5.603  13.480  1.00 30.28 ? 212 GLU A CB  1 
ATOM   124 C  CG  . GLU A 1 231 ? -7.869  -6.338  12.168  1.00 31.45 ? 212 GLU A CG  1 
ATOM   125 C  CD  . GLU A 1 231 ? -8.998  -7.316  11.922  1.00 34.40 ? 212 GLU A CD  1 
ATOM   126 O  OE1 . GLU A 1 231 ? -10.073 -6.882  11.460  1.00 32.24 ? 212 GLU A OE1 1 
ATOM   127 O  OE2 . GLU A 1 231 ? -8.815  -8.517  12.206  1.00 32.96 ? 212 GLU A OE2 1 
ATOM   128 N  N   . VAL A 1 232 ? -4.406  -5.316  13.775  1.00 28.45 ? 213 VAL A N   1 
ATOM   129 C  CA  . VAL A 1 232 ? -3.277  -6.146  14.180  1.00 25.69 ? 213 VAL A CA  1 
ATOM   130 C  C   . VAL A 1 232 ? -2.271  -5.348  14.999  1.00 24.80 ? 213 VAL A C   1 
ATOM   131 O  O   . VAL A 1 232 ? -2.193  -5.512  16.221  1.00 25.27 ? 213 VAL A O   1 
ATOM   132 C  CB  . VAL A 1 232 ? -2.600  -6.780  12.951  1.00 21.31 ? 213 VAL A CB  1 
ATOM   133 C  CG1 . VAL A 1 232 ? -1.299  -7.445  13.338  1.00 26.02 ? 213 VAL A CG1 1 
ATOM   134 C  CG2 . VAL A 1 232 ? -3.519  -7.803  12.328  1.00 24.11 ? 213 VAL A CG2 1 
ATOM   135 N  N   . SER A 1 233 ? -1.530  -4.452  14.342  1.00 19.42 ? 214 SER A N   1 
ATOM   136 C  CA  . SER A 1 233 ? -0.523  -3.610  14.985  1.00 21.60 ? 214 SER A CA  1 
ATOM   137 C  C   . SER A 1 233 ? 0.195   -2.770  13.940  1.00 22.38 ? 214 SER A C   1 
ATOM   138 O  O   . SER A 1 233 ? -0.044  -2.926  12.740  1.00 22.68 ? 214 SER A O   1 
ATOM   139 C  CB  . SER A 1 233 ? 0.510   -4.431  15.767  1.00 26.51 ? 214 SER A CB  1 
ATOM   140 O  OG  . SER A 1 233 ? -0.076  -5.144  16.842  1.00 25.06 ? 214 SER A OG  1 
ATOM   141 N  N   . LYS A 1 234 ? 1.076   -1.879  14.384  1.00 24.51 ? 215 LYS A N   1 
ATOM   142 C  CA  . LYS A 1 234 ? 2.090   -1.353  13.482  1.00 24.48 ? 215 LYS A CA  1 
ATOM   143 C  C   . LYS A 1 234 ? 3.413   -2.088  13.640  1.00 23.90 ? 215 LYS A C   1 
ATOM   144 O  O   . LYS A 1 234 ? 4.142   -2.261  12.661  1.00 25.59 ? 215 LYS A O   1 
ATOM   145 C  CB  . LYS A 1 234 ? 2.297   0.144   13.712  1.00 26.32 ? 215 LYS A CB  1 
ATOM   146 C  CG  . LYS A 1 234 ? 3.208   0.786   12.680  1.00 22.76 ? 215 LYS A CG  1 
ATOM   147 C  CD  . LYS A 1 234 ? 3.748   2.115   13.159  1.00 22.90 ? 215 LYS A CD  1 
ATOM   148 C  CE  . LYS A 1 234 ? 2.804   3.244   12.795  1.00 26.83 ? 215 LYS A CE  1 
ATOM   149 N  NZ  . LYS A 1 234 ? 3.527   4.526   12.591  1.00 28.35 ? 215 LYS A NZ  1 
ATOM   150 N  N   . GLU A 1 235 ? 3.740   -2.523  14.858  1.00 19.02 ? 216 GLU A N   1 
ATOM   151 C  CA  . GLU A 1 235 ? 4.994   -3.235  15.085  1.00 19.36 ? 216 GLU A CA  1 
ATOM   152 C  C   . GLU A 1 235 ? 4.957   -4.628  14.468  1.00 21.60 ? 216 GLU A C   1 
ATOM   153 O  O   . GLU A 1 235 ? 5.890   -5.036  13.764  1.00 28.20 ? 216 GLU A O   1 
ATOM   154 C  CB  . GLU A 1 235 ? 5.274   -3.318  16.583  1.00 24.81 ? 216 GLU A CB  1 
ATOM   155 C  CG  . GLU A 1 235 ? 5.067   -2.005  17.319  1.00 28.77 ? 216 GLU A CG  1 
ATOM   156 C  CD  . GLU A 1 235 ? 3.749   -1.961  18.073  1.00 28.34 ? 216 GLU A CD  1 
ATOM   157 O  OE1 . GLU A 1 235 ? 3.321   -3.012  18.594  1.00 25.32 ? 216 GLU A OE1 1 
ATOM   158 O  OE2 . GLU A 1 235 ? 3.140   -0.874  18.142  1.00 25.53 ? 216 GLU A OE2 1 
ATOM   159 N  N   . ALA A 1 236 ? 3.879   -5.374  14.723  1.00 16.60 ? 217 ALA A N   1 
ATOM   160 C  CA  . ALA A 1 236 ? 3.782   -6.740  14.220  1.00 18.55 ? 217 ALA A CA  1 
ATOM   161 C  C   . ALA A 1 236 ? 3.763   -6.771  12.699  1.00 17.74 ? 217 ALA A C   1 
ATOM   162 O  O   . ALA A 1 236 ? 4.391   -7.637  12.078  1.00 20.30 ? 217 ALA A O   1 
ATOM   163 C  CB  . ALA A 1 236 ? 2.534   -7.416  14.786  1.00 13.80 ? 217 ALA A CB  1 
ATOM   164 N  N   . ALA A 1 237 ? 3.044   -5.834  12.081  1.00 12.99 ? 218 ALA A N   1 
ATOM   165 C  CA  . ALA A 1 237 ? 2.976   -5.795  10.626  1.00 12.97 ? 218 ALA A CA  1 
ATOM   166 C  C   . ALA A 1 237 ? 4.350   -5.539  10.022  1.00 14.92 ? 218 ALA A C   1 
ATOM   167 O  O   . ALA A 1 237 ? 4.753   -6.212  9.068   1.00 20.46 ? 218 ALA A O   1 
ATOM   168 C  CB  . ALA A 1 237 ? 1.977   -4.731  10.176  1.00 14.56 ? 218 ALA A CB  1 
ATOM   169 N  N   . VAL A 1 238 ? 5.095   -4.582  10.577  1.00 13.08 ? 219 VAL A N   1 
ATOM   170 C  CA  . VAL A 1 238 ? 6.420   -4.285  10.041  1.00 13.48 ? 219 VAL A CA  1 
ATOM   171 C  C   . VAL A 1 238 ? 7.352   -5.471  10.243  1.00 15.65 ? 219 VAL A C   1 
ATOM   172 O  O   . VAL A 1 238 ? 8.161   -5.790  9.368   1.00 15.97 ? 219 VAL A O   1 
ATOM   173 C  CB  . VAL A 1 238 ? 6.992   -3.000  10.667  1.00 13.51 ? 219 VAL A CB  1 
ATOM   174 C  CG1 . VAL A 1 238 ? 8.359   -2.708  10.109  1.00 13.16 ? 219 VAL A CG1 1 
ATOM   175 C  CG2 . VAL A 1 238 ? 6.104   -1.830  10.376  1.00 17.04 ? 219 VAL A CG2 1 
ATOM   176 N  N   . ALA A 1 239 ? 7.253   -6.150  11.390  1.00 15.58 ? 220 ALA A N   1 
ATOM   177 C  CA  . ALA A 1 239 ? 8.109   -7.311  11.633  1.00 11.89 ? 220 ALA A CA  1 
ATOM   178 C  C   . ALA A 1 239 ? 7.843   -8.418  10.617  1.00 18.28 ? 220 ALA A C   1 
ATOM   179 O  O   . ALA A 1 239 ? 8.777   -8.956  10.000  1.00 29.07 ? 220 ALA A O   1 
ATOM   180 C  CB  . ALA A 1 239 ? 7.901   -7.824  13.056  1.00 8.87  ? 220 ALA A CB  1 
ATOM   181 N  N   . ILE A 1 240 ? 6.567   -8.761  10.413  1.00 14.69 ? 221 ILE A N   1 
ATOM   182 C  CA  . ILE A 1 240 ? 6.231   -9.818  9.464   1.00 11.42 ? 221 ILE A CA  1 
ATOM   183 C  C   . ILE A 1 240 ? 6.627   -9.415  8.050   1.00 9.62  ? 221 ILE A C   1 
ATOM   184 O  O   . ILE A 1 240 ? 7.101   -10.242 7.260   1.00 14.18 ? 221 ILE A O   1 
ATOM   185 C  CB  . ILE A 1 240 ? 4.736   -10.174 9.552   1.00 11.77 ? 221 ILE A CB  1 
ATOM   186 C  CG1 . ILE A 1 240 ? 4.370   -10.610 10.969  1.00 13.95 ? 221 ILE A CG1 1 
ATOM   187 C  CG2 . ILE A 1 240 ? 4.400   -11.279 8.580   1.00 12.84 ? 221 ILE A CG2 1 
ATOM   188 C  CD1 . ILE A 1 240 ? 2.892   -10.824 11.175  1.00 10.79 ? 221 ILE A CD1 1 
ATOM   189 N  N   . LEU A 1 241 ? 6.458   -8.137  7.708   1.00 9.42  ? 222 LEU A N   1 
ATOM   190 C  CA  . LEU A 1 241 ? 6.792   -7.706  6.358   1.00 13.68 ? 222 LEU A CA  1 
ATOM   191 C  C   . LEU A 1 241 ? 8.295   -7.638  6.134   1.00 12.15 ? 222 LEU A C   1 
ATOM   192 O  O   . LEU A 1 241 ? 8.749   -7.856  5.011   1.00 13.99 ? 222 LEU A O   1 
ATOM   193 C  CB  . LEU A 1 241 ? 6.130   -6.365  6.050   1.00 9.34  ? 222 LEU A CB  1 
ATOM   194 C  CG  . LEU A 1 241 ? 4.613   -6.462  5.883   1.00 7.10  ? 222 LEU A CG  1 
ATOM   195 C  CD1 . LEU A 1 241 ? 4.008   -5.110  5.601   1.00 10.66 ? 222 LEU A CD1 1 
ATOM   196 C  CD2 . LEU A 1 241 ? 4.268   -7.436  4.783   1.00 12.71 ? 222 LEU A CD2 1 
ATOM   197 N  N   . GLU A 1 242 ? 9.092   -7.360  7.171   1.00 8.85  ? 223 GLU A N   1 
ATOM   198 C  CA  . GLU A 1 242 ? 10.538  -7.458  6.993   1.00 7.12  ? 223 GLU A CA  1 
ATOM   199 C  C   . GLU A 1 242 ? 10.968  -8.908  6.826   1.00 6.89  ? 223 GLU A C   1 
ATOM   200 O  O   . GLU A 1 242 ? 11.879  -9.200  6.046   1.00 9.71  ? 223 GLU A O   1 
ATOM   201 C  CB  . GLU A 1 242 ? 11.308  -6.830  8.156   1.00 9.48  ? 223 GLU A CB  1 
ATOM   202 C  CG  . GLU A 1 242 ? 11.409  -5.318  8.137   1.00 14.86 ? 223 GLU A CG  1 
ATOM   203 C  CD  . GLU A 1 242 ? 11.406  -4.726  9.532   1.00 20.86 ? 223 GLU A CD  1 
ATOM   204 O  OE1 . GLU A 1 242 ? 10.430  -4.927  10.273  1.00 19.64 ? 223 GLU A OE1 1 
ATOM   205 O  OE2 . GLU A 1 242 ? 12.393  -4.049  9.886   1.00 21.45 ? 223 GLU A OE2 1 
ATOM   206 N  N   . LYS A 1 243 ? 10.327  -9.831  7.545   1.00 8.50  ? 224 LYS A N   1 
ATOM   207 C  CA  . LYS A 1 243 ? 10.614  -11.244 7.312   1.00 8.80  ? 224 LYS A CA  1 
ATOM   208 C  C   . LYS A 1 243 ? 10.298  -11.639 5.870   1.00 13.79 ? 224 LYS A C   1 
ATOM   209 O  O   . LYS A 1 243 ? 11.103  -12.308 5.201   1.00 11.10 ? 224 LYS A O   1 
ATOM   210 C  CB  . LYS A 1 243 ? 9.826   -12.109 8.297   1.00 9.34  ? 224 LYS A CB  1 
ATOM   211 C  CG  . LYS A 1 243 ? 9.429   -13.480 7.760   1.00 18.70 ? 224 LYS A CG  1 
ATOM   212 C  CD  . LYS A 1 243 ? 8.439   -14.187 8.681   1.00 16.22 ? 224 LYS A CD  1 
ATOM   213 C  CE  . LYS A 1 243 ? 8.103   -15.585 8.181   1.00 8.14  ? 224 LYS A CE  1 
ATOM   214 N  NZ  . LYS A 1 243 ? 7.543   -16.450 9.255   1.00 6.11  ? 224 LYS A NZ  1 
ATOM   215 N  N   . ILE A 1 244 ? 9.140   -11.206 5.364   1.00 13.17 ? 225 ILE A N   1 
ATOM   216 C  CA  . ILE A 1 244 ? 8.739   -11.548 4.000   1.00 10.88 ? 225 ILE A CA  1 
ATOM   217 C  C   . ILE A 1 244 ? 9.657   -10.888 2.979   1.00 8.30  ? 225 ILE A C   1 
ATOM   218 O  O   . ILE A 1 244 ? 9.991   -11.484 1.951   1.00 14.17 ? 225 ILE A O   1 
ATOM   219 C  CB  . ILE A 1 244 ? 7.266   -11.173 3.768   1.00 11.02 ? 225 ILE A CB  1 
ATOM   220 C  CG1 . ILE A 1 244 ? 6.357   -12.028 4.648   1.00 15.24 ? 225 ILE A CG1 1 
ATOM   221 C  CG2 . ILE A 1 244 ? 6.897   -11.341 2.317   1.00 14.22 ? 225 ILE A CG2 1 
ATOM   222 C  CD1 . ILE A 1 244 ? 6.311   -13.475 4.240   1.00 13.93 ? 225 ILE A CD1 1 
ATOM   223 N  N   . LEU A 1 245 ? 10.079  -9.650  3.236   1.00 5.17  ? 226 LEU A N   1 
ATOM   224 C  CA  . LEU A 1 245 ? 11.010  -8.984  2.333   1.00 2.01  ? 226 LEU A CA  1 
ATOM   225 C  C   . LEU A 1 245 ? 12.364  -9.677  2.329   1.00 9.38  ? 226 LEU A C   1 
ATOM   226 O  O   . LEU A 1 245 ? 13.025  -9.741  1.291   1.00 11.01 ? 226 LEU A O   1 
ATOM   227 C  CB  . LEU A 1 245 ? 11.161  -7.514  2.720   1.00 4.71  ? 226 LEU A CB  1 
ATOM   228 C  CG  . LEU A 1 245 ? 12.308  -6.746  2.066   1.00 0.67  ? 226 LEU A CG  1 
ATOM   229 C  CD1 . LEU A 1 245 ? 12.159  -6.740  0.565   1.00 11.75 ? 226 LEU A CD1 1 
ATOM   230 C  CD2 . LEU A 1 245 ? 12.379  -5.331  2.597   1.00 4.04  ? 226 LEU A CD2 1 
ATOM   231 N  N   . LYS A 1 246 ? 12.802  -10.190 3.483   1.00 12.32 ? 227 LYS A N   1 
ATOM   232 C  CA  . LYS A 1 246 ? 14.045  -10.954 3.529   1.00 6.55  ? 227 LYS A CA  1 
ATOM   233 C  C   . LYS A 1 246 ? 13.942  -12.220 2.689   1.00 8.05  ? 227 LYS A C   1 
ATOM   234 O  O   . LYS A 1 246 ? 14.856  -12.540 1.917   1.00 11.98 ? 227 LYS A O   1 
ATOM   235 C  CB  . LYS A 1 246 ? 14.386  -11.293 4.978   1.00 8.18  ? 227 LYS A CB  1 
ATOM   236 C  CG  . LYS A 1 246 ? 15.803  -11.771 5.209   1.00 7.61  ? 227 LYS A CG  1 
ATOM   237 C  CD  . LYS A 1 246 ? 16.032  -12.084 6.677   1.00 11.29 ? 227 LYS A CD  1 
ATOM   238 C  CE  . LYS A 1 246 ? 16.023  -10.814 7.509   1.00 10.66 ? 227 LYS A CE  1 
ATOM   239 N  NZ  . LYS A 1 246 ? 15.379  -11.014 8.834   1.00 10.23 ? 227 LYS A NZ  1 
ATOM   240 N  N   . VAL A 1 247 ? 12.826  -12.943 2.813   1.00 10.35 ? 228 VAL A N   1 
ATOM   241 C  CA  . VAL A 1 247 ? 12.623  -14.124 1.974   1.00 9.86  ? 228 VAL A CA  1 
ATOM   242 C  C   . VAL A 1 247 ? 12.617  -13.739 0.500   1.00 3.62  ? 228 VAL A C   1 
ATOM   243 O  O   . VAL A 1 247 ? 13.227  -14.415 -0.335  1.00 0.23  ? 228 VAL A O   1 
ATOM   244 C  CB  . VAL A 1 247 ? 11.325  -14.854 2.359   1.00 9.15  ? 228 VAL A CB  1 
ATOM   245 C  CG1 . VAL A 1 247 ? 11.176  -16.112 1.530   1.00 0.00  ? 228 VAL A CG1 1 
ATOM   246 C  CG2 . VAL A 1 247 ? 11.316  -15.184 3.837   1.00 12.16 ? 228 VAL A CG2 1 
ATOM   247 N  N   . ALA A 1 248 ? 11.929  -12.647 0.157   1.00 14.03 ? 229 ALA A N   1 
ATOM   248 C  CA  . ALA A 1 248 ? 11.793  -12.203 -1.225  1.00 10.09 ? 229 ALA A CA  1 
ATOM   249 C  C   . ALA A 1 248 ? 13.098  -11.714 -1.830  1.00 11.72 ? 229 ALA A C   1 
ATOM   250 O  O   . ALA A 1 248 ? 13.309  -11.895 -3.032  1.00 13.89 ? 229 ALA A O   1 
ATOM   251 C  CB  . ALA A 1 248 ? 10.757  -11.087 -1.310  1.00 5.74  ? 229 ALA A CB  1 
ATOM   252 N  N   . LYS A 1 249 ? 13.955  -11.078 -1.043  1.00 15.28 ? 230 LYS A N   1 
ATOM   253 C  CA  . LYS A 1 249 ? 15.270  -10.654 -1.497  1.00 16.03 ? 230 LYS A CA  1 
ATOM   254 C  C   . LYS A 1 249 ? 16.275  -11.794 -1.510  1.00 11.35 ? 230 LYS A C   1 
ATOM   255 O  O   . LYS A 1 249 ? 17.310  -11.680 -2.172  1.00 12.55 ? 230 LYS A O   1 
ATOM   256 C  CB  . LYS A 1 249 ? 15.791  -9.514  -0.615  1.00 10.37 ? 230 LYS A CB  1 
ATOM   257 C  CG  . LYS A 1 249 ? 16.763  -8.593  -1.318  1.00 9.27  ? 230 LYS A CG  1 
ATOM   258 C  CD  . LYS A 1 249 ? 16.614  -7.162  -0.848  1.00 6.63  ? 230 LYS A CD  1 
ATOM   259 C  CE  . LYS A 1 249 ? 16.570  -7.081  0.658   1.00 9.14  ? 230 LYS A CE  1 
ATOM   260 N  NZ  . LYS A 1 249 ? 16.930  -5.720  1.133   1.00 9.86  ? 230 LYS A NZ  1 
ATOM   261 N  N   . ALA A 1 250 ? 15.997  -12.887 -0.797  1.00 8.93  ? 231 ALA A N   1 
ATOM   262 C  CA  . ALA A 1 250 ? 16.805  -14.096 -0.885  1.00 10.49 ? 231 ALA A CA  1 
ATOM   263 C  C   . ALA A 1 250 ? 16.124  -15.149 -1.751  1.00 13.98 ? 231 ALA A C   1 
ATOM   264 O  O   . ALA A 1 250 ? 16.272  -16.349 -1.516  1.00 13.49 ? 231 ALA A O   1 
ATOM   265 C  CB  . ALA A 1 250 ? 17.106  -14.654 0.504   1.00 7.67  ? 231 ALA A CB  1 
ATOM   266 N  N   . LEU A 1 251 ? 15.359  -14.708 -2.749  1.00 18.08 ? 232 LEU A N   1 
ATOM   267 C  CA  . LEU A 1 251 ? 14.663  -15.618 -3.650  1.00 20.18 ? 232 LEU A CA  1 
ATOM   268 C  C   . LEU A 1 251 ? 14.969  -15.229 -5.089  1.00 22.78 ? 232 LEU A C   1 
ATOM   269 O  O   . LEU A 1 251 ? 15.010  -16.083 -5.979  1.00 26.01 ? 232 LEU A O   1 
ATOM   270 C  CB  . LEU A 1 251 ? 13.155  -15.590 -3.385  1.00 21.04 ? 232 LEU A CB  1 
ATOM   271 C  CG  . LEU A 1 251 ? 12.347  -16.885 -3.501  1.00 18.76 ? 232 LEU A CG  1 
ATOM   272 C  CD1 . LEU A 1 251 ? 10.915  -16.653 -3.058  1.00 14.79 ? 232 LEU A CD1 1 
ATOM   273 C  CD2 . LEU A 1 251 ? 12.381  -17.454 -4.902  1.00 18.79 ? 232 LEU A CD2 1 
ATOM   274 N  N   . GLY A 1 252 ? 15.196  -13.942 -5.321  1.00 21.27 ? 233 GLY A N   1 
ATOM   275 C  CA  . GLY A 1 252 ? 15.557  -13.452 -6.631  1.00 21.99 ? 233 GLY A CA  1 
ATOM   276 C  C   . GLY A 1 252 ? 14.419  -12.941 -7.484  1.00 25.03 ? 233 GLY A C   1 
ATOM   277 O  O   . GLY A 1 252 ? 14.622  -12.730 -8.685  1.00 23.66 ? 233 GLY A O   1 
ATOM   278 N  N   . ASP A 1 253 ? 13.234  -12.744 -6.913  1.00 25.81 ? 234 ASP A N   1 
ATOM   279 C  CA  . ASP A 1 253 ? 12.084  -12.217 -7.638  1.00 24.88 ? 234 ASP A CA  1 
ATOM   280 C  C   . ASP A 1 253 ? 11.929  -10.750 -7.267  1.00 18.84 ? 234 ASP A C   1 
ATOM   281 O  O   . ASP A 1 253 ? 11.512  -10.430 -6.150  1.00 23.28 ? 234 ASP A O   1 
ATOM   282 C  CB  . ASP A 1 253 ? 10.815  -13.003 -7.309  1.00 24.77 ? 234 ASP A CB  1 
ATOM   283 C  CG  . ASP A 1 253 ? 10.727  -14.314 -8.071  1.00 26.66 ? 234 ASP A CG  1 
ATOM   284 O  OD1 . ASP A 1 253 ? 11.228  -14.376 -9.212  1.00 25.49 ? 234 ASP A OD1 1 
ATOM   285 O  OD2 . ASP A 1 253 ? 10.149  -15.282 -7.532  1.00 27.47 ? 234 ASP A OD2 1 
ATOM   286 N  N   . GLU A 1 254 ? 12.256  -9.864  -8.201  1.00 15.58 ? 235 GLU A N   1 
ATOM   287 C  CA  . GLU A 1 254 ? 12.120  -8.434  -7.973  1.00 17.89 ? 235 GLU A CA  1 
ATOM   288 C  C   . GLU A 1 254 ? 10.700  -7.943  -8.208  1.00 20.25 ? 235 GLU A C   1 
ATOM   289 O  O   . GLU A 1 254 ? 10.435  -6.747  -8.054  1.00 21.20 ? 235 GLU A O   1 
ATOM   290 C  CB  . GLU A 1 254 ? 13.101  -7.659  -8.858  1.00 20.13 ? 235 GLU A CB  1 
ATOM   291 C  CG  . GLU A 1 254 ? 13.556  -6.340  -8.252  1.00 22.02 ? 235 GLU A CG  1 
ATOM   292 C  CD  . GLU A 1 254 ? 15.028  -6.065  -8.485  1.00 24.77 ? 235 GLU A CD  1 
ATOM   293 O  OE1 . GLU A 1 254 ? 15.740  -6.981  -8.943  1.00 22.54 ? 235 GLU A OE1 1 
ATOM   294 O  OE2 . GLU A 1 254 ? 15.474  -4.933  -8.207  1.00 23.46 ? 235 GLU A OE2 1 
ATOM   295 N  N   . GLU A 1 255 ? 9.788   -8.835  -8.590  1.00 21.34 ? 236 GLU A N   1 
ATOM   296 C  CA  . GLU A 1 255 ? 8.375   -8.489  -8.644  1.00 19.82 ? 236 GLU A CA  1 
ATOM   297 C  C   . GLU A 1 255 ? 7.764   -8.408  -7.254  1.00 21.84 ? 236 GLU A C   1 
ATOM   298 O  O   . GLU A 1 255 ? 6.789   -7.676  -7.053  1.00 24.12 ? 236 GLU A O   1 
ATOM   299 C  CB  . GLU A 1 255 ? 7.618   -9.513  -9.491  1.00 20.60 ? 236 GLU A CB  1 
ATOM   300 C  CG  . GLU A 1 255 ? 7.952   -9.472  -10.975 1.00 19.90 ? 236 GLU A CG  1 
ATOM   301 C  CD  . GLU A 1 255 ? 9.174   -10.303 -11.326 1.00 25.94 ? 236 GLU A CD  1 
ATOM   302 O  OE1 . GLU A 1 255 ? 9.237   -11.478 -10.911 1.00 26.16 ? 236 GLU A OE1 1 
ATOM   303 O  OE2 . GLU A 1 255 ? 10.070  -9.780  -12.021 1.00 26.45 ? 236 GLU A OE2 1 
ATOM   304 N  N   . LEU A 1 256 ? 8.315   -9.149  -6.292  1.00 15.80 ? 237 LEU A N   1 
ATOM   305 C  CA  . LEU A 1 256 ? 7.811   -9.155  -4.925  1.00 17.30 ? 237 LEU A CA  1 
ATOM   306 C  C   . LEU A 1 256 ? 8.734   -8.434  -3.949  1.00 12.91 ? 237 LEU A C   1 
ATOM   307 O  O   . LEU A 1 256 ? 8.279   -8.025  -2.874  1.00 13.37 ? 237 LEU A O   1 
ATOM   308 C  CB  . LEU A 1 256 ? 7.570   -10.600 -4.465  1.00 15.24 ? 237 LEU A CB  1 
ATOM   309 C  CG  . LEU A 1 256 ? 7.624   -10.990 -2.989  1.00 21.20 ? 237 LEU A CG  1 
ATOM   310 C  CD1 . LEU A 1 256 ? 6.350   -10.585 -2.271  1.00 15.71 ? 237 LEU A CD1 1 
ATOM   311 C  CD2 . LEU A 1 256 ? 7.851   -12.484 -2.862  1.00 21.15 ? 237 LEU A CD2 1 
ATOM   312 N  N   . ILE A 1 257 ? 10.001  -8.234  -4.314  1.00 9.59  ? 238 ILE A N   1 
ATOM   313 C  CA  . ILE A 1 257 ? 10.876  -7.382  -3.517  1.00 1.60  ? 238 ILE A CA  1 
ATOM   314 C  C   . ILE A 1 257 ? 10.254  -6.004  -3.361  1.00 17.58 ? 238 ILE A C   1 
ATOM   315 O  O   . ILE A 1 257 ? 10.137  -5.477  -2.249  1.00 19.79 ? 238 ILE A O   1 
ATOM   316 C  CB  . ILE A 1 257 ? 12.271  -7.293  -4.158  1.00 9.86  ? 238 ILE A CB  1 
ATOM   317 C  CG1 . ILE A 1 257 ? 13.110  -8.519  -3.811  1.00 15.22 ? 238 ILE A CG1 1 
ATOM   318 C  CG2 . ILE A 1 257 ? 12.982  -6.031  -3.711  1.00 5.36  ? 238 ILE A CG2 1 
ATOM   319 C  CD1 . ILE A 1 257 ? 14.433  -8.559  -4.529  1.00 14.66 ? 238 ILE A CD1 1 
ATOM   320 N  N   . LYS A 1 258 ? 9.806   -5.418  -4.474  1.00 19.29 ? 239 LYS A N   1 
ATOM   321 C  CA  . LYS A 1 258 ? 9.222   -4.081  -4.435  1.00 4.60  ? 239 LYS A CA  1 
ATOM   322 C  C   . LYS A 1 258 ? 7.811   -4.085  -3.873  1.00 3.09  ? 239 LYS A C   1 
ATOM   323 O  O   . LYS A 1 258 ? 7.391   -3.090  -3.286  1.00 13.83 ? 239 LYS A O   1 
ATOM   324 C  CB  . LYS A 1 258 ? 9.236   -3.454  -5.824  1.00 2.91  ? 239 LYS A CB  1 
ATOM   325 C  CG  . LYS A 1 258 ? 10.400  -2.503  -6.037  1.00 7.15  ? 239 LYS A CG  1 
ATOM   326 C  CD  . LYS A 1 258 ? 11.727  -3.225  -5.872  1.00 16.17 ? 239 LYS A CD  1 
ATOM   327 C  CE  . LYS A 1 258 ? 12.826  -2.576  -6.686  1.00 16.16 ? 239 LYS A CE  1 
ATOM   328 N  NZ  . LYS A 1 258 ? 14.172  -3.032  -6.246  1.00 13.64 ? 239 LYS A NZ  1 
ATOM   329 N  N   . HIS A 1 259 ? 7.075   -5.185  -4.020  1.00 0.00  ? 240 HIS A N   1 
ATOM   330 C  CA  . HIS A 1 259 ? 5.781   -5.303  -3.355  1.00 1.50  ? 240 HIS A CA  1 
ATOM   331 C  C   . HIS A 1 259 ? 5.938   -5.214  -1.841  1.00 17.90 ? 240 HIS A C   1 
ATOM   332 O  O   . HIS A 1 259 ? 5.274   -4.403  -1.175  1.00 23.07 ? 240 HIS A O   1 
ATOM   333 C  CB  . HIS A 1 259 ? 5.129   -6.624  -3.747  1.00 6.36  ? 240 HIS A CB  1 
ATOM   334 C  CG  . HIS A 1 259 ? 3.664   -6.686  -3.463  1.00 17.88 ? 240 HIS A CG  1 
ATOM   335 N  ND1 . HIS A 1 259 ? 2.911   -7.816  -3.692  1.00 22.96 ? 240 HIS A ND1 1 
ATOM   336 C  CD2 . HIS A 1 259 ? 2.810   -5.757  -2.974  1.00 19.94 ? 240 HIS A CD2 1 
ATOM   337 C  CE1 . HIS A 1 259 ? 1.657   -7.582  -3.354  1.00 24.75 ? 240 HIS A CE1 1 
ATOM   338 N  NE2 . HIS A 1 259 ? 1.568   -6.340  -2.917  1.00 30.12 ? 240 HIS A NE2 1 
ATOM   339 N  N   . ALA A 1 260 ? 6.828   -6.037  -1.281  1.00 22.52 ? 241 ALA A N   1 
ATOM   340 C  CA  . ALA A 1 260 ? 7.070   -6.013  0.156   1.00 0.39  ? 241 ALA A CA  1 
ATOM   341 C  C   . ALA A 1 260 ? 7.672   -4.688  0.593   1.00 4.93  ? 241 ALA A C   1 
ATOM   342 O  O   . ALA A 1 260 ? 7.357   -4.188  1.676   1.00 16.71 ? 241 ALA A O   1 
ATOM   343 C  CB  . ALA A 1 260 ? 7.976   -7.172  0.554   1.00 1.69  ? 241 ALA A CB  1 
ATOM   344 N  N   . SER A 1 261 ? 8.534   -4.096  -0.236  1.00 0.84  ? 242 SER A N   1 
ATOM   345 C  CA  . SER A 1 261 ? 9.102   -2.796  0.103   1.00 6.91  ? 242 SER A CA  1 
ATOM   346 C  C   . SER A 1 261 ? 8.033   -1.707  0.148   1.00 7.66  ? 242 SER A C   1 
ATOM   347 O  O   . SER A 1 261 ? 8.064   -0.840  1.027   1.00 13.32 ? 242 SER A O   1 
ATOM   348 C  CB  . SER A 1 261 ? 10.202  -2.436  -0.889  1.00 5.97  ? 242 SER A CB  1 
ATOM   349 O  OG  . SER A 1 261 ? 10.379  -1.036  -0.954  1.00 12.74 ? 242 SER A OG  1 
ATOM   350 N  N   . LEU A 1 262 ? 7.082   -1.726  -0.789  1.00 7.20  ? 243 LEU A N   1 
ATOM   351 C  CA  . LEU A 1 262 ? 5.991   -0.754  -0.754  1.00 9.94  ? 243 LEU A CA  1 
ATOM   352 C  C   . LEU A 1 262 ? 5.123   -0.942  0.480   1.00 6.65  ? 243 LEU A C   1 
ATOM   353 O  O   . LEU A 1 262 ? 4.730   0.036   1.128   1.00 11.47 ? 243 LEU A O   1 
ATOM   354 C  CB  . LEU A 1 262 ? 5.131   -0.858  -2.014  1.00 11.31 ? 243 LEU A CB  1 
ATOM   355 C  CG  . LEU A 1 262 ? 5.688   -0.339  -3.335  1.00 8.05  ? 243 LEU A CG  1 
ATOM   356 C  CD1 . LEU A 1 262 ? 4.787   -0.766  -4.468  1.00 7.92  ? 243 LEU A CD1 1 
ATOM   357 C  CD2 . LEU A 1 262 ? 5.828   1.166   -3.301  1.00 9.17  ? 243 LEU A CD2 1 
ATOM   358 N  N   . ALA A 1 263 ? 4.798   -2.192  0.815   1.00 3.59  ? 244 ALA A N   1 
ATOM   359 C  CA  . ALA A 1 263 ? 4.001   -2.426  2.015   1.00 0.00  ? 244 ALA A CA  1 
ATOM   360 C  C   . ALA A 1 263 ? 4.744   -1.968  3.263   1.00 12.25 ? 244 ALA A C   1 
ATOM   361 O  O   . ALA A 1 263 ? 4.136   -1.440  4.200   1.00 18.67 ? 244 ALA A O   1 
ATOM   362 C  CB  . ALA A 1 263 ? 3.625   -3.898  2.122   1.00 7.01  ? 244 ALA A CB  1 
ATOM   363 N  N   . ILE A 1 264 ? 6.064   -2.165  3.292   1.00 17.00 ? 245 ILE A N   1 
ATOM   364 C  CA  . ILE A 1 264 ? 6.873   -1.720  4.422   1.00 8.59  ? 245 ILE A CA  1 
ATOM   365 C  C   . ILE A 1 264 ? 6.875   -0.200  4.524   1.00 12.43 ? 245 ILE A C   1 
ATOM   366 O  O   . ILE A 1 264 ? 6.768   0.358   5.620   1.00 16.72 ? 245 ILE A O   1 
ATOM   367 C  CB  . ILE A 1 264 ? 8.298   -2.287  4.303   1.00 3.04  ? 245 ILE A CB  1 
ATOM   368 C  CG1 . ILE A 1 264 ? 8.359   -3.684  4.911   1.00 7.42  ? 245 ILE A CG1 1 
ATOM   369 C  CG2 . ILE A 1 264 ? 9.299   -1.376  4.962   1.00 9.76  ? 245 ILE A CG2 1 
ATOM   370 C  CD1 . ILE A 1 264 ? 9.710   -4.318  4.798   1.00 10.72 ? 245 ILE A CD1 1 
ATOM   371 N  N   . GLU A 1 265 ? 7.003   0.497   3.389   1.00 13.42 ? 246 GLU A N   1 
ATOM   372 C  CA  . GLU A 1 265 ? 6.940   1.956   3.411   1.00 8.33  ? 246 GLU A CA  1 
ATOM   373 C  C   . GLU A 1 265 ? 5.583   2.442   3.897   1.00 9.19  ? 246 GLU A C   1 
ATOM   374 O  O   . GLU A 1 265 ? 5.497   3.434   4.626   1.00 16.75 ? 246 GLU A O   1 
ATOM   375 C  CB  . GLU A 1 265 ? 7.233   2.541   2.031   1.00 9.55  ? 246 GLU A CB  1 
ATOM   376 C  CG  . GLU A 1 265 ? 8.613   2.250   1.488   1.00 15.62 ? 246 GLU A CG  1 
ATOM   377 C  CD  . GLU A 1 265 ? 8.830   2.840   0.107   1.00 18.73 ? 246 GLU A CD  1 
ATOM   378 O  OE1 . GLU A 1 265 ? 8.191   3.864   -0.209  1.00 17.21 ? 246 GLU A OE1 1 
ATOM   379 O  OE2 . GLU A 1 265 ? 9.637   2.280   -0.663  1.00 16.72 ? 246 GLU A OE2 1 
ATOM   380 N  N   . HIS A 1 266 ? 4.508   1.768   3.491   1.00 7.87  ? 247 HIS A N   1 
ATOM   381 C  CA  . HIS A 1 266 ? 3.179   2.178   3.932   1.00 8.76  ? 247 HIS A CA  1 
ATOM   382 C  C   . HIS A 1 266 ? 3.003   1.976   5.430   1.00 13.81 ? 247 HIS A C   1 
ATOM   383 O  O   . HIS A 1 266 ? 2.568   2.886   6.143   1.00 19.97 ? 247 HIS A O   1 
ATOM   384 C  CB  . HIS A 1 266 ? 2.105   1.409   3.168   1.00 14.40 ? 247 HIS A CB  1 
ATOM   385 C  CG  . HIS A 1 266 ? 0.785   2.111   3.119   1.00 19.68 ? 247 HIS A CG  1 
ATOM   386 N  ND1 . HIS A 1 266 ? -0.306  1.696   3.850   1.00 21.01 ? 247 HIS A ND1 1 
ATOM   387 C  CD2 . HIS A 1 266 ? 0.376   3.193   2.416   1.00 22.62 ? 247 HIS A CD2 1 
ATOM   388 C  CE1 . HIS A 1 266 ? -1.327  2.498   3.607   1.00 21.89 ? 247 HIS A CE1 1 
ATOM   389 N  NE2 . HIS A 1 266 ? -0.939  3.414   2.739   1.00 19.50 ? 247 HIS A NE2 1 
ATOM   390 N  N   . VAL A 1 267 ? 3.336   0.784   5.932   1.00 18.85 ? 248 VAL A N   1 
ATOM   391 C  CA  . VAL A 1 267 ? 3.088   0.485   7.339   1.00 18.58 ? 248 VAL A CA  1 
ATOM   392 C  C   . VAL A 1 267 ? 4.019   1.291   8.237   1.00 17.75 ? 248 VAL A C   1 
ATOM   393 O  O   . VAL A 1 267 ? 3.605   1.794   9.288   1.00 14.61 ? 248 VAL A O   1 
ATOM   394 C  CB  . VAL A 1 267 ? 3.217   -1.027  7.600   1.00 13.93 ? 248 VAL A CB  1 
ATOM   395 C  CG1 . VAL A 1 267 ? 2.919   -1.330  9.044   1.00 20.78 ? 248 VAL A CG1 1 
ATOM   396 C  CG2 . VAL A 1 267 ? 2.268   -1.800  6.713   1.00 13.55 ? 248 VAL A CG2 1 
ATOM   397 N  N   . LYS A 1 268 ? 5.286   1.431   7.840   1.00 19.97 ? 249 LYS A N   1 
ATOM   398 C  CA  . LYS A 1 268 ? 6.262   2.122   8.676   1.00 16.05 ? 249 LYS A CA  1 
ATOM   399 C  C   . LYS A 1 268 ? 5.883   3.580   8.884   1.00 16.88 ? 249 LYS A C   1 
ATOM   400 O  O   . LYS A 1 268 ? 5.810   4.061   10.020  1.00 20.04 ? 249 LYS A O   1 
ATOM   401 C  CB  . LYS A 1 268 ? 7.649   2.031   8.043   1.00 11.54 ? 249 LYS A CB  1 
ATOM   402 C  CG  . LYS A 1 268 ? 8.493   0.856   8.488   1.00 15.01 ? 249 LYS A CG  1 
ATOM   403 C  CD  . LYS A 1 268 ? 9.904   0.995   7.941   1.00 18.51 ? 249 LYS A CD  1 
ATOM   404 C  CE  . LYS A 1 268 ? 10.702  -0.284  8.099   1.00 18.23 ? 249 LYS A CE  1 
ATOM   405 N  NZ  . LYS A 1 268 ? 11.947  -0.255  7.280   1.00 13.71 ? 249 LYS A NZ  1 
ATOM   406 N  N   . MET A 1 269 ? 5.634   4.301   7.794   1.00 18.21 ? 250 MET A N   1 
ATOM   407 C  CA  . MET A 1 269 ? 5.477   5.749   7.836   1.00 25.15 ? 250 MET A CA  1 
ATOM   408 C  C   . MET A 1 269 ? 4.020   6.191   7.818   1.00 22.64 ? 250 MET A C   1 
ATOM   409 O  O   . MET A 1 269 ? 3.569   6.885   8.733   1.00 24.49 ? 250 MET A O   1 
ATOM   410 C  CB  . MET A 1 269 ? 6.226   6.381   6.657   1.00 23.35 ? 250 MET A CB  1 
ATOM   411 C  CG  . MET A 1 269 ? 7.704   6.032   6.611   1.00 24.06 ? 250 MET A CG  1 
ATOM   412 S  SD  . MET A 1 269 ? 8.327   5.770   4.941   1.00 39.18 ? 250 MET A SD  1 
ATOM   413 C  CE  . MET A 1 269 ? 9.838   4.872   5.281   1.00 18.53 ? 250 MET A CE  1 
ATOM   414 N  N   . ASP A 1 270 ? 3.273   5.793   6.798   1.00 16.88 ? 251 ASP A N   1 
ATOM   415 C  CA  . ASP A 1 270 ? 1.922   6.291   6.594   1.00 22.88 ? 251 ASP A CA  1 
ATOM   416 C  C   . ASP A 1 270 ? 0.881   5.356   7.198   1.00 26.18 ? 251 ASP A C   1 
ATOM   417 O  O   . ASP A 1 270 ? -0.222  5.204   6.673   1.00 24.36 ? 251 ASP A O   1 
ATOM   418 C  CB  . ASP A 1 270 ? 1.666   6.492   5.101   1.00 18.65 ? 251 ASP A CB  1 
ATOM   419 C  CG  . ASP A 1 270 ? 2.703   7.385   4.454   1.00 20.42 ? 251 ASP A CG  1 
ATOM   420 O  OD1 . ASP A 1 270 ? 2.710   8.595   4.755   1.00 23.37 ? 251 ASP A OD1 1 
ATOM   421 O  OD2 . ASP A 1 270 ? 3.517   6.880   3.655   1.00 16.74 ? 251 ASP A OD2 1 
ATOM   422 O  OXT . ASP A 1 270 ? 1.121   4.731   8.229   1.00 22.41 ? 251 ASP A OXT 1 
ATOM   423 N  N   . LEU B 1 216 ? -8.634  13.582  3.420   1.00 14.80 ? 197 LEU B N   1 
ATOM   424 C  CA  . LEU B 1 216 ? -8.228  12.997  2.149   1.00 17.41 ? 197 LEU B CA  1 
ATOM   425 C  C   . LEU B 1 216 ? -7.155  11.939  2.346   1.00 15.33 ? 197 LEU B C   1 
ATOM   426 O  O   . LEU B 1 216 ? -6.619  11.403  1.380   1.00 20.22 ? 197 LEU B O   1 
ATOM   427 C  CB  . LEU B 1 216 ? -7.725  14.075  1.192   1.00 17.59 ? 197 LEU B CB  1 
ATOM   428 C  CG  . LEU B 1 216 ? -8.686  15.227  0.916   1.00 17.54 ? 197 LEU B CG  1 
ATOM   429 C  CD1 . LEU B 1 216 ? -7.908  16.437  0.456   1.00 19.83 ? 197 LEU B CD1 1 
ATOM   430 C  CD2 . LEU B 1 216 ? -9.720  14.826  -0.120  1.00 11.90 ? 197 LEU B CD2 1 
ATOM   431 N  N   . LYS B 1 217 ? -6.835  11.649  3.604   1.00 18.02 ? 198 LYS B N   1 
ATOM   432 C  CA  . LYS B 1 217 ? -5.942  10.551  3.948   1.00 20.19 ? 198 LYS B CA  1 
ATOM   433 C  C   . LYS B 1 217 ? -6.686  9.262   4.243   1.00 19.46 ? 198 LYS B C   1 
ATOM   434 O  O   . LYS B 1 217 ? -6.175  8.180   3.956   1.00 18.95 ? 198 LYS B O   1 
ATOM   435 C  CB  . LYS B 1 217 ? -5.076  10.922  5.157   1.00 21.19 ? 198 LYS B CB  1 
ATOM   436 C  CG  . LYS B 1 217 ? -4.019  9.886   5.498   1.00 20.95 ? 198 LYS B CG  1 
ATOM   437 C  CD  . LYS B 1 217 ? -3.261  10.253  6.764   1.00 23.78 ? 198 LYS B CD  1 
ATOM   438 C  CE  . LYS B 1 217 ? -2.761  9.007   7.482   1.00 24.68 ? 198 LYS B CE  1 
ATOM   439 N  NZ  . LYS B 1 217 ? -3.882  8.181   8.017   1.00 23.18 ? 198 LYS B NZ  1 
ATOM   440 N  N   . GLY B 1 218 ? -7.888  9.352   4.809   1.00 20.39 ? 199 GLY B N   1 
ATOM   441 C  CA  . GLY B 1 218 ? -8.704  8.167   4.982   1.00 13.98 ? 199 GLY B CA  1 
ATOM   442 C  C   . GLY B 1 218 ? -9.317  7.681   3.688   1.00 16.41 ? 199 GLY B C   1 
ATOM   443 O  O   . GLY B 1 218 ? -9.699  6.514   3.579   1.00 18.80 ? 199 GLY B O   1 
ATOM   444 N  N   . VAL B 1 219 ? -9.421  8.561   2.691   1.00 21.71 ? 200 VAL B N   1 
ATOM   445 C  CA  . VAL B 1 219 ? -9.967  8.161   1.398   1.00 21.54 ? 200 VAL B CA  1 
ATOM   446 C  C   . VAL B 1 219 ? -8.991  7.248   0.667   1.00 21.13 ? 200 VAL B C   1 
ATOM   447 O  O   . VAL B 1 219 ? -9.397  6.281   0.011   1.00 22.17 ? 200 VAL B O   1 
ATOM   448 C  CB  . VAL B 1 219 ? -10.327 9.399   0.558   1.00 13.94 ? 200 VAL B CB  1 
ATOM   449 C  CG1 . VAL B 1 219 ? -11.205 9.000   -0.607  1.00 18.58 ? 200 VAL B CG1 1 
ATOM   450 C  CG2 . VAL B 1 219 ? -11.029 10.433  1.413   1.00 14.39 ? 200 VAL B CG2 1 
ATOM   451 N  N   . VAL B 1 220 ? -7.693  7.539   0.759   1.00 18.35 ? 201 VAL B N   1 
ATOM   452 C  CA  . VAL B 1 220 ? -6.687  6.680   0.138   1.00 14.81 ? 201 VAL B CA  1 
ATOM   453 C  C   . VAL B 1 220 ? -6.733  5.284   0.744   1.00 15.55 ? 201 VAL B C   1 
ATOM   454 O  O   . VAL B 1 220 ? -6.717  4.274   0.029   1.00 21.50 ? 201 VAL B O   1 
ATOM   455 C  CB  . VAL B 1 220 ? -5.290  7.306   0.276   1.00 14.04 ? 201 VAL B CB  1 
ATOM   456 C  CG1 . VAL B 1 220 ? -4.230  6.270   0.012   1.00 13.73 ? 201 VAL B CG1 1 
ATOM   457 C  CG2 . VAL B 1 220 ? -5.140  8.475   -0.676  1.00 12.91 ? 201 VAL B CG2 1 
ATOM   458 N  N   . ASP B 1 221 ? -6.792  5.204   2.073   1.00 18.28 ? 202 ASP B N   1 
ATOM   459 C  CA  . ASP B 1 221 ? -6.872  3.903   2.725   1.00 15.75 ? 202 ASP B CA  1 
ATOM   460 C  C   . ASP B 1 221 ? -8.196  3.213   2.438   1.00 20.44 ? 202 ASP B C   1 
ATOM   461 O  O   . ASP B 1 221 ? -8.238  1.985   2.359   1.00 23.12 ? 202 ASP B O   1 
ATOM   462 C  CB  . ASP B 1 221 ? -6.661  4.049   4.230   1.00 16.58 ? 202 ASP B CB  1 
ATOM   463 C  CG  . ASP B 1 221 ? -5.365  4.751   4.568   1.00 20.74 ? 202 ASP B CG  1 
ATOM   464 O  OD1 . ASP B 1 221 ? -4.323  4.395   3.983   1.00 24.76 ? 202 ASP B OD1 1 
ATOM   465 O  OD2 . ASP B 1 221 ? -5.386  5.653   5.429   1.00 15.20 ? 202 ASP B OD2 1 
ATOM   466 N  N   . THR B 1 222 ? -9.283  3.972   2.271   1.00 20.95 ? 203 THR B N   1 
ATOM   467 C  CA  . THR B 1 222 ? -10.559 3.364   1.901   1.00 20.26 ? 203 THR B CA  1 
ATOM   468 C  C   . THR B 1 222 ? -10.487 2.736   0.515   1.00 21.03 ? 203 THR B C   1 
ATOM   469 O  O   . THR B 1 222 ? -10.954 1.610   0.307   1.00 26.82 ? 203 THR B O   1 
ATOM   470 C  CB  . THR B 1 222 ? -11.676 4.403   1.956   1.00 17.50 ? 203 THR B CB  1 
ATOM   471 O  OG1 . THR B 1 222 ? -11.546 5.184   3.148   1.00 25.50 ? 203 THR B OG1 1 
ATOM   472 C  CG2 . THR B 1 222 ? -13.030 3.723   1.949   1.00 15.72 ? 203 THR B CG2 1 
ATOM   473 N  N   . VAL B 1 223 ? -9.900  3.448   -0.447  1.00 16.94 ? 204 VAL B N   1 
ATOM   474 C  CA  . VAL B 1 223 ? -9.766  2.898   -1.793  1.00 15.07 ? 204 VAL B CA  1 
ATOM   475 C  C   . VAL B 1 223 ? -8.853  1.678   -1.783  1.00 21.85 ? 204 VAL B C   1 
ATOM   476 O  O   . VAL B 1 223 ? -9.155  0.660   -2.415  1.00 28.15 ? 204 VAL B O   1 
ATOM   477 C  CB  . VAL B 1 223 ? -9.268  3.974   -2.773  1.00 14.96 ? 204 VAL B CB  1 
ATOM   478 C  CG1 . VAL B 1 223 ? -9.094  3.380   -4.150  1.00 16.98 ? 204 VAL B CG1 1 
ATOM   479 C  CG2 . VAL B 1 223 ? -10.250 5.124   -2.830  1.00 18.05 ? 204 VAL B CG2 1 
ATOM   480 N  N   . LEU B 1 224 ? -7.732  1.751   -1.060  1.00 16.95 ? 205 LEU B N   1 
ATOM   481 C  CA  . LEU B 1 224 ? -6.826  0.606   -0.989  1.00 14.66 ? 205 LEU B CA  1 
ATOM   482 C  C   . LEU B 1 224 ? -7.507  -0.596  -0.346  1.00 18.30 ? 205 LEU B C   1 
ATOM   483 O  O   . LEU B 1 224 ? -7.410  -1.720  -0.847  1.00 26.57 ? 205 LEU B O   1 
ATOM   484 C  CB  . LEU B 1 224 ? -5.563  0.976   -0.215  1.00 18.58 ? 205 LEU B CB  1 
ATOM   485 C  CG  . LEU B 1 224 ? -4.267  1.107   -1.009  1.00 19.72 ? 205 LEU B CG  1 
ATOM   486 C  CD1 . LEU B 1 224 ? -3.088  1.221   -0.062  1.00 23.90 ? 205 LEU B CD1 1 
ATOM   487 C  CD2 . LEU B 1 224 ? -4.089  -0.069  -1.945  1.00 18.47 ? 205 LEU B CD2 1 
ATOM   488 N  N   . LEU B 1 225 ? -8.209  -0.375  0.766   1.00 16.33 ? 206 LEU B N   1 
ATOM   489 C  CA  . LEU B 1 225 ? -8.878  -1.468  1.456   1.00 18.31 ? 206 LEU B CA  1 
ATOM   490 C  C   . LEU B 1 225 ? -9.954  -2.093  0.581   1.00 22.66 ? 206 LEU B C   1 
ATOM   491 O  O   . LEU B 1 225 ? -10.073 -3.320  0.517   1.00 25.80 ? 206 LEU B O   1 
ATOM   492 C  CB  . LEU B 1 225 ? -9.472  -0.962  2.768   1.00 15.61 ? 206 LEU B CB  1 
ATOM   493 C  CG  . LEU B 1 225 ? -10.632 -1.748  3.370   1.00 20.15 ? 206 LEU B CG  1 
ATOM   494 C  CD1 . LEU B 1 225 ? -10.120 -2.994  4.057   1.00 24.95 ? 206 LEU B CD1 1 
ATOM   495 C  CD2 . LEU B 1 225 ? -11.407 -0.880  4.344   1.00 22.68 ? 206 LEU B CD2 1 
ATOM   496 N  N   . TYR B 1 226 ? -10.741 -1.270  -0.114  1.00 24.02 ? 207 TYR B N   1 
ATOM   497 C  CA  . TYR B 1 226 ? -11.774 -1.812  -0.986  1.00 23.36 ? 207 TYR B CA  1 
ATOM   498 C  C   . TYR B 1 226 ? -11.194 -2.476  -2.226  1.00 26.15 ? 207 TYR B C   1 
ATOM   499 O  O   . TYR B 1 226 ? -11.862 -3.320  -2.829  1.00 30.39 ? 207 TYR B O   1 
ATOM   500 C  CB  . TYR B 1 226 ? -12.752 -0.710  -1.384  1.00 21.74 ? 207 TYR B CB  1 
ATOM   501 C  CG  . TYR B 1 226 ? -13.918 -0.570  -0.439  1.00 23.87 ? 207 TYR B CG  1 
ATOM   502 C  CD1 . TYR B 1 226 ? -13.842 0.258   0.669   1.00 29.68 ? 207 TYR B CD1 1 
ATOM   503 C  CD2 . TYR B 1 226 ? -15.095 -1.267  -0.652  1.00 22.28 ? 207 TYR B CD2 1 
ATOM   504 C  CE1 . TYR B 1 226 ? -14.905 0.388   1.537   1.00 29.84 ? 207 TYR B CE1 1 
ATOM   505 C  CE2 . TYR B 1 226 ? -16.164 -1.144  0.208   1.00 26.41 ? 207 TYR B CE2 1 
ATOM   506 C  CZ  . TYR B 1 226 ? -16.064 -0.315  1.301   1.00 31.24 ? 207 TYR B CZ  1 
ATOM   507 O  OH  . TYR B 1 226 ? -17.128 -0.188  2.164   1.00 30.56 ? 207 TYR B OH  1 
ATOM   508 N  N   . TYR B 1 227 ? -9.977  -2.108  -2.627  1.00 20.10 ? 208 TYR B N   1 
ATOM   509 C  CA  . TYR B 1 227 ? -9.312  -2.825  -3.709  1.00 19.73 ? 208 TYR B CA  1 
ATOM   510 C  C   . TYR B 1 227 ? -8.833  -4.193  -3.247  1.00 26.25 ? 208 TYR B C   1 
ATOM   511 O  O   . TYR B 1 227 ? -9.025  -5.198  -3.943  1.00 32.42 ? 208 TYR B O   1 
ATOM   512 C  CB  . TYR B 1 227 ? -8.139  -2.006  -4.240  1.00 19.76 ? 208 TYR B CB  1 
ATOM   513 C  CG  . TYR B 1 227 ? -7.420  -2.652  -5.398  1.00 24.96 ? 208 TYR B CG  1 
ATOM   514 C  CD1 . TYR B 1 227 ? -8.111  -3.391  -6.346  1.00 25.19 ? 208 TYR B CD1 1 
ATOM   515 C  CD2 . TYR B 1 227 ? -6.049  -2.535  -5.537  1.00 21.80 ? 208 TYR B CD2 1 
ATOM   516 C  CE1 . TYR B 1 227 ? -7.458  -3.984  -7.404  1.00 22.43 ? 208 TYR B CE1 1 
ATOM   517 C  CE2 . TYR B 1 227 ? -5.385  -3.126  -6.595  1.00 22.23 ? 208 TYR B CE2 1 
ATOM   518 C  CZ  . TYR B 1 227 ? -6.097  -3.849  -7.523  1.00 24.39 ? 208 TYR B CZ  1 
ATOM   519 O  OH  . TYR B 1 227 ? -5.442  -4.440  -8.576  1.00 25.57 ? 208 TYR B OH  1 
ATOM   520 N  N   . LEU B 1 228 ? -8.207  -4.254  -2.069  1.00 24.56 ? 209 LEU B N   1 
ATOM   521 C  CA  . LEU B 1 228 ? -7.612  -5.503  -1.602  1.00 23.78 ? 209 LEU B CA  1 
ATOM   522 C  C   . LEU B 1 228 ? -8.655  -6.564  -1.283  1.00 26.97 ? 209 LEU B C   1 
ATOM   523 O  O   . LEU B 1 228 ? -8.318  -7.751  -1.245  1.00 26.63 ? 209 LEU B O   1 
ATOM   524 C  CB  . LEU B 1 228 ? -6.729  -5.242  -0.381  1.00 19.53 ? 209 LEU B CB  1 
ATOM   525 C  CG  . LEU B 1 228 ? -5.550  -4.302  -0.635  1.00 20.59 ? 209 LEU B CG  1 
ATOM   526 C  CD1 . LEU B 1 228 ? -4.715  -4.114  0.611   1.00 19.73 ? 209 LEU B CD1 1 
ATOM   527 C  CD2 . LEU B 1 228 ? -4.698  -4.819  -1.771  1.00 22.22 ? 209 LEU B CD2 1 
ATOM   528 N  N   . LYS B 1 229 ? -9.906  -6.173  -1.058  1.00 30.91 ? 210 LYS B N   1 
ATOM   529 C  CA  . LYS B 1 229 ? -10.998 -7.119  -0.886  1.00 31.38 ? 210 LYS B CA  1 
ATOM   530 C  C   . LYS B 1 229 ? -11.666 -7.493  -2.202  1.00 31.68 ? 210 LYS B C   1 
ATOM   531 O  O   . LYS B 1 229 ? -12.646 -8.243  -2.191  1.00 35.33 ? 210 LYS B O   1 
ATOM   532 C  CB  . LYS B 1 229 ? -12.045 -6.551  0.077   1.00 30.71 ? 210 LYS B CB  1 
ATOM   533 C  CG  . LYS B 1 229 ? -11.462 -5.951  1.337   1.00 31.69 ? 210 LYS B CG  1 
ATOM   534 C  CD  . LYS B 1 229 ? -12.456 -5.034  2.021   1.00 32.71 ? 210 LYS B CD  1 
ATOM   535 C  CE  . LYS B 1 229 ? -13.591 -5.812  2.647   1.00 33.23 ? 210 LYS B CE  1 
ATOM   536 N  NZ  . LYS B 1 229 ? -14.599 -4.904  3.256   1.00 33.31 ? 210 LYS B NZ  1 
ATOM   537 N  N   . GLY B 1 230 ? -11.159 -6.995  -3.324  1.00 33.96 ? 211 GLY B N   1 
ATOM   538 C  CA  . GLY B 1 230 ? -11.728 -7.299  -4.625  1.00 37.20 ? 211 GLY B CA  1 
ATOM   539 C  C   . GLY B 1 230 ? -13.112 -6.737  -4.869  1.00 36.82 ? 211 GLY B C   1 
ATOM   540 O  O   . GLY B 1 230 ? -13.969 -7.437  -5.423  1.00 37.95 ? 211 GLY B O   1 
ATOM   541 N  N   . GLU B 1 231 ? -13.354 -5.488  -4.472  1.00 33.38 ? 212 GLU B N   1 
ATOM   542 C  CA  . GLU B 1 231 ? -14.625 -4.824  -4.732  1.00 33.95 ? 212 GLU B CA  1 
ATOM   543 C  C   . GLU B 1 231 ? -14.468 -3.599  -5.626  1.00 37.62 ? 212 GLU B C   1 
ATOM   544 O  O   . GLU B 1 231 ? -15.472 -3.047  -6.091  1.00 38.94 ? 212 GLU B O   1 
ATOM   545 C  CB  . GLU B 1 231 ? -15.305 -4.439  -3.416  1.00 35.94 ? 212 GLU B CB  1 
ATOM   546 C  CG  . GLU B 1 231 ? -15.693 -5.636  -2.571  1.00 38.02 ? 212 GLU B CG  1 
ATOM   547 C  CD  . GLU B 1 231 ? -16.462 -5.251  -1.328  1.00 42.20 ? 212 GLU B CD  1 
ATOM   548 O  OE1 . GLU B 1 231 ? -16.429 -4.063  -0.951  1.00 42.64 ? 212 GLU B OE1 1 
ATOM   549 O  OE2 . GLU B 1 231 ? -17.102 -6.138  -0.727  1.00 40.11 ? 212 GLU B OE2 1 
ATOM   550 N  N   . VAL B 1 232 ? -13.237 -3.160  -5.874  1.00 34.67 ? 213 VAL B N   1 
ATOM   551 C  CA  . VAL B 1 232 ? -12.919 -2.146  -6.864  1.00 29.80 ? 213 VAL B CA  1 
ATOM   552 C  C   . VAL B 1 232 ? -11.944 -2.766  -7.859  1.00 30.88 ? 213 VAL B C   1 
ATOM   553 O  O   . VAL B 1 232 ? -11.364 -3.821  -7.608  1.00 37.59 ? 213 VAL B O   1 
ATOM   554 C  CB  . VAL B 1 232 ? -12.335 -0.867  -6.227  1.00 27.48 ? 213 VAL B CB  1 
ATOM   555 C  CG1 . VAL B 1 232 ? -12.482 0.314   -7.153  1.00 31.01 ? 213 VAL B CG1 1 
ATOM   556 C  CG2 . VAL B 1 232 ? -13.031 -0.568  -4.924  1.00 29.52 ? 213 VAL B CG2 1 
ATOM   557 N  N   . SER B 1 233 ? -11.769 -2.108  -8.994  1.00 25.19 ? 214 SER B N   1 
ATOM   558 C  CA  . SER B 1 233 ? -10.894 -2.598  -10.045 1.00 29.95 ? 214 SER B CA  1 
ATOM   559 C  C   . SER B 1 233 ? -9.632  -1.746  -10.094 1.00 31.37 ? 214 SER B C   1 
ATOM   560 O  O   . SER B 1 233 ? -9.472  -0.785  -9.345  1.00 30.34 ? 214 SER B O   1 
ATOM   561 C  CB  . SER B 1 233 ? -11.613 -2.594  -11.395 1.00 32.13 ? 214 SER B CB  1 
ATOM   562 O  OG  . SER B 1 233 ? -12.985 -2.907  -11.236 1.00 34.94 ? 214 SER B OG  1 
ATOM   563 N  N   . LYS B 1 234 ? -8.724  -2.120  -10.986 1.00 30.15 ? 215 LYS B N   1 
ATOM   564 C  CA  . LYS B 1 234 ? -7.519  -1.341  -11.230 1.00 28.59 ? 215 LYS B CA  1 
ATOM   565 C  C   . LYS B 1 234 ? -7.792  -0.111  -12.084 1.00 30.24 ? 215 LYS B C   1 
ATOM   566 O  O   . LYS B 1 234 ? -6.852  0.598   -12.456 1.00 32.83 ? 215 LYS B O   1 
ATOM   567 C  CB  . LYS B 1 234 ? -6.459  -2.223  -11.894 1.00 27.84 ? 215 LYS B CB  1 
ATOM   568 C  CG  . LYS B 1 234 ? -5.037  -1.709  -11.776 1.00 23.73 ? 215 LYS B CG  1 
ATOM   569 C  CD  . LYS B 1 234 ? -4.071  -2.518  -12.620 1.00 25.94 ? 215 LYS B CD  1 
ATOM   570 C  CE  . LYS B 1 234 ? -4.427  -3.992  -12.623 1.00 26.99 ? 215 LYS B CE  1 
ATOM   571 N  NZ  . LYS B 1 234 ? -3.389  -4.801  -13.314 1.00 26.51 ? 215 LYS B NZ  1 
ATOM   572 N  N   . GLU B 1 235 ? -9.055  0.158   -12.402 1.00 25.59 ? 216 GLU B N   1 
ATOM   573 C  CA  . GLU B 1 235 ? -9.442  1.290   -13.230 1.00 23.89 ? 216 GLU B CA  1 
ATOM   574 C  C   . GLU B 1 235 ? -10.164 2.370   -12.442 1.00 24.74 ? 216 GLU B C   1 
ATOM   575 O  O   . GLU B 1 235 ? -9.840  3.552   -12.574 1.00 28.61 ? 216 GLU B O   1 
ATOM   576 C  CB  . GLU B 1 235 ? -10.322 0.802   -14.385 1.00 26.53 ? 216 GLU B CB  1 
ATOM   577 C  CG  . GLU B 1 235 ? -9.574  -0.054  -15.383 1.00 28.80 ? 216 GLU B CG  1 
ATOM   578 C  CD  . GLU B 1 235 ? -10.077 -1.478  -15.411 1.00 29.63 ? 216 GLU B CD  1 
ATOM   579 O  OE1 . GLU B 1 235 ? -11.296 -1.682  -15.226 1.00 27.40 ? 216 GLU B OE1 1 
ATOM   580 O  OE2 . GLU B 1 235 ? -9.255  -2.394  -15.613 1.00 31.26 ? 216 GLU B OE2 1 
ATOM   581 N  N   . ALA B 1 236 ? -11.153 1.992   -11.629 1.00 20.84 ? 217 ALA B N   1 
ATOM   582 C  CA  . ALA B 1 236 ? -11.793 2.960   -10.747 1.00 20.21 ? 217 ALA B CA  1 
ATOM   583 C  C   . ALA B 1 236 ? -10.838 3.431   -9.657  1.00 22.05 ? 217 ALA B C   1 
ATOM   584 O  O   . ALA B 1 236 ? -10.784 4.627   -9.339  1.00 21.83 ? 217 ALA B O   1 
ATOM   585 C  CB  . ALA B 1 236 ? -13.053 2.352   -10.135 1.00 16.57 ? 217 ALA B CB  1 
ATOM   586 N  N   . ALA B 1 237 ? -10.073 2.502   -9.080  1.00 21.18 ? 218 ALA B N   1 
ATOM   587 C  CA  . ALA B 1 237 ? -9.190  2.846   -7.971  1.00 18.27 ? 218 ALA B CA  1 
ATOM   588 C  C   . ALA B 1 237 ? -8.093  3.804   -8.413  1.00 18.93 ? 218 ALA B C   1 
ATOM   589 O  O   . ALA B 1 237 ? -7.808  4.789   -7.728  1.00 19.87 ? 218 ALA B O   1 
ATOM   590 C  CB  . ALA B 1 237 ? -8.588  1.580   -7.366  1.00 17.98 ? 218 ALA B CB  1 
ATOM   591 N  N   . VAL B 1 238 ? -7.467  3.536   -9.560  1.00 18.13 ? 219 VAL B N   1 
ATOM   592 C  CA  . VAL B 1 238 ? -6.419  4.433   -10.036 1.00 16.87 ? 219 VAL B CA  1 
ATOM   593 C  C   . VAL B 1 238 ? -7.000  5.794   -10.392 1.00 17.68 ? 219 VAL B C   1 
ATOM   594 O  O   . VAL B 1 238 ? -6.379  6.826   -10.132 1.00 18.87 ? 219 VAL B O   1 
ATOM   595 C  CB  . VAL B 1 238 ? -5.657  3.818   -11.221 1.00 15.91 ? 219 VAL B CB  1 
ATOM   596 C  CG1 . VAL B 1 238 ? -4.567  4.761   -11.681 1.00 14.02 ? 219 VAL B CG1 1 
ATOM   597 C  CG2 . VAL B 1 238 ? -5.039  2.510   -10.819 1.00 20.16 ? 219 VAL B CG2 1 
ATOM   598 N  N   . ALA B 1 239 ? -8.190  5.828   -10.991 1.00 16.66 ? 220 ALA B N   1 
ATOM   599 C  CA  . ALA B 1 239 ? -8.804  7.109   -11.324 1.00 13.67 ? 220 ALA B CA  1 
ATOM   600 C  C   . ALA B 1 239 ? -9.030  7.947   -10.072 1.00 18.31 ? 220 ALA B C   1 
ATOM   601 O  O   . ALA B 1 239 ? -8.657  9.129   -10.021 1.00 26.96 ? 220 ALA B O   1 
ATOM   602 C  CB  . ALA B 1 239 ? -10.120 6.883   -12.065 1.00 12.13 ? 220 ALA B CB  1 
ATOM   603 N  N   . ILE B 1 240 ? -9.613  7.340   -9.036  1.00 16.70 ? 221 ILE B N   1 
ATOM   604 C  CA  . ILE B 1 240 ? -9.869  8.082   -7.804  1.00 15.05 ? 221 ILE B CA  1 
ATOM   605 C  C   . ILE B 1 240 ? -8.560  8.507   -7.151  1.00 13.05 ? 221 ILE B C   1 
ATOM   606 O  O   . ILE B 1 240 ? -8.437  9.630   -6.646  1.00 14.42 ? 221 ILE B O   1 
ATOM   607 C  CB  . ILE B 1 240 ? -10.743 7.255   -6.846  1.00 15.57 ? 221 ILE B CB  1 
ATOM   608 C  CG1 . ILE B 1 240 ? -12.120 7.017   -7.462  1.00 14.17 ? 221 ILE B CG1 1 
ATOM   609 C  CG2 . ILE B 1 240 ? -10.900 7.972   -5.529  1.00 16.29 ? 221 ILE B CG2 1 
ATOM   610 C  CD1 . ILE B 1 240 ? -12.867 5.856   -6.861  1.00 14.49 ? 221 ILE B CD1 1 
ATOM   611 N  N   . LEU B 1 241 ? -7.552  7.631   -7.161  1.00 15.26 ? 222 LEU B N   1 
ATOM   612 C  CA  . LEU B 1 241 ? -6.298  7.959   -6.491  1.00 15.34 ? 222 LEU B CA  1 
ATOM   613 C  C   . LEU B 1 241 ? -5.512  9.031   -7.232  1.00 16.56 ? 222 LEU B C   1 
ATOM   614 O  O   . LEU B 1 241 ? -4.826  9.830   -6.593  1.00 19.40 ? 222 LEU B O   1 
ATOM   615 C  CB  . LEU B 1 241 ? -5.451  6.703   -6.299  1.00 11.87 ? 222 LEU B CB  1 
ATOM   616 C  CG  . LEU B 1 241 ? -5.999  5.721   -5.264  1.00 12.96 ? 222 LEU B CG  1 
ATOM   617 C  CD1 . LEU B 1 241 ? -5.091  4.526   -5.129  1.00 17.53 ? 222 LEU B CD1 1 
ATOM   618 C  CD2 . LEU B 1 241 ? -6.181  6.407   -3.933  1.00 14.67 ? 222 LEU B CD2 1 
ATOM   619 N  N   . GLU B 1 242 ? -5.597  9.086   -8.563  1.00 11.88 ? 223 GLU B N   1 
ATOM   620 C  CA  . GLU B 1 242 ? -4.954  10.188  -9.275  1.00 10.02 ? 223 GLU B CA  1 
ATOM   621 C  C   . GLU B 1 242 ? -5.717  11.493  -9.098  1.00 9.83  ? 223 GLU B C   1 
ATOM   622 O  O   . GLU B 1 242 ? -5.094  12.558  -9.030  1.00 9.98  ? 223 GLU B O   1 
ATOM   623 C  CB  . GLU B 1 242 ? -4.780  9.859   -10.759 1.00 9.99  ? 223 GLU B CB  1 
ATOM   624 C  CG  . GLU B 1 242 ? -4.163  8.497   -11.036 1.00 16.57 ? 223 GLU B CG  1 
ATOM   625 C  CD  . GLU B 1 242 ? -2.984  8.555   -11.987 1.00 21.43 ? 223 GLU B CD  1 
ATOM   626 O  OE1 . GLU B 1 242 ? -3.212  8.571   -13.215 1.00 21.99 ? 223 GLU B OE1 1 
ATOM   627 O  OE2 . GLU B 1 242 ? -1.831  8.574   -11.511 1.00 18.99 ? 223 GLU B OE2 1 
ATOM   628 N  N   . LYS B 1 243 ? -7.025  11.416  -8.894  1.00 10.48 ? 224 LYS B N   1 
ATOM   629 C  CA  . LYS B 1 243 ? -7.776  12.628  -8.601  1.00 8.05  ? 224 LYS B CA  1 
ATOM   630 C  C   . LYS B 1 243 ? -7.354  13.153  -7.233  1.00 15.34 ? 224 LYS B C   1 
ATOM   631 O  O   . LYS B 1 243 ? -7.172  14.357  -7.056  1.00 14.99 ? 224 LYS B O   1 
ATOM   632 C  CB  . LYS B 1 243 ? -9.276  12.355  -8.632  1.00 8.04  ? 224 LYS B CB  1 
ATOM   633 C  CG  . LYS B 1 243 ? -9.936  12.686  -9.961  1.00 15.87 ? 224 LYS B CG  1 
ATOM   634 C  CD  . LYS B 1 243 ? -9.125  12.154  -11.132 1.00 14.39 ? 224 LYS B CD  1 
ATOM   635 C  CE  . LYS B 1 243 ? -8.599  13.281  -12.005 1.00 11.04 ? 224 LYS B CE  1 
ATOM   636 N  NZ  . LYS B 1 243 ? -8.252  14.493  -11.211 1.00 11.20 ? 224 LYS B NZ  1 
ATOM   637 N  N   . ILE B 1 244 ? -7.183  12.253  -6.267  1.00 16.32 ? 225 ILE B N   1 
ATOM   638 C  CA  . ILE B 1 244 ? -6.780  12.652  -4.920  1.00 9.73  ? 225 ILE B CA  1 
ATOM   639 C  C   . ILE B 1 244 ? -5.332  13.122  -4.884  1.00 7.38  ? 225 ILE B C   1 
ATOM   640 O  O   . ILE B 1 244 ? -4.997  14.040  -4.133  1.00 16.72 ? 225 ILE B O   1 
ATOM   641 C  CB  . ILE B 1 244 ? -7.028  11.508  -3.925  1.00 9.58  ? 225 ILE B CB  1 
ATOM   642 C  CG1 . ILE B 1 244 ? -8.512  11.164  -3.890  1.00 13.86 ? 225 ILE B CG1 1 
ATOM   643 C  CG2 . ILE B 1 244 ? -6.569  11.899  -2.546  1.00 11.10 ? 225 ILE B CG2 1 
ATOM   644 C  CD1 . ILE B 1 244 ? -8.828  9.992   -3.019  1.00 18.83 ? 225 ILE B CD1 1 
ATOM   645 N  N   . LEU B 1 245 ? -4.446  12.507  -5.666  1.00 2.09  ? 226 LEU B N   1 
ATOM   646 C  CA  . LEU B 1 245 ? -3.081  13.010  -5.741  1.00 0.00  ? 226 LEU B CA  1 
ATOM   647 C  C   . LEU B 1 245 ? -3.029  14.375  -6.412  1.00 11.09 ? 226 LEU B C   1 
ATOM   648 O  O   . LEU B 1 245 ? -2.178  15.198  -6.064  1.00 17.02 ? 226 LEU B O   1 
ATOM   649 C  CB  . LEU B 1 245 ? -2.184  12.011  -6.472  1.00 3.03  ? 226 LEU B CB  1 
ATOM   650 C  CG  . LEU B 1 245 ? -0.806  12.500  -6.917  1.00 2.57  ? 226 LEU B CG  1 
ATOM   651 C  CD1 . LEU B 1 245 ? 0.044   12.844  -5.724  1.00 9.60  ? 226 LEU B CD1 1 
ATOM   652 C  CD2 . LEU B 1 245 ? -0.120  11.451  -7.760  1.00 7.48  ? 226 LEU B CD2 1 
ATOM   653 N  N   . LYS B 1 246 ? -3.925  14.643  -7.369  1.00 15.08 ? 227 LYS B N   1 
ATOM   654 C  CA  . LYS B 1 246 ? -4.038  15.994  -7.913  1.00 9.83  ? 227 LYS B CA  1 
ATOM   655 C  C   . LYS B 1 246 ? -4.464  16.986  -6.841  1.00 7.46  ? 227 LYS B C   1 
ATOM   656 O  O   . LYS B 1 246 ? -3.932  18.098  -6.768  1.00 12.60 ? 227 LYS B O   1 
ATOM   657 C  CB  . LYS B 1 246 ? -5.035  16.019  -9.069  1.00 11.13 ? 227 LYS B CB  1 
ATOM   658 C  CG  . LYS B 1 246 ? -4.420  15.841  -10.440 1.00 13.40 ? 227 LYS B CG  1 
ATOM   659 C  CD  . LYS B 1 246 ? -5.418  16.196  -11.524 1.00 12.04 ? 227 LYS B CD  1 
ATOM   660 C  CE  . LYS B 1 246 ? -5.020  17.482  -12.221 1.00 15.04 ? 227 LYS B CE  1 
ATOM   661 N  NZ  . LYS B 1 246 ? -5.450  18.685  -11.460 1.00 15.36 ? 227 LYS B NZ  1 
ATOM   662 N  N   . VAL B 1 247 ? -5.433  16.603  -6.008  1.00 6.73  ? 228 VAL B N   1 
ATOM   663 C  CA  . VAL B 1 247 ? -5.863  17.476  -4.916  1.00 10.56 ? 228 VAL B CA  1 
ATOM   664 C  C   . VAL B 1 247 ? -4.723  17.712  -3.932  1.00 7.52  ? 228 VAL B C   1 
ATOM   665 O  O   . VAL B 1 247 ? -4.513  18.835  -3.459  1.00 4.04  ? 228 VAL B O   1 
ATOM   666 C  CB  . VAL B 1 247 ? -7.097  16.887  -4.209  1.00 10.39 ? 228 VAL B CB  1 
ATOM   667 C  CG1 . VAL B 1 247 ? -7.494  17.755  -3.033  1.00 5.14  ? 228 VAL B CG1 1 
ATOM   668 C  CG2 . VAL B 1 247 ? -8.250  16.747  -5.177  1.00 9.67  ? 228 VAL B CG2 1 
ATOM   669 N  N   . ALA B 1 248 ? -3.976  16.659  -3.603  1.00 14.71 ? 229 ALA B N   1 
ATOM   670 C  CA  . ALA B 1 248 ? -2.946  16.692  -2.572  1.00 11.07 ? 229 ALA B CA  1 
ATOM   671 C  C   . ALA B 1 248 ? -1.612  17.241  -3.053  1.00 12.98 ? 229 ALA B C   1 
ATOM   672 O  O   . ALA B 1 248 ? -0.741  17.508  -2.223  1.00 18.98 ? 229 ALA B O   1 
ATOM   673 C  CB  . ALA B 1 248 ? -2.728  15.289  -2.009  1.00 7.18  ? 229 ALA B CB  1 
ATOM   674 N  N   . LYS B 1 249 ? -1.417  17.388  -4.358  1.00 15.79 ? 230 LYS B N   1 
ATOM   675 C  CA  . LYS B 1 249 ? -0.237  18.055  -4.884  1.00 15.36 ? 230 LYS B CA  1 
ATOM   676 C  C   . LYS B 1 249 ? -0.454  19.547  -5.079  1.00 14.64 ? 230 LYS B C   1 
ATOM   677 O  O   . LYS B 1 249 ? 0.523   20.297  -5.160  1.00 17.35 ? 230 LYS B O   1 
ATOM   678 C  CB  . LYS B 1 249 ? 0.180   17.420  -6.213  1.00 12.25 ? 230 LYS B CB  1 
ATOM   679 C  CG  . LYS B 1 249 ? 1.670   17.441  -6.473  1.00 11.27 ? 230 LYS B CG  1 
ATOM   680 C  CD  . LYS B 1 249 ? 2.107   16.212  -7.250  1.00 9.37  ? 230 LYS B CD  1 
ATOM   681 C  CE  . LYS B 1 249 ? 1.286   16.041  -8.511  1.00 13.54 ? 230 LYS B CE  1 
ATOM   682 N  NZ  . LYS B 1 249 ? 1.986   15.198  -9.515  1.00 15.86 ? 230 LYS B NZ  1 
ATOM   683 N  N   . ALA B 1 250 ? -1.710  19.989  -5.151  1.00 11.28 ? 231 ALA B N   1 
ATOM   684 C  CA  . ALA B 1 250 ? -2.055  21.403  -5.217  1.00 12.79 ? 231 ALA B CA  1 
ATOM   685 C  C   . ALA B 1 250 ? -2.407  21.954  -3.843  1.00 18.38 ? 231 ALA B C   1 
ATOM   686 O  O   . ALA B 1 250 ? -2.801  23.117  -3.725  1.00 21.33 ? 231 ALA B O   1 
ATOM   687 C  CB  . ALA B 1 250 ? -3.209  21.631  -6.194  1.00 12.26 ? 231 ALA B CB  1 
ATOM   688 N  N   . LEU B 1 251 ? -2.279  21.134  -2.801  1.00 21.88 ? 232 LEU B N   1 
ATOM   689 C  CA  . LEU B 1 251 ? -2.454  21.580  -1.428  1.00 22.52 ? 232 LEU B CA  1 
ATOM   690 C  C   . LEU B 1 251 ? -1.133  21.772  -0.705  1.00 21.27 ? 232 LEU B C   1 
ATOM   691 O  O   . LEU B 1 251 ? -1.093  22.507  0.285   1.00 25.13 ? 232 LEU B O   1 
ATOM   692 C  CB  . LEU B 1 251 ? -3.325  20.579  -0.648  1.00 21.48 ? 232 LEU B CB  1 
ATOM   693 C  CG  . LEU B 1 251 ? -4.305  21.065  0.425   1.00 19.51 ? 232 LEU B CG  1 
ATOM   694 C  CD1 . LEU B 1 251 ? -5.287  19.959  0.764   1.00 19.08 ? 232 LEU B CD1 1 
ATOM   695 C  CD2 . LEU B 1 251 ? -3.607  21.529  1.684   1.00 20.98 ? 232 LEU B CD2 1 
ATOM   696 N  N   . GLY B 1 252 ? -0.051  21.171  -1.190  1.00 19.04 ? 233 GLY B N   1 
ATOM   697 C  CA  . GLY B 1 252 ? 1.262   21.345  -0.616  1.00 21.28 ? 233 GLY B CA  1 
ATOM   698 C  C   . GLY B 1 252 ? 1.694   20.247  0.329   1.00 28.34 ? 233 GLY B C   1 
ATOM   699 O  O   . GLY B 1 252 ? 2.849   20.258  0.772   1.00 32.29 ? 233 GLY B O   1 
ATOM   700 N  N   . ASP B 1 253 ? 0.809   19.307  0.653   1.00 26.81 ? 234 ASP B N   1 
ATOM   701 C  CA  . ASP B 1 253 ? 1.168   18.229  1.563   1.00 25.14 ? 234 ASP B CA  1 
ATOM   702 C  C   . ASP B 1 253 ? 2.177   17.303  0.909   1.00 19.90 ? 234 ASP B C   1 
ATOM   703 O  O   . ASP B 1 253 ? 1.902   16.713  -0.137  1.00 25.57 ? 234 ASP B O   1 
ATOM   704 C  CB  . ASP B 1 253 ? -0.071  17.433  1.962   1.00 24.98 ? 234 ASP B CB  1 
ATOM   705 C  CG  . ASP B 1 253 ? -1.081  18.260  2.713   1.00 31.89 ? 234 ASP B CG  1 
ATOM   706 O  OD1 . ASP B 1 253 ? -0.677  19.024  3.615   1.00 27.14 ? 234 ASP B OD1 1 
ATOM   707 O  OD2 . ASP B 1 253 ? -2.283  18.140  2.404   1.00 33.27 ? 234 ASP B OD2 1 
ATOM   708 N  N   . GLU B 1 254 ? 3.351   17.179  1.520   1.00 18.41 ? 235 GLU B N   1 
ATOM   709 C  CA  . GLU B 1 254 ? 4.292   16.143  1.129   1.00 22.03 ? 235 GLU B CA  1 
ATOM   710 C  C   . GLU B 1 254 ? 4.054   14.844  1.883   1.00 24.60 ? 235 GLU B C   1 
ATOM   711 O  O   . GLU B 1 254 ? 4.647   13.821  1.532   1.00 26.86 ? 235 GLU B O   1 
ATOM   712 C  CB  . GLU B 1 254 ? 5.732   16.618  1.350   1.00 24.17 ? 235 GLU B CB  1 
ATOM   713 C  CG  . GLU B 1 254 ? 6.767   15.887  0.508   1.00 25.37 ? 235 GLU B CG  1 
ATOM   714 C  CD  . GLU B 1 254 ? 7.124   16.635  -0.763  1.00 29.71 ? 235 GLU B CD  1 
ATOM   715 O  OE1 . GLU B 1 254 ? 6.881   17.857  -0.824  1.00 29.01 ? 235 GLU B OE1 1 
ATOM   716 O  OE2 . GLU B 1 254 ? 7.650   16.001  -1.702  1.00 27.93 ? 235 GLU B OE2 1 
ATOM   717 N  N   . GLU B 1 255 ? 3.196   14.867  2.903   1.00 23.81 ? 236 GLU B N   1 
ATOM   718 C  CA  . GLU B 1 255 ? 2.792   13.665  3.615   1.00 23.64 ? 236 GLU B CA  1 
ATOM   719 C  C   . GLU B 1 255 ? 1.545   13.027  3.025   1.00 24.42 ? 236 GLU B C   1 
ATOM   720 O  O   . GLU B 1 255 ? 1.169   11.929  3.450   1.00 27.03 ? 236 GLU B O   1 
ATOM   721 C  CB  . GLU B 1 255 ? 2.547   13.981  5.092   1.00 23.18 ? 236 GLU B CB  1 
ATOM   722 C  CG  . GLU B 1 255 ? 3.665   14.771  5.744   1.00 21.33 ? 236 GLU B CG  1 
ATOM   723 C  CD  . GLU B 1 255 ? 3.393   16.259  5.761   1.00 28.17 ? 236 GLU B CD  1 
ATOM   724 O  OE1 . GLU B 1 255 ? 2.216   16.650  5.628   1.00 29.52 ? 236 GLU B OE1 1 
ATOM   725 O  OE2 . GLU B 1 255 ? 4.359   17.040  5.899   1.00 30.12 ? 236 GLU B OE2 1 
ATOM   726 N  N   . LEU B 1 256 ? 0.887   13.696  2.080   1.00 15.89 ? 237 LEU B N   1 
ATOM   727 C  CA  . LEU B 1 256 ? -0.205  13.109  1.318   1.00 14.89 ? 237 LEU B CA  1 
ATOM   728 C  C   . LEU B 1 256 ? 0.156   12.884  -0.141  1.00 12.35 ? 237 LEU B C   1 
ATOM   729 O  O   . LEU B 1 256 ? -0.389  11.971  -0.769  1.00 11.70 ? 237 LEU B O   1 
ATOM   730 C  CB  . LEU B 1 256 ? -1.454  13.988  1.406   1.00 15.62 ? 237 LEU B CB  1 
ATOM   731 C  CG  . LEU B 1 256 ? -2.784  13.350  0.997   1.00 19.07 ? 237 LEU B CG  1 
ATOM   732 C  CD1 . LEU B 1 256 ? -2.870  11.901  1.422   1.00 15.21 ? 237 LEU B CD1 1 
ATOM   733 C  CD2 . LEU B 1 256 ? -3.943  14.141  1.572   1.00 21.91 ? 237 LEU B CD2 1 
ATOM   734 N  N   . ILE B 1 257 ? 1.087   13.673  -0.678  1.00 15.27 ? 238 ILE B N   1 
ATOM   735 C  CA  . ILE B 1 257 ? 1.643   13.381  -1.996  1.00 7.65  ? 238 ILE B CA  1 
ATOM   736 C  C   . ILE B 1 257 ? 2.219   11.976  -2.010  1.00 17.10 ? 238 ILE B C   1 
ATOM   737 O  O   . ILE B 1 257 ? 1.905   11.168  -2.889  1.00 23.37 ? 238 ILE B O   1 
ATOM   738 C  CB  . ILE B 1 257 ? 2.711   14.424  -2.370  1.00 11.96 ? 238 ILE B CB  1 
ATOM   739 C  CG1 . ILE B 1 257 ? 2.079   15.652  -3.010  1.00 12.15 ? 238 ILE B CG1 1 
ATOM   740 C  CG2 . ILE B 1 257 ? 3.725   13.828  -3.320  1.00 12.39 ? 238 ILE B CG2 1 
ATOM   741 C  CD1 . ILE B 1 257 ? 3.057   16.784  -3.186  1.00 15.46 ? 238 ILE B CD1 1 
ATOM   742 N  N   . LYS B 1 258 ? 3.037   11.648  -1.005  1.00 17.00 ? 239 LYS B N   1 
ATOM   743 C  CA  . LYS B 1 258 ? 3.685   10.342  -0.961  1.00 9.40  ? 239 LYS B CA  1 
ATOM   744 C  C   . LYS B 1 258 ? 2.728   9.235   -0.547  1.00 7.49  ? 239 LYS B C   1 
ATOM   745 O  O   . LYS B 1 258 ? 2.885   8.097   -0.996  1.00 11.33 ? 239 LYS B O   1 
ATOM   746 C  CB  . LYS B 1 258 ? 4.893   10.381  -0.026  1.00 11.57 ? 239 LYS B CB  1 
ATOM   747 C  CG  . LYS B 1 258 ? 4.549   10.436  1.447   1.00 21.18 ? 239 LYS B CG  1 
ATOM   748 C  CD  . LYS B 1 258 ? 5.802   10.366  2.305   1.00 17.84 ? 239 LYS B CD  1 
ATOM   749 C  CE  . LYS B 1 258 ? 5.554   9.544   3.557   1.00 17.06 ? 239 LYS B CE  1 
ATOM   750 N  NZ  . LYS B 1 258 ? 5.598   8.077   3.276   1.00 10.66 ? 239 LYS B NZ  1 
ATOM   751 N  N   . HIS B 1 259 ? 1.725   9.538   0.275   1.00 3.00  ? 240 HIS B N   1 
ATOM   752 C  CA  . HIS B 1 259 ? 0.708   8.542   0.593   1.00 5.52  ? 240 HIS B CA  1 
ATOM   753 C  C   . HIS B 1 259 ? -0.060  8.127   -0.658  1.00 19.49 ? 240 HIS B C   1 
ATOM   754 O  O   . HIS B 1 259 ? -0.184  6.931   -0.965  1.00 19.39 ? 240 HIS B O   1 
ATOM   755 C  CB  . HIS B 1 259 ? -0.243  9.096   1.649   1.00 4.44  ? 240 HIS B CB  1 
ATOM   756 C  CG  . HIS B 1 259 ? -1.097  8.056   2.297   1.00 15.47 ? 240 HIS B CG  1 
ATOM   757 N  ND1 . HIS B 1 259 ? -2.103  8.371   3.185   1.00 17.07 ? 240 HIS B ND1 1 
ATOM   758 C  CD2 . HIS B 1 259 ? -1.091  6.707   2.197   1.00 20.79 ? 240 HIS B CD2 1 
ATOM   759 C  CE1 . HIS B 1 259 ? -2.683  7.259   3.601   1.00 21.77 ? 240 HIS B CE1 1 
ATOM   760 N  NE2 . HIS B 1 259 ? -2.087  6.236   3.018   1.00 26.61 ? 240 HIS B NE2 1 
ATOM   761 N  N   . ALA B 1 260 ? -0.579  9.111   -1.399  1.00 24.29 ? 241 ALA B N   1 
ATOM   762 C  CA  . ALA B 1 260 ? -1.285  8.815   -2.638  1.00 3.75  ? 241 ALA B CA  1 
ATOM   763 C  C   . ALA B 1 260 ? -0.363  8.191   -3.671  1.00 3.71  ? 241 ALA B C   1 
ATOM   764 O  O   . ALA B 1 260 ? -0.801  7.346   -4.452  1.00 15.59 ? 241 ALA B O   1 
ATOM   765 C  CB  . ALA B 1 260 ? -1.928  10.080  -3.191  1.00 5.56  ? 241 ALA B CB  1 
ATOM   766 N  N   . SER B 1 261 ? 0.915   8.574   -3.688  1.00 1.17  ? 242 SER B N   1 
ATOM   767 C  CA  . SER B 1 261 ? 1.857   7.960   -4.615  1.00 5.82  ? 242 SER B CA  1 
ATOM   768 C  C   . SER B 1 261 ? 2.074   6.482   -4.299  1.00 8.03  ? 242 SER B C   1 
ATOM   769 O  O   . SER B 1 261 ? 2.130   5.651   -5.212  1.00 14.67 ? 242 SER B O   1 
ATOM   770 C  CB  . SER B 1 261 ? 3.180   8.715   -4.586  1.00 9.14  ? 242 SER B CB  1 
ATOM   771 O  OG  . SER B 1 261 ? 3.076   9.941   -5.283  1.00 10.23 ? 242 SER B OG  1 
ATOM   772 N  N   . LEU B 1 262 ? 2.213   6.134   -3.017  1.00 13.87 ? 243 LEU B N   1 
ATOM   773 C  CA  . LEU B 1 262 ? 2.357   4.726   -2.653  1.00 12.49 ? 243 LEU B CA  1 
ATOM   774 C  C   . LEU B 1 262 ? 1.108   3.938   -3.009  1.00 9.99  ? 243 LEU B C   1 
ATOM   775 O  O   . LEU B 1 262 ? 1.198   2.819   -3.528  1.00 18.08 ? 243 LEU B O   1 
ATOM   776 C  CB  . LEU B 1 262 ? 2.659   4.581   -1.162  1.00 17.58 ? 243 LEU B CB  1 
ATOM   777 C  CG  . LEU B 1 262 ? 4.003   5.088   -0.646  1.00 16.28 ? 243 LEU B CG  1 
ATOM   778 C  CD1 . LEU B 1 262 ? 3.918   5.365   0.840   1.00 6.77  ? 243 LEU B CD1 1 
ATOM   779 C  CD2 . LEU B 1 262 ? 5.094   4.092   -0.955  1.00 13.37 ? 243 LEU B CD2 1 
ATOM   780 N  N   . ALA B 1 263 ? -0.070  4.498   -2.728  1.00 5.28  ? 244 ALA B N   1 
ATOM   781 C  CA  . ALA B 1 263 ? -1.299  3.794   -3.078  1.00 5.84  ? 244 ALA B CA  1 
ATOM   782 C  C   . ALA B 1 263 ? -1.418  3.612   -4.586  1.00 13.72 ? 244 ALA B C   1 
ATOM   783 O  O   . ALA B 1 263 ? -1.856  2.557   -5.059  1.00 17.99 ? 244 ALA B O   1 
ATOM   784 C  CB  . ALA B 1 263 ? -2.508  4.540   -2.527  1.00 10.83 ? 244 ALA B CB  1 
ATOM   785 N  N   . ILE B 1 264 ? -1.024  4.627   -5.357  1.00 16.48 ? 245 ILE B N   1 
ATOM   786 C  CA  . ILE B 1 264 ? -1.073  4.540   -6.813  1.00 4.74  ? 245 ILE B CA  1 
ATOM   787 C  C   . ILE B 1 264 ? -0.115  3.472   -7.322  1.00 13.34 ? 245 ILE B C   1 
ATOM   788 O  O   . ILE B 1 264 ? -0.456  2.703   -8.224  1.00 22.96 ? 245 ILE B O   1 
ATOM   789 C  CB  . ILE B 1 264 ? -0.773  5.913   -7.437  1.00 8.86  ? 245 ILE B CB  1 
ATOM   790 C  CG1 . ILE B 1 264 ? -2.034  6.770   -7.468  1.00 12.39 ? 245 ILE B CG1 1 
ATOM   791 C  CG2 . ILE B 1 264 ? -0.202  5.760   -8.827  1.00 12.79 ? 245 ILE B CG2 1 
ATOM   792 C  CD1 . ILE B 1 264 ? -1.763  8.218   -7.755  1.00 9.14  ? 245 ILE B CD1 1 
ATOM   793 N  N   . GLU B 1 265 ? 1.102   3.414   -6.771  1.00 17.23 ? 246 GLU B N   1 
ATOM   794 C  CA  . GLU B 1 265 ? 2.037   2.369   -7.185  1.00 13.19 ? 246 GLU B CA  1 
ATOM   795 C  C   . GLU B 1 265 ? 1.508   0.987   -6.843  1.00 11.49 ? 246 GLU B C   1 
ATOM   796 O  O   . GLU B 1 265 ? 1.666   0.046   -7.627  1.00 21.50 ? 246 GLU B O   1 
ATOM   797 C  CB  . GLU B 1 265 ? 3.407   2.569   -6.546  1.00 8.45  ? 246 GLU B CB  1 
ATOM   798 C  CG  . GLU B 1 265 ? 4.164   3.779   -7.031  1.00 16.30 ? 246 GLU B CG  1 
ATOM   799 C  CD  . GLU B 1 265 ? 5.522   3.912   -6.368  1.00 21.16 ? 246 GLU B CD  1 
ATOM   800 O  OE1 . GLU B 1 265 ? 6.402   3.074   -6.650  1.00 18.01 ? 246 GLU B OE1 1 
ATOM   801 O  OE2 . GLU B 1 265 ? 5.709   4.850   -5.563  1.00 20.28 ? 246 GLU B OE2 1 
ATOM   802 N  N   . HIS B 1 266 ? 0.894   0.834   -5.669  1.00 5.86  ? 247 HIS B N   1 
ATOM   803 C  CA  . HIS B 1 266 ? 0.350   -0.468  -5.300  1.00 9.15  ? 247 HIS B CA  1 
ATOM   804 C  C   . HIS B 1 266 ? -0.768  -0.888  -6.244  1.00 16.34 ? 247 HIS B C   1 
ATOM   805 O  O   . HIS B 1 266 ? -0.796  -2.027  -6.720  1.00 20.16 ? 247 HIS B O   1 
ATOM   806 C  CB  . HIS B 1 266 ? -0.154  -0.448  -3.860  1.00 14.13 ? 247 HIS B CB  1 
ATOM   807 C  CG  . HIS B 1 266 ? -0.209  -1.803  -3.228  1.00 23.12 ? 247 HIS B CG  1 
ATOM   808 N  ND1 . HIS B 1 266 ? -1.393  -2.413  -2.877  1.00 24.73 ? 247 HIS B ND1 1 
ATOM   809 C  CD2 . HIS B 1 266 ? 0.775   -2.662  -2.873  1.00 23.32 ? 247 HIS B CD2 1 
ATOM   810 C  CE1 . HIS B 1 266 ? -1.137  -3.593  -2.342  1.00 23.16 ? 247 HIS B CE1 1 
ATOM   811 N  NE2 . HIS B 1 266 ? 0.172   -3.767  -2.326  1.00 18.01 ? 247 HIS B NE2 1 
ATOM   812 N  N   . VAL B 1 267 ? -1.704  0.021   -6.528  1.00 21.84 ? 248 VAL B N   1 
ATOM   813 C  CA  . VAL B 1 267 ? -2.848  -0.342  -7.362  1.00 18.86 ? 248 VAL B CA  1 
ATOM   814 C  C   . VAL B 1 267 ? -2.417  -0.553  -8.809  1.00 18.72 ? 248 VAL B C   1 
ATOM   815 O  O   . VAL B 1 267 ? -2.880  -1.485  -9.476  1.00 21.22 ? 248 VAL B O   1 
ATOM   816 C  CB  . VAL B 1 267 ? -3.961  0.714   -7.247  1.00 11.13 ? 248 VAL B CB  1 
ATOM   817 C  CG1 . VAL B 1 267 ? -5.141  0.311   -8.085  1.00 21.83 ? 248 VAL B CG1 1 
ATOM   818 C  CG2 . VAL B 1 267 ? -4.396  0.863   -5.809  1.00 13.90 ? 248 VAL B CG2 1 
ATOM   819 N  N   . LYS B 1 268 ? -1.516  0.293   -9.311  1.00 16.96 ? 249 LYS B N   1 
ATOM   820 C  CA  . LYS B 1 268 ? -1.106  0.228   -10.710 1.00 14.54 ? 249 LYS B CA  1 
ATOM   821 C  C   . LYS B 1 268 ? -0.489  -1.122  -11.043 1.00 19.57 ? 249 LYS B C   1 
ATOM   822 O  O   . LYS B 1 268 ? -1.032  -1.892  -11.841 1.00 27.12 ? 249 LYS B O   1 
ATOM   823 C  CB  . LYS B 1 268 ? -0.109  1.347   -11.017 1.00 14.36 ? 249 LYS B CB  1 
ATOM   824 C  CG  . LYS B 1 268 ? -0.724  2.661   -11.451 1.00 22.39 ? 249 LYS B CG  1 
ATOM   825 C  CD  . LYS B 1 268 ? 0.363   3.670   -11.782 1.00 22.07 ? 249 LYS B CD  1 
ATOM   826 C  CE  . LYS B 1 268 ? -0.012  4.521   -12.980 1.00 21.83 ? 249 LYS B CE  1 
ATOM   827 N  NZ  . LYS B 1 268 ? -0.632  5.809   -12.572 1.00 16.61 ? 249 LYS B NZ  1 
ATOM   828 N  N   . MET B 1 269 ? 0.654   -1.426  -10.433 1.00 19.91 ? 250 MET B N   1 
ATOM   829 C  CA  . MET B 1 269 ? 1.430   -2.598  -10.817 1.00 23.89 ? 250 MET B CA  1 
ATOM   830 C  C   . MET B 1 269 ? 1.089   -3.811  -9.959  1.00 22.55 ? 250 MET B C   1 
ATOM   831 O  O   . MET B 1 269 ? 0.641   -4.841  -10.472 1.00 21.82 ? 250 MET B O   1 
ATOM   832 C  CB  . MET B 1 269 ? 2.926   -2.276  -10.725 1.00 24.05 ? 250 MET B CB  1 
ATOM   833 C  CG  . MET B 1 269 ? 3.234   -0.788  -10.776 1.00 25.61 ? 250 MET B CG  1 
ATOM   834 S  SD  . MET B 1 269 ? 4.991   -0.435  -10.966 1.00 39.21 ? 250 MET B SD  1 
ATOM   835 C  CE  . MET B 1 269 ? 4.959   1.347   -11.148 1.00 21.03 ? 250 MET B CE  1 
ATOM   836 N  N   . ASP B 1 270 ? 1.285   -3.694  -8.652  1.00 24.18 ? 251 ASP B N   1 
ATOM   837 C  CA  . ASP B 1 270 ? 1.146   -4.821  -7.743  1.00 28.57 ? 251 ASP B CA  1 
ATOM   838 C  C   . ASP B 1 270 ? -0.305  -5.029  -7.310  1.00 32.26 ? 251 ASP B C   1 
ATOM   839 O  O   . ASP B 1 270 ? -0.587  -5.598  -6.256  1.00 28.89 ? 251 ASP B O   1 
ATOM   840 C  CB  . ASP B 1 270 ? 2.051   -4.613  -6.530  1.00 21.41 ? 251 ASP B CB  1 
ATOM   841 C  CG  . ASP B 1 270 ? 3.417   -4.079  -6.914  1.00 20.49 ? 251 ASP B CG  1 
ATOM   842 O  OD1 . ASP B 1 270 ? 4.187   -4.826  -7.549  1.00 21.28 ? 251 ASP B OD1 1 
ATOM   843 O  OD2 . ASP B 1 270 ? 3.723   -2.916  -6.592  1.00 15.77 ? 251 ASP B OD2 1 
ATOM   844 O  OXT . ASP B 1 270 ? -1.234  -4.632  -8.010  1.00 25.76 ? 251 ASP B OXT 1 
HETATM 845 ZN ZN  . ZN  C 2 .   ? -0.426  -5.722  -2.910  1.00 65.43 ? 301 ZN  A ZN  1 
HETATM 846 ZN ZN  . ZN  D 2 .   ? -2.332  4.504   4.188   1.00 59.40 ? 301 ZN  B ZN  1 
# 
